data_1WJ3
#
_entry.id   1WJ3
#
_entity_poly.entity_id   1
_entity_poly.type   'polypeptide(L)'
_entity_poly.pdbx_seq_one_letter_code
;GSSGSSGTVNVTTKKTPPSQPPGNVVWNATDTKVLLNWEQVKAMENESEVTGYKVFYRTSSQNNVQVLNTNKTSAELVLP
IKEDYIIEVKATTDGGDGTSSEQIRIPRITSSGPSSG
;
_entity_poly.pdbx_strand_id   A
#
# COMPACT_ATOMS: atom_id res chain seq x y z
N GLY A 1 -6.78 33.17 -13.05
CA GLY A 1 -5.79 33.21 -14.12
C GLY A 1 -6.31 32.51 -15.37
N SER A 2 -5.42 31.76 -16.01
CA SER A 2 -5.77 31.04 -17.21
C SER A 2 -4.85 29.82 -17.38
N SER A 3 -5.25 28.93 -18.27
CA SER A 3 -4.48 27.73 -18.54
C SER A 3 -4.49 27.42 -20.03
N GLY A 4 -3.57 26.54 -20.43
CA GLY A 4 -3.46 26.16 -21.82
C GLY A 4 -2.94 24.74 -21.96
N SER A 5 -2.75 24.32 -23.21
CA SER A 5 -2.26 22.98 -23.48
C SER A 5 -2.01 22.82 -24.98
N SER A 6 -0.96 22.05 -25.29
CA SER A 6 -0.60 21.81 -26.68
C SER A 6 0.04 20.42 -26.82
N GLY A 7 1.15 20.25 -26.13
CA GLY A 7 1.86 18.98 -26.16
C GLY A 7 3.25 19.15 -26.81
N THR A 8 4.20 18.40 -26.28
CA THR A 8 5.56 18.46 -26.80
C THR A 8 6.30 17.16 -26.47
N VAL A 9 6.93 16.60 -27.50
CA VAL A 9 7.68 15.36 -27.33
C VAL A 9 8.55 15.46 -26.08
N ASN A 10 9.04 14.31 -25.65
CA ASN A 10 9.90 14.25 -24.48
C ASN A 10 10.68 12.94 -24.48
N VAL A 11 11.58 12.83 -23.52
CA VAL A 11 12.41 11.63 -23.40
C VAL A 11 12.12 10.94 -22.07
N THR A 12 12.68 9.75 -21.91
CA THR A 12 12.49 8.99 -20.69
C THR A 12 13.78 8.95 -19.88
N THR A 13 13.64 8.68 -18.60
CA THR A 13 14.79 8.61 -17.71
C THR A 13 14.51 7.66 -16.55
N LYS A 14 15.54 6.93 -16.15
CA LYS A 14 15.42 5.99 -15.05
C LYS A 14 14.37 4.93 -15.41
N LYS A 15 14.38 3.85 -14.65
CA LYS A 15 13.43 2.77 -14.88
C LYS A 15 12.03 3.23 -14.48
N THR A 16 11.09 2.30 -14.56
CA THR A 16 9.72 2.60 -14.21
C THR A 16 9.14 1.50 -13.31
N PRO A 17 8.15 1.90 -12.47
CA PRO A 17 7.50 0.95 -11.57
C PRO A 17 6.56 0.02 -12.32
N PRO A 18 6.07 -1.02 -11.59
CA PRO A 18 5.16 -1.99 -12.17
C PRO A 18 3.76 -1.40 -12.33
N SER A 19 3.39 -0.59 -11.35
CA SER A 19 2.07 0.04 -11.36
C SER A 19 1.02 -0.92 -10.82
N GLN A 20 1.46 -2.15 -10.57
CA GLN A 20 0.57 -3.17 -10.05
C GLN A 20 0.50 -3.09 -8.52
N PRO A 21 -0.73 -2.81 -8.02
CA PRO A 21 -0.95 -2.71 -6.59
C PRO A 21 -0.94 -4.09 -5.92
N PRO A 22 -0.63 -4.10 -4.60
CA PRO A 22 -0.58 -5.34 -3.85
C PRO A 22 -1.99 -5.85 -3.55
N GLY A 23 -2.23 -7.10 -3.92
CA GLY A 23 -3.53 -7.70 -3.70
C GLY A 23 -3.55 -8.49 -2.39
N ASN A 24 -4.69 -9.10 -2.11
CA ASN A 24 -4.85 -9.89 -0.90
C ASN A 24 -4.51 -9.02 0.31
N VAL A 25 -4.68 -7.72 0.14
CA VAL A 25 -4.39 -6.76 1.19
C VAL A 25 -5.35 -7.01 2.37
N VAL A 26 -4.88 -7.83 3.30
CA VAL A 26 -5.68 -8.16 4.47
C VAL A 26 -5.10 -7.45 5.69
N TRP A 27 -5.94 -7.31 6.71
CA TRP A 27 -5.53 -6.65 7.94
C TRP A 27 -6.04 -7.48 9.12
N ASN A 28 -5.71 -7.01 10.31
CA ASN A 28 -6.13 -7.70 11.52
C ASN A 28 -5.89 -6.79 12.73
N ALA A 29 -6.54 -7.13 13.82
CA ALA A 29 -6.42 -6.36 15.05
C ALA A 29 -6.29 -7.31 16.25
N THR A 30 -5.17 -7.20 16.94
CA THR A 30 -4.92 -8.03 18.10
C THR A 30 -4.17 -7.25 19.17
N ASP A 31 -4.26 -7.74 20.39
CA ASP A 31 -3.60 -7.10 21.52
C ASP A 31 -3.88 -5.59 21.47
N THR A 32 -2.95 -4.88 20.86
CA THR A 32 -3.07 -3.43 20.74
C THR A 32 -2.30 -2.94 19.52
N LYS A 33 -2.44 -3.67 18.43
CA LYS A 33 -1.77 -3.32 17.19
C LYS A 33 -2.61 -3.78 16.00
N VAL A 34 -2.16 -3.40 14.81
CA VAL A 34 -2.87 -3.77 13.60
C VAL A 34 -1.91 -4.51 12.66
N LEU A 35 -2.10 -5.82 12.57
CA LEU A 35 -1.27 -6.64 11.73
C LEU A 35 -1.77 -6.57 10.29
N LEU A 36 -1.00 -5.89 9.45
CA LEU A 36 -1.36 -5.73 8.05
C LEU A 36 -0.63 -6.79 7.22
N ASN A 37 -1.27 -7.20 6.14
CA ASN A 37 -0.70 -8.20 5.25
C ASN A 37 -1.24 -8.00 3.84
N TRP A 38 -0.36 -8.16 2.87
CA TRP A 38 -0.74 -8.00 1.48
C TRP A 38 0.25 -8.80 0.62
N GLU A 39 -0.23 -9.22 -0.53
CA GLU A 39 0.60 -9.99 -1.45
C GLU A 39 1.81 -9.16 -1.90
N GLN A 40 2.63 -9.77 -2.74
CA GLN A 40 3.81 -9.10 -3.25
C GLN A 40 3.58 -8.66 -4.70
N VAL A 41 4.41 -7.71 -5.13
CA VAL A 41 4.31 -7.19 -6.47
C VAL A 41 5.65 -7.38 -7.19
N LYS A 42 5.58 -8.08 -8.32
CA LYS A 42 6.78 -8.35 -9.10
C LYS A 42 6.65 -7.65 -10.45
N ALA A 43 7.60 -6.76 -10.71
CA ALA A 43 7.62 -6.01 -11.97
C ALA A 43 8.13 -6.92 -13.09
N MET A 44 7.60 -6.69 -14.27
CA MET A 44 8.00 -7.48 -15.44
C MET A 44 9.40 -7.08 -15.91
N GLU A 45 9.77 -7.61 -17.07
CA GLU A 45 11.07 -7.33 -17.64
C GLU A 45 11.25 -5.83 -17.85
N ASN A 46 12.40 -5.33 -17.44
CA ASN A 46 12.70 -3.91 -17.58
C ASN A 46 12.12 -3.16 -16.37
N GLU A 47 10.88 -3.47 -16.06
CA GLU A 47 10.20 -2.82 -14.94
C GLU A 47 11.04 -2.95 -13.68
N SER A 48 10.83 -2.02 -12.76
CA SER A 48 11.56 -2.00 -11.51
C SER A 48 10.85 -2.89 -10.48
N GLU A 49 11.63 -3.75 -9.85
CA GLU A 49 11.10 -4.66 -8.85
C GLU A 49 10.71 -3.89 -7.58
N VAL A 50 9.90 -4.54 -6.77
CA VAL A 50 9.44 -3.93 -5.53
C VAL A 50 10.42 -4.28 -4.40
N THR A 51 11.02 -3.25 -3.85
CA THR A 51 11.98 -3.44 -2.77
C THR A 51 11.33 -3.10 -1.42
N GLY A 52 10.12 -2.58 -1.50
CA GLY A 52 9.38 -2.21 -0.30
C GLY A 52 7.99 -1.64 -0.65
N TYR A 53 7.28 -1.24 0.38
CA TYR A 53 5.95 -0.68 0.19
C TYR A 53 5.68 0.44 1.18
N LYS A 54 4.69 1.26 0.85
CA LYS A 54 4.33 2.39 1.70
C LYS A 54 2.92 2.17 2.25
N VAL A 55 2.84 2.05 3.56
CA VAL A 55 1.56 1.85 4.22
C VAL A 55 0.94 3.21 4.55
N PHE A 56 -0.02 3.61 3.72
CA PHE A 56 -0.69 4.87 3.92
C PHE A 56 -1.91 4.71 4.81
N TYR A 57 -1.74 5.07 6.08
CA TYR A 57 -2.82 4.97 7.04
C TYR A 57 -3.33 6.35 7.45
N ARG A 58 -4.64 6.47 7.51
CA ARG A 58 -5.27 7.73 7.88
C ARG A 58 -6.67 7.48 8.45
N THR A 59 -7.06 8.36 9.37
CA THR A 59 -8.37 8.24 9.99
C THR A 59 -9.48 8.39 8.95
N SER A 60 -10.70 8.12 9.39
CA SER A 60 -11.86 8.21 8.52
C SER A 60 -11.77 9.49 7.69
N SER A 61 -11.09 10.49 8.24
CA SER A 61 -10.93 11.76 7.56
C SER A 61 -9.45 12.08 7.39
N GLN A 62 -8.86 12.60 8.46
CA GLN A 62 -7.44 12.95 8.42
C GLN A 62 -7.18 13.99 7.34
N ASN A 63 -6.18 14.83 7.60
CA ASN A 63 -5.82 15.86 6.66
C ASN A 63 -4.80 15.31 5.66
N ASN A 64 -3.66 14.88 6.19
CA ASN A 64 -2.61 14.33 5.36
C ASN A 64 -2.23 12.95 5.88
N VAL A 65 -2.49 11.95 5.07
CA VAL A 65 -2.19 10.58 5.43
C VAL A 65 -0.68 10.42 5.63
N GLN A 66 -0.31 9.50 6.50
CA GLN A 66 1.10 9.26 6.79
C GLN A 66 1.60 8.05 5.99
N VAL A 67 2.92 7.95 5.90
CA VAL A 67 3.53 6.86 5.18
C VAL A 67 4.45 6.08 6.11
N LEU A 68 4.37 4.76 6.02
CA LEU A 68 5.18 3.90 6.86
C LEU A 68 6.06 3.01 5.96
N ASN A 69 7.34 2.97 6.31
CA ASN A 69 8.29 2.19 5.55
C ASN A 69 8.22 0.72 6.01
N THR A 70 8.16 -0.17 5.03
CA THR A 70 8.09 -1.59 5.33
C THR A 70 8.83 -2.39 4.26
N ASN A 71 9.89 -3.05 4.69
CA ASN A 71 10.69 -3.85 3.79
C ASN A 71 10.15 -5.29 3.77
N LYS A 72 8.83 -5.39 3.72
CA LYS A 72 8.18 -6.68 3.70
C LYS A 72 6.77 -6.52 3.11
N THR A 73 6.06 -7.65 3.08
CA THR A 73 4.70 -7.65 2.54
C THR A 73 3.68 -7.46 3.67
N SER A 74 4.21 -7.21 4.87
CA SER A 74 3.36 -7.00 6.03
C SER A 74 3.71 -5.67 6.71
N ALA A 75 2.97 -5.38 7.76
CA ALA A 75 3.20 -4.15 8.50
C ALA A 75 2.44 -4.22 9.84
N GLU A 76 2.73 -3.25 10.69
CA GLU A 76 2.09 -3.19 11.99
C GLU A 76 1.82 -1.73 12.39
N LEU A 77 0.54 -1.41 12.53
CA LEU A 77 0.14 -0.07 12.90
C LEU A 77 -0.45 -0.08 14.31
N VAL A 78 -0.89 1.08 14.75
CA VAL A 78 -1.48 1.21 16.07
C VAL A 78 -3.00 1.14 15.96
N LEU A 79 -3.63 0.74 17.06
CA LEU A 79 -5.08 0.63 17.09
C LEU A 79 -5.70 1.96 16.67
N PRO A 80 -6.86 1.85 15.98
CA PRO A 80 -7.57 3.03 15.51
C PRO A 80 -8.28 3.74 16.67
N ILE A 81 -7.93 5.01 16.83
CA ILE A 81 -8.52 5.81 17.89
C ILE A 81 -9.76 6.53 17.36
N LYS A 82 -10.88 5.83 17.39
CA LYS A 82 -12.13 6.39 16.90
C LYS A 82 -12.02 6.66 15.39
N GLU A 83 -13.18 6.70 14.75
CA GLU A 83 -13.22 6.94 13.32
C GLU A 83 -12.52 5.80 12.56
N ASP A 84 -13.16 5.38 11.48
CA ASP A 84 -12.61 4.30 10.67
C ASP A 84 -11.17 4.66 10.27
N TYR A 85 -10.49 3.66 9.74
CA TYR A 85 -9.11 3.84 9.32
C TYR A 85 -8.94 3.46 7.84
N ILE A 86 -8.47 4.44 7.07
CA ILE A 86 -8.25 4.22 5.65
C ILE A 86 -6.77 3.91 5.40
N ILE A 87 -6.49 2.62 5.24
CA ILE A 87 -5.13 2.18 5.00
C ILE A 87 -4.94 1.93 3.50
N GLU A 88 -3.79 2.35 3.01
CA GLU A 88 -3.47 2.19 1.60
C GLU A 88 -2.04 1.65 1.44
N VAL A 89 -1.93 0.55 0.72
CA VAL A 89 -0.64 -0.07 0.48
C VAL A 89 -0.10 0.37 -0.88
N LYS A 90 1.13 0.85 -0.88
CA LYS A 90 1.77 1.30 -2.10
C LYS A 90 3.09 0.57 -2.28
N ALA A 91 3.32 0.12 -3.52
CA ALA A 91 4.54 -0.59 -3.84
C ALA A 91 5.55 0.38 -4.44
N THR A 92 6.66 0.54 -3.72
CA THR A 92 7.71 1.43 -4.17
C THR A 92 8.90 0.64 -4.72
N THR A 93 9.67 1.29 -5.57
CA THR A 93 10.84 0.66 -6.17
C THR A 93 12.02 1.63 -6.18
N ASP A 94 13.08 1.21 -6.85
CA ASP A 94 14.28 2.02 -6.95
C ASP A 94 13.96 3.30 -7.73
N GLY A 95 12.80 3.29 -8.38
CA GLY A 95 12.37 4.44 -9.16
C GLY A 95 11.51 5.38 -8.32
N GLY A 96 10.72 4.79 -7.44
CA GLY A 96 9.84 5.56 -6.57
C GLY A 96 8.62 4.73 -6.15
N ASP A 97 7.60 5.45 -5.71
CA ASP A 97 6.37 4.79 -5.27
C ASP A 97 5.72 4.09 -6.47
N GLY A 98 4.58 3.47 -6.19
CA GLY A 98 3.85 2.76 -7.23
C GLY A 98 2.35 3.07 -7.16
N THR A 99 1.56 2.01 -7.14
CA THR A 99 0.12 2.16 -7.08
C THR A 99 -0.39 1.82 -5.69
N SER A 100 -1.52 2.41 -5.34
CA SER A 100 -2.13 2.18 -4.03
C SER A 100 -3.29 1.19 -4.18
N SER A 101 -3.22 0.12 -3.40
CA SER A 101 -4.25 -0.90 -3.42
C SER A 101 -5.60 -0.28 -3.04
N GLU A 102 -6.50 -1.14 -2.59
CA GLU A 102 -7.83 -0.70 -2.19
C GLU A 102 -7.82 -0.29 -0.71
N GLN A 103 -8.20 0.96 -0.48
CA GLN A 103 -8.24 1.48 0.88
C GLN A 103 -8.89 0.47 1.82
N ILE A 104 -8.26 0.30 2.98
CA ILE A 104 -8.77 -0.63 3.97
C ILE A 104 -9.70 0.11 4.93
N ARG A 105 -10.73 -0.60 5.37
CA ARG A 105 -11.70 -0.02 6.29
C ARG A 105 -11.63 -0.74 7.63
N ILE A 106 -11.01 -0.06 8.60
CA ILE A 106 -10.88 -0.62 9.93
C ILE A 106 -11.74 0.19 10.91
N PRO A 107 -12.81 -0.48 11.42
CA PRO A 107 -13.73 0.17 12.36
C PRO A 107 -13.09 0.27 13.75
N ARG A 108 -13.38 1.38 14.40
CA ARG A 108 -12.84 1.62 15.73
C ARG A 108 -13.10 0.42 16.64
N ILE A 109 -12.69 0.56 17.89
CA ILE A 109 -12.86 -0.51 18.85
C ILE A 109 -14.34 -0.58 19.27
N THR A 110 -14.88 -1.79 19.21
CA THR A 110 -16.27 -2.01 19.57
C THR A 110 -16.60 -1.32 20.89
N SER A 111 -17.88 -1.27 21.20
CA SER A 111 -18.34 -0.64 22.43
C SER A 111 -19.21 -1.61 23.22
N SER A 112 -18.54 -2.51 23.94
CA SER A 112 -19.22 -3.49 24.75
C SER A 112 -18.70 -3.45 26.18
N GLY A 113 -19.47 -4.07 27.07
CA GLY A 113 -19.10 -4.12 28.48
C GLY A 113 -18.12 -5.25 28.75
N PRO A 114 -16.92 -4.87 29.26
CA PRO A 114 -15.89 -5.86 29.57
C PRO A 114 -16.23 -6.63 30.85
N SER A 115 -15.45 -7.67 31.09
CA SER A 115 -15.66 -8.50 32.26
C SER A 115 -17.13 -8.88 32.38
N SER A 116 -17.51 -9.92 31.66
CA SER A 116 -18.88 -10.39 31.67
C SER A 116 -18.98 -11.69 32.47
N GLY A 117 -18.83 -11.56 33.79
CA GLY A 117 -18.90 -12.71 34.66
C GLY A 117 -17.61 -12.87 35.46
N GLY A 1 16.66 18.66 -49.80
CA GLY A 1 17.41 17.97 -48.76
C GLY A 1 16.52 16.96 -48.04
N SER A 2 16.97 16.56 -46.85
CA SER A 2 16.22 15.60 -46.06
C SER A 2 15.79 16.24 -44.74
N SER A 3 14.93 15.53 -44.03
CA SER A 3 14.42 16.01 -42.75
C SER A 3 14.75 15.02 -41.64
N GLY A 4 15.82 15.31 -40.92
CA GLY A 4 16.24 14.46 -39.82
C GLY A 4 16.26 12.99 -40.26
N SER A 5 16.46 12.11 -39.29
CA SER A 5 16.50 10.69 -39.55
C SER A 5 15.41 9.98 -38.73
N SER A 6 14.21 9.99 -39.28
CA SER A 6 13.09 9.34 -38.62
C SER A 6 13.07 9.71 -37.13
N GLY A 7 12.55 10.89 -36.84
CA GLY A 7 12.47 11.37 -35.48
C GLY A 7 13.73 10.98 -34.68
N THR A 8 13.54 10.82 -33.39
CA THR A 8 14.64 10.46 -32.51
C THR A 8 14.26 9.26 -31.65
N VAL A 9 15.24 8.40 -31.41
CA VAL A 9 15.01 7.21 -30.60
C VAL A 9 15.70 7.38 -29.25
N ASN A 10 15.22 6.63 -28.27
CA ASN A 10 15.77 6.69 -26.93
C ASN A 10 17.23 6.23 -26.96
N VAL A 11 17.98 6.65 -25.96
CA VAL A 11 19.38 6.29 -25.86
C VAL A 11 19.68 5.79 -24.44
N THR A 12 19.19 6.54 -23.47
CA THR A 12 19.39 6.18 -22.08
C THR A 12 18.34 6.88 -21.19
N THR A 13 17.42 6.09 -20.70
CA THR A 13 16.36 6.60 -19.84
C THR A 13 16.17 5.70 -18.62
N LYS A 14 15.72 6.32 -17.53
CA LYS A 14 15.50 5.59 -16.30
C LYS A 14 14.32 4.63 -16.48
N LYS A 15 14.16 3.74 -15.52
CA LYS A 15 13.09 2.76 -15.57
C LYS A 15 11.82 3.38 -14.96
N THR A 16 10.82 2.54 -14.77
CA THR A 16 9.56 2.99 -14.20
C THR A 16 8.98 1.92 -13.27
N PRO A 17 8.13 2.39 -12.31
CA PRO A 17 7.51 1.50 -11.36
C PRO A 17 6.39 0.69 -12.01
N PRO A 18 6.13 -0.52 -11.44
CA PRO A 18 5.09 -1.38 -11.96
C PRO A 18 3.71 -0.88 -11.58
N SER A 19 2.80 -0.93 -12.54
CA SER A 19 1.43 -0.48 -12.31
C SER A 19 0.59 -1.62 -11.75
N GLN A 20 1.21 -2.41 -10.87
CA GLN A 20 0.53 -3.53 -10.26
C GLN A 20 0.41 -3.31 -8.75
N PRO A 21 -0.84 -3.09 -8.29
CA PRO A 21 -1.10 -2.88 -6.88
C PRO A 21 -1.02 -4.19 -6.10
N PRO A 22 -0.71 -4.06 -4.79
CA PRO A 22 -0.59 -5.22 -3.91
C PRO A 22 -1.96 -5.79 -3.57
N GLY A 23 -2.14 -7.06 -3.89
CA GLY A 23 -3.40 -7.73 -3.62
C GLY A 23 -3.36 -8.46 -2.27
N ASN A 24 -4.41 -9.21 -2.01
CA ASN A 24 -4.50 -9.96 -0.77
C ASN A 24 -4.25 -9.02 0.41
N VAL A 25 -4.60 -7.76 0.20
CA VAL A 25 -4.41 -6.75 1.23
C VAL A 25 -5.38 -7.02 2.38
N VAL A 26 -4.92 -7.79 3.35
CA VAL A 26 -5.73 -8.14 4.50
C VAL A 26 -5.20 -7.40 5.73
N TRP A 27 -6.05 -7.30 6.73
CA TRP A 27 -5.67 -6.63 7.97
C TRP A 27 -6.16 -7.48 9.14
N ASN A 28 -5.88 -7.00 10.35
CA ASN A 28 -6.28 -7.71 11.54
C ASN A 28 -6.09 -6.80 12.76
N ALA A 29 -6.70 -7.20 13.86
CA ALA A 29 -6.61 -6.42 15.09
C ALA A 29 -6.39 -7.37 16.27
N THR A 30 -5.27 -7.20 16.94
CA THR A 30 -4.93 -8.03 18.08
C THR A 30 -4.19 -7.21 19.15
N ASP A 31 -4.25 -7.71 20.37
CA ASP A 31 -3.59 -7.02 21.48
C ASP A 31 -4.00 -5.55 21.48
N THR A 32 -3.19 -4.74 20.82
CA THR A 32 -3.45 -3.32 20.75
C THR A 32 -2.76 -2.71 19.52
N LYS A 33 -2.85 -3.43 18.41
CA LYS A 33 -2.24 -2.98 17.17
C LYS A 33 -3.01 -3.56 15.99
N VAL A 34 -2.61 -3.14 14.79
CA VAL A 34 -3.27 -3.60 13.59
C VAL A 34 -2.24 -4.34 12.71
N LEU A 35 -2.39 -5.65 12.67
CA LEU A 35 -1.49 -6.48 11.89
C LEU A 35 -1.95 -6.48 10.43
N LEU A 36 -1.12 -5.89 9.59
CA LEU A 36 -1.41 -5.82 8.16
C LEU A 36 -0.70 -6.95 7.43
N ASN A 37 -1.25 -7.32 6.29
CA ASN A 37 -0.67 -8.39 5.49
C ASN A 37 -1.24 -8.32 4.07
N TRP A 38 -0.33 -8.20 3.11
CA TRP A 38 -0.72 -8.12 1.71
C TRP A 38 0.27 -8.96 0.90
N GLU A 39 -0.08 -9.16 -0.37
CA GLU A 39 0.76 -9.94 -1.25
C GLU A 39 1.96 -9.11 -1.72
N GLN A 40 2.70 -9.67 -2.66
CA GLN A 40 3.87 -8.99 -3.20
C GLN A 40 3.61 -8.51 -4.63
N VAL A 41 4.45 -7.59 -5.07
CA VAL A 41 4.31 -7.03 -6.40
C VAL A 41 5.60 -7.31 -7.19
N LYS A 42 5.45 -8.07 -8.26
CA LYS A 42 6.59 -8.42 -9.10
C LYS A 42 6.50 -7.64 -10.41
N ALA A 43 7.51 -6.83 -10.67
CA ALA A 43 7.55 -6.03 -11.87
C ALA A 43 8.15 -6.86 -13.01
N MET A 44 7.38 -6.94 -14.09
CA MET A 44 7.82 -7.71 -15.25
C MET A 44 8.84 -6.92 -16.07
N GLU A 45 9.49 -7.63 -16.98
CA GLU A 45 10.50 -7.02 -17.83
C GLU A 45 10.07 -5.61 -18.22
N ASN A 46 11.02 -4.68 -18.11
CA ASN A 46 10.76 -3.30 -18.44
C ASN A 46 10.29 -2.56 -17.20
N GLU A 47 9.66 -3.30 -16.30
CA GLU A 47 9.16 -2.73 -15.07
C GLU A 47 10.20 -2.87 -13.96
N SER A 48 10.22 -1.90 -13.06
CA SER A 48 11.15 -1.90 -11.95
C SER A 48 10.60 -2.74 -10.80
N GLU A 49 11.47 -3.58 -10.26
CA GLU A 49 11.09 -4.45 -9.15
C GLU A 49 10.75 -3.62 -7.92
N VAL A 50 10.05 -4.25 -6.99
CA VAL A 50 9.66 -3.58 -5.76
C VAL A 50 10.73 -3.81 -4.70
N THR A 51 11.25 -2.70 -4.19
CA THR A 51 12.29 -2.76 -3.17
C THR A 51 11.67 -2.61 -1.78
N GLY A 52 10.41 -2.23 -1.76
CA GLY A 52 9.70 -2.05 -0.52
C GLY A 52 8.25 -1.61 -0.76
N TYR A 53 7.62 -1.10 0.29
CA TYR A 53 6.25 -0.64 0.20
C TYR A 53 5.99 0.49 1.19
N LYS A 54 4.88 1.19 0.95
CA LYS A 54 4.51 2.30 1.82
C LYS A 54 3.09 2.08 2.33
N VAL A 55 2.99 1.95 3.65
CA VAL A 55 1.70 1.73 4.29
C VAL A 55 1.06 3.08 4.61
N PHE A 56 0.14 3.48 3.75
CA PHE A 56 -0.56 4.76 3.92
C PHE A 56 -1.80 4.58 4.81
N TYR A 57 -1.64 4.96 6.06
CA TYR A 57 -2.73 4.85 7.01
C TYR A 57 -3.25 6.24 7.42
N ARG A 58 -4.56 6.36 7.45
CA ARG A 58 -5.19 7.61 7.82
C ARG A 58 -6.60 7.38 8.34
N THR A 59 -6.97 8.16 9.33
CA THR A 59 -8.30 8.04 9.94
C THR A 59 -9.38 8.32 8.89
N SER A 60 -10.62 8.05 9.28
CA SER A 60 -11.75 8.26 8.39
C SER A 60 -11.76 9.70 7.90
N SER A 61 -11.10 10.57 8.65
CA SER A 61 -11.03 11.97 8.31
C SER A 61 -9.79 12.61 8.94
N GLN A 62 -8.67 12.50 8.25
CA GLN A 62 -7.42 13.06 8.73
C GLN A 62 -6.85 14.05 7.72
N ASN A 63 -6.24 15.10 8.25
CA ASN A 63 -5.65 16.12 7.40
C ASN A 63 -4.92 15.46 6.24
N ASN A 64 -3.86 14.74 6.59
CA ASN A 64 -3.05 14.06 5.59
C ASN A 64 -2.74 12.64 6.09
N VAL A 65 -2.42 11.77 5.14
CA VAL A 65 -2.10 10.39 5.46
C VAL A 65 -0.59 10.27 5.69
N GLN A 66 -0.23 9.29 6.50
CA GLN A 66 1.18 9.05 6.81
C GLN A 66 1.72 7.93 5.94
N VAL A 67 3.02 7.69 6.07
CA VAL A 67 3.68 6.65 5.31
C VAL A 67 4.64 5.89 6.22
N LEU A 68 4.57 4.57 6.12
CA LEU A 68 5.43 3.71 6.93
C LEU A 68 6.32 2.87 6.01
N ASN A 69 7.61 2.91 6.29
CA ASN A 69 8.57 2.17 5.50
C ASN A 69 8.56 0.70 5.94
N THR A 70 8.53 -0.18 4.95
CA THR A 70 8.51 -1.60 5.22
C THR A 70 9.12 -2.38 4.04
N ASN A 71 10.14 -3.16 4.36
CA ASN A 71 10.81 -3.95 3.34
C ASN A 71 10.17 -5.34 3.27
N LYS A 72 8.94 -5.41 3.75
CA LYS A 72 8.20 -6.66 3.74
C LYS A 72 6.84 -6.45 3.08
N THR A 73 6.00 -7.47 3.19
CA THR A 73 4.67 -7.41 2.61
C THR A 73 3.62 -7.25 3.71
N SER A 74 4.10 -6.98 4.91
CA SER A 74 3.21 -6.80 6.06
C SER A 74 3.56 -5.51 6.80
N ALA A 75 2.78 -5.22 7.83
CA ALA A 75 3.01 -4.03 8.63
C ALA A 75 2.21 -4.15 9.93
N GLU A 76 2.41 -3.15 10.79
CA GLU A 76 1.72 -3.13 12.07
C GLU A 76 1.44 -1.68 12.50
N LEU A 77 0.16 -1.37 12.60
CA LEU A 77 -0.25 -0.03 12.99
C LEU A 77 -0.84 -0.08 14.40
N VAL A 78 -1.29 1.09 14.86
CA VAL A 78 -1.88 1.18 16.19
C VAL A 78 -3.38 0.89 16.10
N LEU A 79 -4.06 1.14 17.21
CA LEU A 79 -5.50 0.91 17.27
C LEU A 79 -6.23 2.24 17.08
N PRO A 80 -7.25 2.21 16.19
CA PRO A 80 -8.05 3.40 15.91
C PRO A 80 -9.00 3.70 17.06
N ILE A 81 -8.75 4.83 17.72
CA ILE A 81 -9.59 5.24 18.84
C ILE A 81 -11.00 5.57 18.33
N LYS A 82 -11.03 6.45 17.33
CA LYS A 82 -12.29 6.85 16.74
C LYS A 82 -12.13 6.98 15.23
N GLU A 83 -13.27 7.03 14.55
CA GLU A 83 -13.27 7.14 13.10
C GLU A 83 -12.58 5.93 12.47
N ASP A 84 -13.13 5.49 11.35
CA ASP A 84 -12.57 4.35 10.64
C ASP A 84 -11.11 4.64 10.28
N TYR A 85 -10.48 3.63 9.69
CA TYR A 85 -9.09 3.77 9.29
C TYR A 85 -8.90 3.39 7.82
N ILE A 86 -8.40 4.35 7.06
CA ILE A 86 -8.17 4.14 5.64
C ILE A 86 -6.69 3.82 5.41
N ILE A 87 -6.42 2.54 5.20
CA ILE A 87 -5.05 2.09 4.97
C ILE A 87 -4.85 1.86 3.48
N GLU A 88 -3.67 2.23 3.00
CA GLU A 88 -3.33 2.07 1.59
C GLU A 88 -1.92 1.51 1.45
N VAL A 89 -1.84 0.38 0.77
CA VAL A 89 -0.55 -0.27 0.55
C VAL A 89 0.02 0.17 -0.80
N LYS A 90 1.27 0.58 -0.77
CA LYS A 90 1.94 1.03 -1.97
C LYS A 90 3.32 0.35 -2.08
N ALA A 91 3.71 0.08 -3.32
CA ALA A 91 5.00 -0.55 -3.57
C ALA A 91 6.03 0.51 -3.94
N THR A 92 7.24 0.32 -3.43
CA THR A 92 8.32 1.25 -3.70
C THR A 92 9.32 0.64 -4.69
N THR A 93 9.88 1.51 -5.52
CA THR A 93 10.83 1.06 -6.52
C THR A 93 12.00 2.06 -6.61
N ASP A 94 12.89 1.80 -7.56
CA ASP A 94 14.04 2.65 -7.76
C ASP A 94 13.58 4.00 -8.32
N GLY A 95 12.40 3.97 -8.93
CA GLY A 95 11.85 5.17 -9.52
C GLY A 95 11.06 5.98 -8.48
N GLY A 96 10.45 5.25 -7.56
CA GLY A 96 9.67 5.88 -6.50
C GLY A 96 8.57 4.95 -6.00
N ASP A 97 7.36 5.51 -5.93
CA ASP A 97 6.22 4.74 -5.47
C ASP A 97 5.56 4.03 -6.67
N GLY A 98 4.44 3.39 -6.39
CA GLY A 98 3.72 2.68 -7.44
C GLY A 98 2.22 2.92 -7.31
N THR A 99 1.48 1.82 -7.29
CA THR A 99 0.03 1.90 -7.18
C THR A 99 -0.42 1.56 -5.74
N SER A 100 -1.51 2.18 -5.34
CA SER A 100 -2.04 1.96 -4.01
C SER A 100 -3.26 1.04 -4.08
N SER A 101 -3.13 -0.12 -3.45
CA SER A 101 -4.20 -1.09 -3.43
C SER A 101 -5.50 -0.44 -2.97
N GLU A 102 -6.53 -1.26 -2.80
CA GLU A 102 -7.82 -0.77 -2.36
C GLU A 102 -7.76 -0.38 -0.88
N GLN A 103 -8.09 0.88 -0.62
CA GLN A 103 -8.07 1.39 0.73
C GLN A 103 -8.80 0.43 1.67
N ILE A 104 -8.18 0.19 2.83
CA ILE A 104 -8.75 -0.69 3.82
C ILE A 104 -9.69 0.09 4.72
N ARG A 105 -10.68 -0.62 5.26
CA ARG A 105 -11.66 -0.01 6.13
C ARG A 105 -11.66 -0.70 7.49
N ILE A 106 -11.03 -0.06 8.45
CA ILE A 106 -10.95 -0.61 9.80
C ILE A 106 -11.74 0.29 10.76
N PRO A 107 -12.98 -0.15 11.07
CA PRO A 107 -13.85 0.60 11.97
C PRO A 107 -13.39 0.45 13.42
N ARG A 108 -14.02 1.22 14.28
CA ARG A 108 -13.70 1.18 15.70
C ARG A 108 -13.40 -0.26 16.14
N ILE A 109 -12.59 -0.37 17.17
CA ILE A 109 -12.22 -1.67 17.70
C ILE A 109 -13.37 -2.23 18.54
N THR A 110 -13.60 -3.52 18.40
CA THR A 110 -14.66 -4.19 19.14
C THR A 110 -14.55 -3.87 20.63
N SER A 111 -15.64 -4.11 21.33
CA SER A 111 -15.69 -3.86 22.76
C SER A 111 -16.97 -4.44 23.36
N SER A 112 -16.92 -5.74 23.64
CA SER A 112 -18.06 -6.42 24.22
C SER A 112 -17.63 -7.76 24.80
N GLY A 113 -17.02 -8.57 23.95
CA GLY A 113 -16.56 -9.89 24.36
C GLY A 113 -16.87 -10.94 23.29
N PRO A 114 -15.91 -11.07 22.33
CA PRO A 114 -16.07 -12.03 21.25
C PRO A 114 -15.81 -13.46 21.74
N SER A 115 -16.85 -14.27 21.67
CA SER A 115 -16.75 -15.65 22.11
C SER A 115 -16.38 -15.71 23.59
N SER A 116 -17.31 -16.23 24.38
CA SER A 116 -17.10 -16.34 25.82
C SER A 116 -17.33 -17.78 26.26
N GLY A 117 -16.26 -18.55 26.28
CA GLY A 117 -16.33 -19.95 26.68
C GLY A 117 -15.03 -20.39 27.34
N GLY A 1 -16.05 -3.44 -33.77
CA GLY A 1 -15.10 -3.20 -32.70
C GLY A 1 -13.93 -2.34 -33.19
N SER A 2 -13.46 -1.48 -32.31
CA SER A 2 -12.35 -0.59 -32.64
C SER A 2 -11.11 -0.99 -31.84
N SER A 3 -9.96 -0.56 -32.34
CA SER A 3 -8.70 -0.86 -31.68
C SER A 3 -7.62 0.11 -32.15
N GLY A 4 -6.83 0.59 -31.19
CA GLY A 4 -5.76 1.52 -31.50
C GLY A 4 -4.70 0.86 -32.38
N SER A 5 -4.13 1.67 -33.27
CA SER A 5 -3.10 1.18 -34.17
C SER A 5 -1.74 1.20 -33.47
N SER A 6 -0.90 0.25 -33.84
CA SER A 6 0.43 0.15 -33.26
C SER A 6 0.32 0.05 -31.74
N GLY A 7 1.45 -0.27 -31.12
CA GLY A 7 1.50 -0.40 -29.67
C GLY A 7 2.90 -0.84 -29.21
N THR A 8 3.70 0.15 -28.85
CA THR A 8 5.05 -0.13 -28.38
C THR A 8 5.39 0.75 -27.17
N VAL A 9 6.34 0.27 -26.39
CA VAL A 9 6.76 0.99 -25.20
C VAL A 9 8.29 1.03 -25.14
N ASN A 10 8.80 1.98 -24.38
CA ASN A 10 10.24 2.13 -24.24
C ASN A 10 10.55 2.83 -22.90
N VAL A 11 11.58 2.34 -22.25
CA VAL A 11 11.99 2.91 -20.96
C VAL A 11 12.72 4.24 -21.20
N THR A 12 12.42 5.20 -20.35
CA THR A 12 13.03 6.51 -20.45
C THR A 12 13.50 7.00 -19.08
N THR A 13 14.75 7.43 -19.03
CA THR A 13 15.33 7.92 -17.80
C THR A 13 15.05 6.93 -16.65
N LYS A 14 16.01 6.05 -16.43
CA LYS A 14 15.89 5.07 -15.38
C LYS A 14 14.66 4.19 -15.65
N LYS A 15 14.53 3.14 -14.86
CA LYS A 15 13.41 2.23 -15.00
C LYS A 15 12.16 2.87 -14.41
N THR A 16 11.09 2.10 -14.39
CA THR A 16 9.81 2.58 -13.88
C THR A 16 9.15 1.51 -13.01
N PRO A 17 8.30 1.98 -12.06
CA PRO A 17 7.60 1.08 -11.16
C PRO A 17 6.46 0.36 -11.89
N PRO A 18 6.09 -0.83 -11.35
CA PRO A 18 5.02 -1.62 -11.94
C PRO A 18 3.65 -1.02 -11.61
N SER A 19 2.75 -1.13 -12.57
CA SER A 19 1.40 -0.60 -12.39
C SER A 19 0.50 -1.67 -11.77
N GLN A 20 1.11 -2.54 -10.98
CA GLN A 20 0.38 -3.61 -10.34
C GLN A 20 0.36 -3.39 -8.82
N PRO A 21 -0.86 -3.10 -8.29
CA PRO A 21 -1.02 -2.87 -6.87
C PRO A 21 -0.97 -4.19 -6.09
N PRO A 22 -0.67 -4.07 -4.77
CA PRO A 22 -0.59 -5.23 -3.91
C PRO A 22 -1.98 -5.78 -3.58
N GLY A 23 -2.14 -7.08 -3.80
CA GLY A 23 -3.41 -7.72 -3.54
C GLY A 23 -3.37 -8.49 -2.22
N ASN A 24 -4.46 -9.20 -1.94
CA ASN A 24 -4.56 -9.97 -0.72
C ASN A 24 -4.26 -9.06 0.48
N VAL A 25 -4.43 -7.77 0.26
CA VAL A 25 -4.19 -6.79 1.31
C VAL A 25 -5.19 -7.01 2.45
N VAL A 26 -4.78 -7.84 3.39
CA VAL A 26 -5.63 -8.14 4.54
C VAL A 26 -5.08 -7.44 5.78
N TRP A 27 -5.95 -7.27 6.75
CA TRP A 27 -5.56 -6.61 7.99
C TRP A 27 -6.05 -7.47 9.17
N ASN A 28 -5.75 -7.01 10.37
CA ASN A 28 -6.15 -7.72 11.57
C ASN A 28 -5.90 -6.84 12.79
N ALA A 29 -6.54 -7.21 13.88
CA ALA A 29 -6.40 -6.46 15.12
C ALA A 29 -6.27 -7.44 16.29
N THR A 30 -5.14 -7.34 16.97
CA THR A 30 -4.87 -8.22 18.11
C THR A 30 -4.26 -7.41 19.25
N ASP A 31 -4.62 -7.80 20.47
CA ASP A 31 -4.12 -7.13 21.66
C ASP A 31 -4.36 -5.62 21.53
N THR A 32 -3.38 -4.94 20.96
CA THR A 32 -3.47 -3.51 20.77
C THR A 32 -2.61 -3.06 19.59
N LYS A 33 -2.74 -3.79 18.49
CA LYS A 33 -1.99 -3.50 17.30
C LYS A 33 -2.81 -3.86 16.06
N VAL A 34 -2.23 -3.62 14.91
CA VAL A 34 -2.90 -3.92 13.65
C VAL A 34 -1.93 -4.63 12.70
N LEU A 35 -2.11 -5.93 12.57
CA LEU A 35 -1.26 -6.72 11.71
C LEU A 35 -1.76 -6.63 10.27
N LEU A 36 -1.00 -5.91 9.46
CA LEU A 36 -1.34 -5.73 8.06
C LEU A 36 -0.60 -6.76 7.21
N ASN A 37 -1.24 -7.17 6.14
CA ASN A 37 -0.65 -8.15 5.23
C ASN A 37 -1.17 -7.90 3.81
N TRP A 38 -0.27 -8.10 2.85
CA TRP A 38 -0.63 -7.91 1.46
C TRP A 38 0.38 -8.69 0.60
N GLU A 39 -0.11 -9.20 -0.51
CA GLU A 39 0.74 -9.96 -1.42
C GLU A 39 1.93 -9.11 -1.88
N GLN A 40 2.74 -9.71 -2.74
CA GLN A 40 3.92 -9.02 -3.25
C GLN A 40 3.69 -8.63 -4.71
N VAL A 41 4.42 -7.60 -5.13
CA VAL A 41 4.31 -7.12 -6.50
C VAL A 41 5.65 -7.32 -7.22
N LYS A 42 5.62 -8.22 -8.20
CA LYS A 42 6.82 -8.51 -8.96
C LYS A 42 6.73 -7.83 -10.33
N ALA A 43 7.70 -6.97 -10.58
CA ALA A 43 7.74 -6.24 -11.85
C ALA A 43 8.55 -7.04 -12.86
N MET A 44 8.00 -7.13 -14.07
CA MET A 44 8.66 -7.87 -15.13
C MET A 44 9.64 -6.96 -15.91
N GLU A 45 10.30 -7.56 -16.88
CA GLU A 45 11.25 -6.82 -17.70
C GLU A 45 10.74 -5.41 -17.96
N ASN A 46 11.67 -4.45 -17.86
CA ASN A 46 11.32 -3.05 -18.09
C ASN A 46 10.82 -2.45 -16.78
N GLU A 47 9.91 -3.16 -16.13
CA GLU A 47 9.35 -2.70 -14.88
C GLU A 47 10.31 -2.97 -13.72
N SER A 48 10.51 -1.97 -12.89
CA SER A 48 11.40 -2.09 -11.75
C SER A 48 10.74 -2.93 -10.66
N GLU A 49 11.54 -3.82 -10.08
CA GLU A 49 11.05 -4.69 -9.02
C GLU A 49 10.67 -3.87 -7.79
N VAL A 50 9.89 -4.48 -6.92
CA VAL A 50 9.45 -3.83 -5.70
C VAL A 50 10.47 -4.11 -4.58
N THR A 51 11.06 -3.05 -4.08
CA THR A 51 12.05 -3.16 -3.02
C THR A 51 11.38 -2.97 -1.66
N GLY A 52 10.18 -2.41 -1.69
CA GLY A 52 9.43 -2.16 -0.47
C GLY A 52 8.04 -1.62 -0.79
N TYR A 53 7.36 -1.15 0.26
CA TYR A 53 6.03 -0.61 0.11
C TYR A 53 5.79 0.54 1.09
N LYS A 54 4.64 1.18 0.93
CA LYS A 54 4.30 2.31 1.79
C LYS A 54 2.89 2.07 2.37
N VAL A 55 2.82 2.10 3.70
CA VAL A 55 1.57 1.90 4.38
C VAL A 55 0.95 3.25 4.71
N PHE A 56 0.04 3.68 3.83
CA PHE A 56 -0.64 4.95 4.02
C PHE A 56 -1.90 4.78 4.87
N TYR A 57 -1.75 5.14 6.14
CA TYR A 57 -2.86 5.05 7.07
C TYR A 57 -3.37 6.43 7.47
N ARG A 58 -4.69 6.56 7.50
CA ARG A 58 -5.31 7.82 7.87
C ARG A 58 -6.73 7.58 8.40
N THR A 59 -7.10 8.39 9.38
CA THR A 59 -8.42 8.28 9.97
C THR A 59 -9.51 8.44 8.92
N SER A 60 -10.74 8.11 9.31
CA SER A 60 -11.86 8.21 8.40
C SER A 60 -11.78 9.52 7.61
N SER A 61 -11.18 10.52 8.24
CA SER A 61 -11.04 11.83 7.61
C SER A 61 -9.78 12.52 8.14
N GLN A 62 -8.65 12.19 7.52
CA GLN A 62 -7.39 12.78 7.90
C GLN A 62 -6.93 13.82 6.87
N ASN A 63 -6.27 14.85 7.37
CA ASN A 63 -5.79 15.91 6.51
C ASN A 63 -4.73 15.35 5.56
N ASN A 64 -3.61 14.96 6.15
CA ASN A 64 -2.50 14.41 5.38
C ASN A 64 -2.16 13.01 5.92
N VAL A 65 -2.42 12.02 5.09
CA VAL A 65 -2.14 10.64 5.46
C VAL A 65 -0.63 10.48 5.71
N GLN A 66 -0.31 9.50 6.55
CA GLN A 66 1.08 9.24 6.87
C GLN A 66 1.62 8.11 5.98
N VAL A 67 2.90 7.81 6.17
CA VAL A 67 3.55 6.76 5.40
C VAL A 67 4.51 5.98 6.31
N LEU A 68 4.49 4.68 6.14
CA LEU A 68 5.35 3.81 6.95
C LEU A 68 6.19 2.93 6.01
N ASN A 69 7.49 2.94 6.25
CA ASN A 69 8.41 2.15 5.44
C ASN A 69 8.32 0.69 5.87
N THR A 70 8.36 -0.19 4.88
CA THR A 70 8.29 -1.61 5.15
C THR A 70 8.95 -2.39 3.99
N ASN A 71 10.01 -3.12 4.34
CA ASN A 71 10.73 -3.91 3.37
C ASN A 71 10.12 -5.31 3.29
N LYS A 72 8.90 -5.41 3.81
CA LYS A 72 8.19 -6.68 3.81
C LYS A 72 6.84 -6.52 3.12
N THR A 73 6.04 -7.57 3.19
CA THR A 73 4.72 -7.55 2.59
C THR A 73 3.64 -7.33 3.65
N SER A 74 4.10 -7.04 4.86
CA SER A 74 3.19 -6.79 5.96
C SER A 74 3.54 -5.47 6.65
N ALA A 75 2.90 -5.25 7.78
CA ALA A 75 3.13 -4.02 8.53
C ALA A 75 2.38 -4.11 9.87
N GLU A 76 2.66 -3.13 10.73
CA GLU A 76 2.02 -3.09 12.04
C GLU A 76 1.73 -1.64 12.44
N LEU A 77 0.45 -1.34 12.57
CA LEU A 77 0.03 0.00 12.95
C LEU A 77 -0.59 -0.04 14.35
N VAL A 78 -1.05 1.12 14.79
CA VAL A 78 -1.66 1.23 16.10
C VAL A 78 -3.18 1.14 15.95
N LEU A 79 -3.82 0.68 17.03
CA LEU A 79 -5.26 0.54 17.03
C LEU A 79 -5.91 1.91 16.84
N PRO A 80 -7.04 1.92 16.10
CA PRO A 80 -7.76 3.15 15.83
C PRO A 80 -8.53 3.62 17.07
N ILE A 81 -8.32 4.88 17.42
CA ILE A 81 -8.98 5.46 18.58
C ILE A 81 -10.43 5.79 18.22
N LYS A 82 -10.58 6.59 17.17
CA LYS A 82 -11.91 6.99 16.72
C LYS A 82 -11.90 7.14 15.20
N GLU A 83 -13.09 7.16 14.63
CA GLU A 83 -13.24 7.29 13.20
C GLU A 83 -12.56 6.12 12.49
N ASP A 84 -13.17 5.71 11.38
CA ASP A 84 -12.63 4.59 10.60
C ASP A 84 -11.17 4.87 10.27
N TYR A 85 -10.55 3.88 9.65
CA TYR A 85 -9.15 4.00 9.27
C TYR A 85 -8.93 3.58 7.82
N ILE A 86 -8.41 4.51 7.04
CA ILE A 86 -8.15 4.24 5.63
C ILE A 86 -6.67 3.93 5.43
N ILE A 87 -6.39 2.65 5.22
CA ILE A 87 -5.03 2.21 5.02
C ILE A 87 -4.80 1.92 3.54
N GLU A 88 -3.69 2.43 3.03
CA GLU A 88 -3.34 2.23 1.63
C GLU A 88 -1.92 1.68 1.51
N VAL A 89 -1.80 0.59 0.76
CA VAL A 89 -0.51 -0.04 0.56
C VAL A 89 0.03 0.33 -0.83
N LYS A 90 1.24 0.88 -0.84
CA LYS A 90 1.86 1.28 -2.08
C LYS A 90 3.19 0.55 -2.23
N ALA A 91 3.54 0.26 -3.48
CA ALA A 91 4.77 -0.44 -3.77
C ALA A 91 5.87 0.58 -4.10
N THR A 92 7.07 0.30 -3.64
CA THR A 92 8.20 1.18 -3.88
C THR A 92 9.23 0.49 -4.76
N THR A 93 9.92 1.30 -5.56
CA THR A 93 10.94 0.78 -6.46
C THR A 93 12.16 1.71 -6.47
N ASP A 94 13.04 1.45 -7.43
CA ASP A 94 14.24 2.25 -7.55
C ASP A 94 13.88 3.62 -8.15
N GLY A 95 12.66 3.71 -8.66
CA GLY A 95 12.19 4.93 -9.25
C GLY A 95 11.40 5.77 -8.24
N GLY A 96 10.67 5.07 -7.38
CA GLY A 96 9.88 5.73 -6.36
C GLY A 96 8.76 4.82 -5.88
N ASP A 97 7.57 5.40 -5.73
CA ASP A 97 6.41 4.65 -5.27
C ASP A 97 5.75 3.97 -6.46
N GLY A 98 4.59 3.38 -6.18
CA GLY A 98 3.84 2.69 -7.23
C GLY A 98 2.34 2.95 -7.07
N THR A 99 1.57 1.88 -7.23
CA THR A 99 0.12 1.98 -7.12
C THR A 99 -0.32 1.66 -5.68
N SER A 100 -1.47 2.22 -5.32
CA SER A 100 -2.01 2.00 -3.99
C SER A 100 -3.20 1.05 -4.05
N SER A 101 -3.13 0.01 -3.23
CA SER A 101 -4.19 -0.98 -3.18
C SER A 101 -5.46 -0.37 -2.57
N GLU A 102 -6.56 -1.07 -2.74
CA GLU A 102 -7.83 -0.62 -2.21
C GLU A 102 -7.70 -0.25 -0.73
N GLN A 103 -8.06 0.99 -0.44
CA GLN A 103 -7.98 1.49 0.93
C GLN A 103 -8.68 0.52 1.88
N ILE A 104 -8.03 0.28 3.01
CA ILE A 104 -8.58 -0.62 4.01
C ILE A 104 -9.48 0.17 4.96
N ARG A 105 -10.62 -0.42 5.28
CA ARG A 105 -11.57 0.21 6.18
C ARG A 105 -11.58 -0.49 7.53
N ILE A 106 -10.90 0.13 8.49
CA ILE A 106 -10.83 -0.43 9.83
C ILE A 106 -11.59 0.48 10.79
N PRO A 107 -12.85 0.09 11.08
CA PRO A 107 -13.70 0.85 11.99
C PRO A 107 -13.26 0.65 13.43
N ARG A 108 -13.72 1.56 14.29
CA ARG A 108 -13.39 1.49 15.70
C ARG A 108 -13.39 0.04 16.18
N ILE A 109 -12.44 -0.27 17.05
CA ILE A 109 -12.33 -1.61 17.59
C ILE A 109 -13.42 -1.83 18.64
N THR A 110 -13.99 -3.02 18.61
CA THR A 110 -15.05 -3.37 19.56
C THR A 110 -14.57 -3.14 20.99
N SER A 111 -15.51 -3.32 21.92
CA SER A 111 -15.19 -3.12 23.33
C SER A 111 -14.42 -1.82 23.53
N SER A 112 -15.18 -0.74 23.68
CA SER A 112 -14.59 0.57 23.88
C SER A 112 -14.89 1.08 25.28
N GLY A 113 -14.07 0.65 26.23
CA GLY A 113 -14.25 1.04 27.62
C GLY A 113 -13.61 0.02 28.57
N PRO A 114 -14.45 -0.95 29.02
CA PRO A 114 -13.97 -1.98 29.93
C PRO A 114 -13.12 -3.02 29.19
N SER A 115 -12.12 -3.51 29.89
CA SER A 115 -11.23 -4.51 29.31
C SER A 115 -11.21 -5.77 30.20
N SER A 116 -11.02 -6.90 29.54
CA SER A 116 -10.97 -8.17 30.25
C SER A 116 -9.71 -8.24 31.11
N GLY A 117 -9.78 -9.07 32.14
CA GLY A 117 -8.65 -9.24 33.04
C GLY A 117 -9.07 -9.99 34.30
N GLY A 1 -6.78 10.30 -15.91
CA GLY A 1 -6.00 9.75 -17.00
C GLY A 1 -6.86 8.85 -17.89
N SER A 2 -6.66 8.99 -19.19
CA SER A 2 -7.41 8.19 -20.15
C SER A 2 -7.09 8.65 -21.57
N SER A 3 -6.48 7.75 -22.34
CA SER A 3 -6.13 8.05 -23.70
C SER A 3 -5.33 6.89 -24.31
N GLY A 4 -5.07 6.99 -25.60
CA GLY A 4 -4.32 5.96 -26.30
C GLY A 4 -2.82 6.24 -26.24
N SER A 5 -2.06 5.30 -26.78
CA SER A 5 -0.61 5.43 -26.80
C SER A 5 0.01 4.33 -27.67
N SER A 6 0.13 4.64 -28.95
CA SER A 6 0.69 3.69 -29.90
C SER A 6 2.08 3.24 -29.42
N GLY A 7 2.52 2.10 -29.95
CA GLY A 7 3.81 1.56 -29.59
C GLY A 7 4.85 2.67 -29.44
N THR A 8 5.54 2.64 -28.31
CA THR A 8 6.56 3.63 -28.03
C THR A 8 7.42 3.20 -26.84
N VAL A 9 8.71 3.09 -27.09
CA VAL A 9 9.65 2.70 -26.05
C VAL A 9 10.62 3.84 -25.77
N ASN A 10 11.13 3.86 -24.55
CA ASN A 10 12.08 4.89 -24.14
C ASN A 10 12.66 4.53 -22.78
N VAL A 11 13.98 4.41 -22.73
CA VAL A 11 14.66 4.08 -21.50
C VAL A 11 16.17 4.30 -21.68
N THR A 12 16.53 5.57 -21.82
CA THR A 12 17.93 5.93 -22.00
C THR A 12 18.72 5.68 -20.70
N THR A 13 18.05 5.94 -19.59
CA THR A 13 18.68 5.76 -18.29
C THR A 13 17.64 5.92 -17.18
N LYS A 14 16.61 5.09 -17.24
CA LYS A 14 15.56 5.14 -16.24
C LYS A 14 14.53 4.05 -16.55
N LYS A 15 14.15 3.32 -15.51
CA LYS A 15 13.18 2.24 -15.66
C LYS A 15 11.80 2.76 -15.28
N THR A 16 10.86 1.83 -15.19
CA THR A 16 9.49 2.18 -14.84
C THR A 16 8.94 1.20 -13.80
N PRO A 17 7.98 1.72 -12.99
CA PRO A 17 7.37 0.89 -11.95
C PRO A 17 6.38 -0.11 -12.56
N PRO A 18 6.01 -1.12 -11.73
CA PRO A 18 5.08 -2.15 -12.18
C PRO A 18 3.65 -1.61 -12.21
N SER A 19 3.43 -0.55 -11.44
CA SER A 19 2.11 0.07 -11.38
C SER A 19 1.08 -0.95 -10.91
N GLN A 20 1.59 -2.03 -10.34
CA GLN A 20 0.72 -3.09 -9.84
C GLN A 20 0.68 -3.07 -8.32
N PRO A 21 -0.53 -2.77 -7.78
CA PRO A 21 -0.72 -2.71 -6.34
C PRO A 21 -0.76 -4.12 -5.74
N PRO A 22 -0.45 -4.19 -4.41
CA PRO A 22 -0.46 -5.47 -3.72
C PRO A 22 -1.89 -5.94 -3.44
N GLY A 23 -2.13 -7.20 -3.75
CA GLY A 23 -3.45 -7.78 -3.53
C GLY A 23 -3.49 -8.58 -2.24
N ASN A 24 -4.61 -9.26 -2.02
CA ASN A 24 -4.80 -10.06 -0.83
C ASN A 24 -4.45 -9.21 0.40
N VAL A 25 -4.61 -7.91 0.24
CA VAL A 25 -4.32 -6.99 1.33
C VAL A 25 -5.28 -7.26 2.49
N VAL A 26 -4.79 -8.03 3.45
CA VAL A 26 -5.58 -8.38 4.61
C VAL A 26 -5.06 -7.61 5.82
N TRP A 27 -5.98 -7.32 6.74
CA TRP A 27 -5.63 -6.59 7.95
C TRP A 27 -6.22 -7.34 9.14
N ASN A 28 -5.97 -6.79 10.32
CA ASN A 28 -6.48 -7.39 11.55
C ASN A 28 -6.21 -6.45 12.72
N ALA A 29 -6.85 -6.75 13.84
CA ALA A 29 -6.70 -5.94 15.04
C ALA A 29 -6.57 -6.86 16.26
N THR A 30 -5.39 -6.84 16.84
CA THR A 30 -5.12 -7.67 18.01
C THR A 30 -4.04 -7.01 18.88
N ASP A 31 -3.99 -7.46 20.13
CA ASP A 31 -3.01 -6.93 21.07
C ASP A 31 -2.93 -5.41 20.92
N THR A 32 -4.10 -4.80 20.72
CA THR A 32 -4.17 -3.37 20.56
C THR A 32 -3.24 -2.90 19.44
N LYS A 33 -3.22 -3.69 18.37
CA LYS A 33 -2.38 -3.38 17.22
C LYS A 33 -3.14 -3.72 15.93
N VAL A 34 -2.48 -3.45 14.81
CA VAL A 34 -3.07 -3.73 13.51
C VAL A 34 -2.08 -4.51 12.65
N LEU A 35 -2.30 -5.81 12.60
CA LEU A 35 -1.44 -6.68 11.81
C LEU A 35 -1.87 -6.65 10.35
N LEU A 36 -1.08 -5.97 9.54
CA LEU A 36 -1.37 -5.85 8.12
C LEU A 36 -0.58 -6.91 7.35
N ASN A 37 -1.20 -7.40 6.29
CA ASN A 37 -0.57 -8.42 5.47
C ASN A 37 -1.18 -8.39 4.07
N TRP A 38 -0.30 -8.19 3.08
CA TRP A 38 -0.75 -8.13 1.70
C TRP A 38 0.20 -8.99 0.87
N GLU A 39 -0.17 -9.19 -0.39
CA GLU A 39 0.64 -9.98 -1.29
C GLU A 39 1.89 -9.20 -1.72
N GLN A 40 2.63 -9.80 -2.65
CA GLN A 40 3.84 -9.16 -3.15
C GLN A 40 3.63 -8.67 -4.59
N VAL A 41 4.44 -7.68 -4.96
CA VAL A 41 4.35 -7.12 -6.28
C VAL A 41 5.68 -7.33 -7.02
N LYS A 42 5.61 -8.04 -8.13
CA LYS A 42 6.80 -8.32 -8.92
C LYS A 42 6.64 -7.68 -10.31
N ALA A 43 7.60 -6.85 -10.65
CA ALA A 43 7.58 -6.18 -11.94
C ALA A 43 8.03 -7.16 -13.03
N MET A 44 7.59 -6.89 -14.25
CA MET A 44 7.94 -7.72 -15.38
C MET A 44 9.18 -7.20 -16.10
N GLU A 45 9.46 -7.80 -17.25
CA GLU A 45 10.60 -7.39 -18.05
C GLU A 45 10.56 -5.88 -18.31
N ASN A 46 11.69 -5.24 -18.04
CA ASN A 46 11.79 -3.80 -18.24
C ASN A 46 11.30 -3.08 -16.99
N GLU A 47 10.18 -3.55 -16.47
CA GLU A 47 9.60 -2.95 -15.27
C GLU A 47 10.60 -3.00 -14.12
N SER A 48 10.36 -2.16 -13.13
CA SER A 48 11.23 -2.09 -11.97
C SER A 48 10.64 -2.93 -10.83
N GLU A 49 11.52 -3.66 -10.16
CA GLU A 49 11.11 -4.51 -9.06
C GLU A 49 10.76 -3.65 -7.84
N VAL A 50 10.01 -4.27 -6.93
CA VAL A 50 9.61 -3.57 -5.71
C VAL A 50 10.68 -3.74 -4.64
N THR A 51 11.23 -2.61 -4.21
CA THR A 51 12.26 -2.62 -3.20
C THR A 51 11.65 -2.47 -1.81
N GLY A 52 10.38 -2.12 -1.79
CA GLY A 52 9.67 -1.95 -0.53
C GLY A 52 8.21 -1.56 -0.78
N TYR A 53 7.62 -0.93 0.23
CA TYR A 53 6.24 -0.50 0.14
C TYR A 53 5.96 0.66 1.09
N LYS A 54 4.82 1.31 0.88
CA LYS A 54 4.43 2.43 1.71
C LYS A 54 3.02 2.17 2.27
N VAL A 55 2.95 2.07 3.59
CA VAL A 55 1.68 1.84 4.26
C VAL A 55 1.03 3.18 4.58
N PHE A 56 0.07 3.55 3.73
CA PHE A 56 -0.64 4.81 3.91
C PHE A 56 -1.86 4.62 4.81
N TYR A 57 -1.69 5.02 6.07
CA TYR A 57 -2.77 4.89 7.04
C TYR A 57 -3.30 6.27 7.44
N ARG A 58 -4.62 6.36 7.50
CA ARG A 58 -5.27 7.61 7.87
C ARG A 58 -6.66 7.34 8.44
N THR A 59 -7.06 8.19 9.38
CA THR A 59 -8.36 8.05 10.02
C THR A 59 -9.47 8.28 9.00
N SER A 60 -10.70 8.03 9.45
CA SER A 60 -11.86 8.20 8.60
C SER A 60 -11.97 9.67 8.15
N SER A 61 -11.25 10.52 8.88
CA SER A 61 -11.26 11.94 8.58
C SER A 61 -10.10 12.64 9.29
N GLN A 62 -8.90 12.38 8.79
CA GLN A 62 -7.70 12.96 9.37
C GLN A 62 -7.24 14.16 8.51
N ASN A 63 -6.07 14.67 8.87
CA ASN A 63 -5.50 15.81 8.16
C ASN A 63 -4.79 15.31 6.90
N ASN A 64 -3.67 14.64 7.11
CA ASN A 64 -2.88 14.10 6.02
C ASN A 64 -2.38 12.71 6.38
N VAL A 65 -2.67 11.76 5.51
CA VAL A 65 -2.26 10.38 5.73
C VAL A 65 -0.73 10.34 5.83
N GLN A 66 -0.25 9.37 6.61
CA GLN A 66 1.17 9.20 6.80
C GLN A 66 1.68 7.99 6.01
N VAL A 67 2.99 7.85 5.97
CA VAL A 67 3.62 6.75 5.25
C VAL A 67 4.54 5.99 6.21
N LEU A 68 4.60 4.68 5.98
CA LEU A 68 5.44 3.82 6.81
C LEU A 68 6.28 2.91 5.91
N ASN A 69 7.57 2.88 6.20
CA ASN A 69 8.49 2.06 5.42
C ASN A 69 8.38 0.61 5.90
N THR A 70 8.32 -0.30 4.93
CA THR A 70 8.23 -1.72 5.25
C THR A 70 8.84 -2.55 4.12
N ASN A 71 9.95 -3.20 4.44
CA ASN A 71 10.63 -4.03 3.46
C ASN A 71 9.97 -5.42 3.42
N LYS A 72 8.65 -5.41 3.25
CA LYS A 72 7.90 -6.65 3.19
C LYS A 72 6.46 -6.34 2.78
N THR A 73 5.67 -7.40 2.68
CA THR A 73 4.28 -7.26 2.29
C THR A 73 3.39 -7.17 3.54
N SER A 74 4.04 -7.03 4.68
CA SER A 74 3.33 -6.95 5.95
C SER A 74 3.63 -5.61 6.62
N ALA A 75 2.99 -5.38 7.75
CA ALA A 75 3.18 -4.15 8.51
C ALA A 75 2.37 -4.23 9.81
N GLU A 76 2.65 -3.28 10.69
CA GLU A 76 1.97 -3.22 11.97
C GLU A 76 1.75 -1.77 12.39
N LEU A 77 0.48 -1.39 12.50
CA LEU A 77 0.15 -0.04 12.89
C LEU A 77 -0.56 -0.08 14.25
N VAL A 78 -0.76 1.12 14.81
CA VAL A 78 -1.42 1.23 16.10
C VAL A 78 -2.94 1.08 15.90
N LEU A 79 -3.65 1.13 17.02
CA LEU A 79 -5.10 0.99 16.99
C LEU A 79 -5.72 2.34 16.59
N PRO A 80 -6.88 2.25 15.89
CA PRO A 80 -7.58 3.44 15.45
C PRO A 80 -8.30 4.12 16.61
N ILE A 81 -7.87 5.34 16.90
CA ILE A 81 -8.45 6.11 17.98
C ILE A 81 -9.67 6.88 17.45
N LYS A 82 -10.80 6.19 17.43
CA LYS A 82 -12.03 6.79 16.95
C LYS A 82 -11.95 6.96 15.43
N GLU A 83 -13.13 6.94 14.80
CA GLU A 83 -13.21 7.09 13.36
C GLU A 83 -12.52 5.91 12.67
N ASP A 84 -13.13 5.46 11.58
CA ASP A 84 -12.59 4.35 10.82
C ASP A 84 -11.13 4.65 10.46
N TYR A 85 -10.52 3.69 9.79
CA TYR A 85 -9.13 3.84 9.37
C TYR A 85 -8.94 3.41 7.92
N ILE A 86 -8.44 4.34 7.12
CA ILE A 86 -8.22 4.08 5.71
C ILE A 86 -6.73 3.78 5.49
N ILE A 87 -6.45 2.51 5.24
CA ILE A 87 -5.07 2.08 5.02
C ILE A 87 -4.87 1.84 3.53
N GLU A 88 -3.68 2.21 3.06
CA GLU A 88 -3.34 2.04 1.66
C GLU A 88 -1.92 1.49 1.52
N VAL A 89 -1.82 0.36 0.84
CA VAL A 89 -0.54 -0.29 0.63
C VAL A 89 0.04 0.17 -0.72
N LYS A 90 1.29 0.60 -0.67
CA LYS A 90 1.97 1.06 -1.87
C LYS A 90 3.29 0.30 -2.04
N ALA A 91 3.70 0.18 -3.29
CA ALA A 91 4.94 -0.53 -3.60
C ALA A 91 5.98 0.47 -4.10
N THR A 92 7.12 0.49 -3.42
CA THR A 92 8.20 1.39 -3.78
C THR A 92 9.17 0.70 -4.73
N THR A 93 9.82 1.50 -5.56
CA THR A 93 10.78 0.98 -6.51
C THR A 93 12.02 1.88 -6.58
N ASP A 94 12.87 1.60 -7.55
CA ASP A 94 14.09 2.37 -7.74
C ASP A 94 13.73 3.77 -8.25
N GLY A 95 12.59 3.84 -8.92
CA GLY A 95 12.12 5.10 -9.47
C GLY A 95 11.42 5.93 -8.40
N GLY A 96 10.67 5.25 -7.54
CA GLY A 96 9.94 5.90 -6.47
C GLY A 96 8.79 5.03 -5.98
N ASP A 97 7.65 5.67 -5.81
CA ASP A 97 6.46 4.96 -5.34
C ASP A 97 5.79 4.26 -6.51
N GLY A 98 4.69 3.59 -6.21
CA GLY A 98 3.94 2.87 -7.23
C GLY A 98 2.44 3.13 -7.09
N THR A 99 1.68 2.04 -7.13
CA THR A 99 0.24 2.13 -7.01
C THR A 99 -0.22 1.75 -5.60
N SER A 100 -1.37 2.26 -5.22
CA SER A 100 -1.92 1.99 -3.91
C SER A 100 -3.10 1.01 -4.03
N SER A 101 -3.00 -0.08 -3.30
CA SER A 101 -4.04 -1.10 -3.32
C SER A 101 -5.39 -0.47 -2.94
N GLU A 102 -6.36 -1.33 -2.70
CA GLU A 102 -7.69 -0.87 -2.34
C GLU A 102 -7.72 -0.40 -0.89
N GLN A 103 -8.14 0.85 -0.72
CA GLN A 103 -8.21 1.43 0.61
C GLN A 103 -8.88 0.46 1.59
N ILE A 104 -8.28 0.33 2.76
CA ILE A 104 -8.81 -0.57 3.78
C ILE A 104 -9.82 0.20 4.64
N ARG A 105 -10.66 -0.56 5.32
CA ARG A 105 -11.68 0.02 6.18
C ARG A 105 -11.65 -0.64 7.55
N ILE A 106 -11.02 0.05 8.50
CA ILE A 106 -10.93 -0.46 9.86
C ILE A 106 -11.69 0.45 10.80
N PRO A 107 -12.92 -0.01 11.18
CA PRO A 107 -13.76 0.76 12.08
C PRO A 107 -13.24 0.69 13.52
N ARG A 108 -13.77 1.59 14.35
CA ARG A 108 -13.37 1.64 15.74
C ARG A 108 -13.21 0.23 16.31
N ILE A 109 -12.47 0.13 17.40
CA ILE A 109 -12.25 -1.15 18.04
C ILE A 109 -13.01 -1.20 19.37
N THR A 110 -12.75 -2.25 20.13
CA THR A 110 -13.40 -2.42 21.42
C THR A 110 -14.87 -2.03 21.32
N SER A 111 -15.53 -2.54 20.29
CA SER A 111 -16.94 -2.25 20.08
C SER A 111 -17.79 -3.04 21.07
N SER A 112 -17.88 -4.35 20.82
CA SER A 112 -18.66 -5.22 21.67
C SER A 112 -18.36 -4.92 23.15
N GLY A 113 -19.37 -4.42 23.84
CA GLY A 113 -19.23 -4.10 25.25
C GLY A 113 -20.11 -2.91 25.62
N PRO A 114 -21.29 -3.23 26.21
CA PRO A 114 -22.23 -2.20 26.63
C PRO A 114 -21.75 -1.50 27.89
N SER A 115 -21.03 -2.25 28.71
CA SER A 115 -20.52 -1.71 29.96
C SER A 115 -19.28 -2.52 30.40
N SER A 116 -18.15 -2.17 29.81
CA SER A 116 -16.91 -2.84 30.13
C SER A 116 -16.00 -1.92 30.94
N GLY A 117 -15.67 -0.78 30.33
CA GLY A 117 -14.82 0.19 30.98
C GLY A 117 -14.57 1.40 30.08
N GLY A 1 -0.88 30.05 -18.33
CA GLY A 1 -1.33 28.72 -17.95
C GLY A 1 -1.29 27.77 -19.15
N SER A 2 -2.32 27.87 -19.97
CA SER A 2 -2.42 27.03 -21.15
C SER A 2 -2.57 25.56 -20.74
N SER A 3 -2.97 24.75 -21.70
CA SER A 3 -3.14 23.32 -21.45
C SER A 3 -3.03 22.55 -22.75
N GLY A 4 -1.90 21.84 -22.89
CA GLY A 4 -1.64 21.06 -24.09
C GLY A 4 -1.46 19.58 -23.73
N SER A 5 -1.23 18.79 -24.77
CA SER A 5 -1.03 17.35 -24.59
C SER A 5 -0.35 16.76 -25.82
N SER A 6 0.08 15.52 -25.68
CA SER A 6 0.74 14.82 -26.76
C SER A 6 0.83 13.33 -26.46
N GLY A 7 1.47 13.03 -25.33
CA GLY A 7 1.64 11.65 -24.91
C GLY A 7 3.11 11.30 -24.71
N THR A 8 3.40 10.02 -24.74
CA THR A 8 4.75 9.54 -24.57
C THR A 8 4.94 8.18 -25.25
N VAL A 9 6.04 8.06 -25.98
CA VAL A 9 6.35 6.83 -26.68
C VAL A 9 7.84 6.53 -26.55
N ASN A 10 8.22 5.36 -27.04
CA ASN A 10 9.62 4.94 -26.99
C ASN A 10 10.06 4.88 -25.53
N VAL A 11 11.22 4.25 -25.33
CA VAL A 11 11.76 4.12 -23.99
C VAL A 11 12.17 5.50 -23.46
N THR A 12 11.82 5.74 -22.20
CA THR A 12 12.14 7.01 -21.57
C THR A 12 13.31 6.85 -20.61
N THR A 13 13.75 7.98 -20.08
CA THR A 13 14.87 7.98 -19.16
C THR A 13 14.49 7.28 -17.85
N LYS A 14 15.43 6.51 -17.33
CA LYS A 14 15.20 5.78 -16.09
C LYS A 14 14.15 4.69 -16.33
N LYS A 15 14.13 3.72 -15.43
CA LYS A 15 13.19 2.61 -15.54
C LYS A 15 11.79 3.11 -15.22
N THR A 16 10.87 2.17 -15.10
CA THR A 16 9.48 2.50 -14.79
C THR A 16 8.91 1.51 -13.78
N PRO A 17 7.92 2.00 -13.00
CA PRO A 17 7.27 1.17 -11.99
C PRO A 17 6.33 0.16 -12.62
N PRO A 18 6.00 -0.90 -11.84
CA PRO A 18 5.11 -1.94 -12.32
C PRO A 18 3.65 -1.45 -12.32
N SER A 19 3.42 -0.38 -11.58
CA SER A 19 2.08 0.19 -11.49
C SER A 19 1.09 -0.87 -11.02
N GLN A 20 1.63 -1.93 -10.43
CA GLN A 20 0.81 -3.02 -9.94
C GLN A 20 0.70 -2.96 -8.41
N PRO A 21 -0.54 -2.70 -7.93
CA PRO A 21 -0.78 -2.61 -6.50
C PRO A 21 -0.80 -4.00 -5.86
N PRO A 22 -0.52 -4.02 -4.53
CA PRO A 22 -0.50 -5.28 -3.79
C PRO A 22 -1.92 -5.79 -3.54
N GLY A 23 -2.10 -7.07 -3.83
CA GLY A 23 -3.40 -7.69 -3.64
C GLY A 23 -3.48 -8.42 -2.29
N ASN A 24 -4.60 -9.10 -2.08
CA ASN A 24 -4.80 -9.84 -0.84
C ASN A 24 -4.45 -8.94 0.34
N VAL A 25 -4.72 -7.65 0.16
CA VAL A 25 -4.45 -6.68 1.22
C VAL A 25 -5.41 -6.90 2.38
N VAL A 26 -4.97 -7.72 3.33
CA VAL A 26 -5.77 -8.02 4.50
C VAL A 26 -5.18 -7.31 5.72
N TRP A 27 -6.01 -7.17 6.74
CA TRP A 27 -5.59 -6.52 7.97
C TRP A 27 -6.06 -7.38 9.14
N ASN A 28 -5.73 -6.92 10.34
CA ASN A 28 -6.12 -7.64 11.55
C ASN A 28 -5.86 -6.74 12.76
N ALA A 29 -6.51 -7.10 13.86
CA ALA A 29 -6.36 -6.34 15.10
C ALA A 29 -6.22 -7.32 16.27
N THR A 30 -5.10 -7.18 16.97
CA THR A 30 -4.83 -8.04 18.12
C THR A 30 -4.22 -7.22 19.26
N ASP A 31 -4.57 -7.60 20.47
CA ASP A 31 -4.06 -6.91 21.65
C ASP A 31 -4.28 -5.41 21.49
N THR A 32 -3.29 -4.76 20.93
CA THR A 32 -3.36 -3.32 20.72
C THR A 32 -2.49 -2.91 19.52
N LYS A 33 -2.63 -3.68 18.44
CA LYS A 33 -1.88 -3.42 17.23
C LYS A 33 -2.72 -3.79 16.02
N VAL A 34 -2.16 -3.54 14.84
CA VAL A 34 -2.84 -3.85 13.60
C VAL A 34 -1.89 -4.59 12.66
N LEU A 35 -2.08 -5.89 12.57
CA LEU A 35 -1.25 -6.72 11.71
C LEU A 35 -1.77 -6.64 10.26
N LEU A 36 -1.00 -5.96 9.43
CA LEU A 36 -1.37 -5.79 8.04
C LEU A 36 -0.64 -6.85 7.21
N ASN A 37 -1.34 -7.33 6.19
CA ASN A 37 -0.78 -8.34 5.30
C ASN A 37 -1.31 -8.13 3.89
N TRP A 38 -0.42 -8.31 2.92
CA TRP A 38 -0.78 -8.14 1.53
C TRP A 38 0.20 -8.94 0.68
N GLU A 39 -0.27 -9.32 -0.51
CA GLU A 39 0.56 -10.11 -1.41
C GLU A 39 1.77 -9.29 -1.86
N GLN A 40 2.60 -9.91 -2.68
CA GLN A 40 3.79 -9.25 -3.19
C GLN A 40 3.54 -8.71 -4.60
N VAL A 41 4.42 -7.81 -5.01
CA VAL A 41 4.30 -7.20 -6.33
C VAL A 41 5.62 -7.40 -7.09
N LYS A 42 5.55 -8.20 -8.14
CA LYS A 42 6.71 -8.47 -8.95
C LYS A 42 6.57 -7.78 -10.31
N ALA A 43 7.50 -6.88 -10.57
CA ALA A 43 7.48 -6.13 -11.82
C ALA A 43 7.87 -7.07 -12.97
N MET A 44 7.21 -6.86 -14.10
CA MET A 44 7.46 -7.68 -15.27
C MET A 44 8.42 -6.97 -16.24
N GLU A 45 8.52 -7.52 -17.44
CA GLU A 45 9.39 -6.94 -18.45
C GLU A 45 10.62 -6.31 -17.79
N ASN A 46 11.03 -5.19 -18.37
CA ASN A 46 12.20 -4.48 -17.84
C ASN A 46 11.73 -3.41 -16.86
N GLU A 47 10.57 -3.66 -16.26
CA GLU A 47 10.01 -2.73 -15.30
C GLU A 47 10.87 -2.70 -14.03
N SER A 48 10.52 -1.78 -13.13
CA SER A 48 11.24 -1.65 -11.88
C SER A 48 10.59 -2.51 -10.81
N GLU A 49 11.37 -3.43 -10.28
CA GLU A 49 10.89 -4.34 -9.24
C GLU A 49 10.56 -3.54 -7.97
N VAL A 50 9.84 -4.20 -7.08
CA VAL A 50 9.46 -3.58 -5.82
C VAL A 50 10.57 -3.82 -4.78
N THR A 51 11.13 -2.71 -4.31
CA THR A 51 12.19 -2.78 -3.32
C THR A 51 11.61 -2.69 -1.91
N GLY A 52 10.34 -2.32 -1.85
CA GLY A 52 9.66 -2.19 -0.57
C GLY A 52 8.18 -1.83 -0.77
N TYR A 53 7.62 -1.21 0.26
CA TYR A 53 6.22 -0.82 0.21
C TYR A 53 5.95 0.33 1.18
N LYS A 54 4.85 1.04 0.92
CA LYS A 54 4.47 2.16 1.76
C LYS A 54 3.06 1.92 2.30
N VAL A 55 2.93 2.03 3.61
CA VAL A 55 1.65 1.84 4.26
C VAL A 55 1.02 3.21 4.56
N PHE A 56 0.02 3.55 3.76
CA PHE A 56 -0.67 4.82 3.92
C PHE A 56 -1.89 4.66 4.83
N TYR A 57 -1.71 5.08 6.08
CA TYR A 57 -2.78 4.99 7.05
C TYR A 57 -3.33 6.38 7.39
N ARG A 58 -4.65 6.47 7.43
CA ARG A 58 -5.31 7.72 7.75
C ARG A 58 -6.74 7.47 8.24
N THR A 59 -7.10 8.19 9.28
CA THR A 59 -8.43 8.05 9.86
C THR A 59 -9.50 8.33 8.81
N SER A 60 -10.74 8.03 9.17
CA SER A 60 -11.85 8.25 8.27
C SER A 60 -11.93 9.72 7.87
N SER A 61 -11.24 10.55 8.65
CA SER A 61 -11.22 11.98 8.38
C SER A 61 -9.89 12.57 8.83
N GLN A 62 -8.87 12.35 8.01
CA GLN A 62 -7.55 12.85 8.32
C GLN A 62 -7.11 13.87 7.25
N ASN A 63 -6.42 14.90 7.72
CA ASN A 63 -5.95 15.94 6.83
C ASN A 63 -5.06 15.32 5.75
N ASN A 64 -3.93 14.81 6.18
CA ASN A 64 -2.98 14.19 5.26
C ASN A 64 -2.60 12.81 5.80
N VAL A 65 -2.61 11.84 4.90
CA VAL A 65 -2.25 10.47 5.26
C VAL A 65 -0.75 10.38 5.49
N GLN A 66 -0.36 9.46 6.37
CA GLN A 66 1.04 9.26 6.67
C GLN A 66 1.58 8.05 5.91
N VAL A 67 2.91 7.94 5.92
CA VAL A 67 3.56 6.84 5.24
C VAL A 67 4.43 6.06 6.23
N LEU A 68 4.55 4.77 5.98
CA LEU A 68 5.34 3.91 6.85
C LEU A 68 6.21 2.99 5.99
N ASN A 69 7.50 2.98 6.31
CA ASN A 69 8.44 2.17 5.57
C ASN A 69 8.33 0.71 6.04
N THR A 70 8.21 -0.18 5.06
CA THR A 70 8.09 -1.60 5.36
C THR A 70 8.76 -2.43 4.27
N ASN A 71 9.85 -3.07 4.66
CA ASN A 71 10.60 -3.91 3.73
C ASN A 71 10.05 -5.33 3.77
N LYS A 72 8.72 -5.42 3.74
CA LYS A 72 8.06 -6.71 3.77
C LYS A 72 6.67 -6.59 3.14
N THR A 73 5.97 -7.70 3.12
CA THR A 73 4.63 -7.73 2.54
C THR A 73 3.58 -7.49 3.63
N SER A 74 4.07 -7.17 4.82
CA SER A 74 3.18 -6.92 5.94
C SER A 74 3.59 -5.61 6.65
N ALA A 75 2.86 -5.30 7.70
CA ALA A 75 3.13 -4.09 8.46
C ALA A 75 2.40 -4.16 9.80
N GLU A 76 2.69 -3.18 10.65
CA GLU A 76 2.08 -3.13 11.96
C GLU A 76 1.80 -1.68 12.37
N LEU A 77 0.52 -1.36 12.51
CA LEU A 77 0.11 -0.02 12.88
C LEU A 77 -0.51 -0.05 14.27
N VAL A 78 -0.94 1.12 14.72
CA VAL A 78 -1.56 1.24 16.03
C VAL A 78 -3.09 1.22 15.86
N LEU A 79 -3.76 0.83 16.94
CA LEU A 79 -5.21 0.77 16.94
C LEU A 79 -5.78 2.19 16.94
N PRO A 80 -6.86 2.38 16.15
CA PRO A 80 -7.51 3.67 16.05
C PRO A 80 -8.33 3.98 17.30
N ILE A 81 -8.56 5.26 17.53
CA ILE A 81 -9.33 5.68 18.68
C ILE A 81 -10.75 6.05 18.25
N LYS A 82 -10.83 6.87 17.22
CA LYS A 82 -12.12 7.30 16.68
C LYS A 82 -12.04 7.37 15.15
N GLU A 83 -13.21 7.29 14.53
CA GLU A 83 -13.29 7.34 13.08
C GLU A 83 -12.59 6.13 12.48
N ASP A 84 -13.19 5.62 11.40
CA ASP A 84 -12.64 4.46 10.72
C ASP A 84 -11.18 4.73 10.35
N TYR A 85 -10.56 3.72 9.78
CA TYR A 85 -9.16 3.83 9.37
C TYR A 85 -8.98 3.46 7.91
N ILE A 86 -8.45 4.41 7.15
CA ILE A 86 -8.22 4.22 5.73
C ILE A 86 -6.74 3.88 5.50
N ILE A 87 -6.48 2.60 5.30
CA ILE A 87 -5.12 2.14 5.08
C ILE A 87 -4.91 1.90 3.59
N GLU A 88 -3.73 2.23 3.12
CA GLU A 88 -3.39 2.05 1.71
C GLU A 88 -1.98 1.47 1.57
N VAL A 89 -1.90 0.34 0.90
CA VAL A 89 -0.62 -0.32 0.70
C VAL A 89 -0.05 0.11 -0.66
N LYS A 90 1.22 0.47 -0.63
CA LYS A 90 1.90 0.91 -1.85
C LYS A 90 3.22 0.16 -1.97
N ALA A 91 3.64 -0.04 -3.21
CA ALA A 91 4.89 -0.73 -3.49
C ALA A 91 5.94 0.28 -3.94
N THR A 92 7.10 0.21 -3.30
CA THR A 92 8.19 1.12 -3.62
C THR A 92 9.13 0.47 -4.64
N THR A 93 9.79 1.32 -5.43
CA THR A 93 10.72 0.84 -6.43
C THR A 93 11.98 1.70 -6.44
N ASP A 94 12.84 1.43 -7.42
CA ASP A 94 14.08 2.18 -7.55
C ASP A 94 13.77 3.59 -8.04
N GLY A 95 12.58 3.75 -8.59
CA GLY A 95 12.16 5.04 -9.10
C GLY A 95 11.35 5.81 -8.05
N GLY A 96 10.65 5.05 -7.24
CA GLY A 96 9.83 5.64 -6.19
C GLY A 96 8.65 4.74 -5.83
N ASP A 97 7.56 5.37 -5.41
CA ASP A 97 6.37 4.64 -5.03
C ASP A 97 5.72 4.07 -6.29
N GLY A 98 4.67 3.29 -6.07
CA GLY A 98 3.95 2.68 -7.18
C GLY A 98 2.45 3.00 -7.11
N THR A 99 1.65 1.94 -7.04
CA THR A 99 0.21 2.11 -6.97
C THR A 99 -0.31 1.66 -5.60
N SER A 100 -1.38 2.31 -5.16
CA SER A 100 -1.98 1.99 -3.88
C SER A 100 -3.14 1.03 -4.07
N SER A 101 -3.16 0.00 -3.23
CA SER A 101 -4.21 -1.01 -3.29
C SER A 101 -5.53 -0.41 -2.82
N GLU A 102 -6.49 -1.29 -2.58
CA GLU A 102 -7.80 -0.86 -2.13
C GLU A 102 -7.74 -0.41 -0.67
N GLN A 103 -8.23 0.80 -0.43
CA GLN A 103 -8.23 1.35 0.92
C GLN A 103 -8.92 0.38 1.89
N ILE A 104 -8.31 0.24 3.06
CA ILE A 104 -8.84 -0.64 4.08
C ILE A 104 -9.76 0.15 5.01
N ARG A 105 -10.69 -0.57 5.63
CA ARG A 105 -11.63 0.05 6.53
C ARG A 105 -11.57 -0.61 7.90
N ILE A 106 -10.99 0.11 8.86
CA ILE A 106 -10.86 -0.40 10.21
C ILE A 106 -11.58 0.53 11.18
N PRO A 107 -12.84 0.14 11.53
CA PRO A 107 -13.64 0.93 12.45
C PRO A 107 -13.16 0.78 13.89
N ARG A 108 -13.59 1.69 14.74
CA ARG A 108 -13.20 1.67 16.13
C ARG A 108 -13.18 0.23 16.65
N ILE A 109 -12.09 -0.08 17.34
CA ILE A 109 -11.93 -1.42 17.89
C ILE A 109 -13.00 -1.66 18.97
N THR A 110 -13.79 -2.69 18.76
CA THR A 110 -14.85 -3.03 19.70
C THR A 110 -14.30 -3.03 21.13
N SER A 111 -14.98 -2.29 21.99
CA SER A 111 -14.59 -2.20 23.38
C SER A 111 -15.16 -3.38 24.17
N SER A 112 -16.44 -3.62 23.96
CA SER A 112 -17.12 -4.71 24.63
C SER A 112 -18.40 -5.08 23.88
N GLY A 113 -18.32 -6.22 23.19
CA GLY A 113 -19.46 -6.70 22.43
C GLY A 113 -19.47 -8.22 22.35
N PRO A 114 -20.70 -8.79 22.24
CA PRO A 114 -20.86 -10.23 22.15
C PRO A 114 -20.47 -10.75 20.77
N SER A 115 -21.10 -10.18 19.76
CA SER A 115 -20.82 -10.57 18.38
C SER A 115 -21.29 -12.02 18.15
N SER A 116 -22.02 -12.20 17.07
CA SER A 116 -22.52 -13.52 16.72
C SER A 116 -21.61 -14.18 15.69
N GLY A 117 -21.49 -13.51 14.55
CA GLY A 117 -20.65 -14.02 13.47
C GLY A 117 -21.47 -14.84 12.48
N GLY A 1 14.70 -12.99 -34.65
CA GLY A 1 15.59 -11.94 -35.10
C GLY A 1 17.00 -12.48 -35.36
N SER A 2 17.62 -12.98 -34.30
CA SER A 2 18.96 -13.53 -34.40
C SER A 2 19.96 -12.42 -34.75
N SER A 3 20.80 -12.10 -33.78
CA SER A 3 21.81 -11.06 -33.97
C SER A 3 22.90 -11.18 -32.91
N GLY A 4 23.99 -10.49 -33.14
CA GLY A 4 25.11 -10.51 -32.21
C GLY A 4 24.82 -9.67 -30.98
N SER A 5 25.45 -10.06 -29.88
CA SER A 5 25.27 -9.35 -28.62
C SER A 5 26.61 -8.88 -28.07
N SER A 6 26.65 -7.61 -27.68
CA SER A 6 27.86 -7.02 -27.14
C SER A 6 27.52 -5.83 -26.26
N GLY A 7 28.43 -5.54 -25.34
CA GLY A 7 28.23 -4.43 -24.42
C GLY A 7 27.60 -3.23 -25.14
N THR A 8 26.42 -2.85 -24.67
CA THR A 8 25.71 -1.73 -25.26
C THR A 8 26.16 -0.42 -24.62
N VAL A 9 26.23 0.61 -25.45
CA VAL A 9 26.65 1.92 -24.99
C VAL A 9 25.59 2.95 -25.37
N ASN A 10 25.67 4.11 -24.71
CA ASN A 10 24.73 5.18 -24.97
C ASN A 10 23.31 4.70 -24.64
N VAL A 11 22.42 5.66 -24.49
CA VAL A 11 21.03 5.36 -24.18
C VAL A 11 20.97 4.60 -22.85
N THR A 12 20.63 5.33 -21.80
CA THR A 12 20.54 4.73 -20.47
C THR A 12 19.17 4.07 -20.29
N THR A 13 18.13 4.82 -20.63
CA THR A 13 16.78 4.32 -20.51
C THR A 13 16.47 3.94 -19.05
N LYS A 14 16.08 4.94 -18.28
CA LYS A 14 15.77 4.72 -16.88
C LYS A 14 14.64 3.69 -16.77
N LYS A 15 14.42 3.24 -15.54
CA LYS A 15 13.37 2.26 -15.28
C LYS A 15 12.13 2.96 -14.76
N THR A 16 11.13 2.16 -14.44
CA THR A 16 9.87 2.69 -13.92
C THR A 16 9.19 1.68 -13.00
N PRO A 17 8.35 2.21 -12.08
CA PRO A 17 7.63 1.36 -11.14
C PRO A 17 6.49 0.62 -11.84
N PRO A 18 6.19 -0.60 -11.31
CA PRO A 18 5.13 -1.42 -11.87
C PRO A 18 3.76 -0.88 -11.46
N SER A 19 2.83 -0.91 -12.40
CA SER A 19 1.48 -0.44 -12.14
C SER A 19 0.61 -1.58 -11.60
N GLN A 20 1.25 -2.44 -10.81
CA GLN A 20 0.56 -3.57 -10.21
C GLN A 20 0.49 -3.41 -8.69
N PRO A 21 -0.76 -3.16 -8.20
CA PRO A 21 -0.96 -2.99 -6.77
C PRO A 21 -0.92 -4.34 -6.05
N PRO A 22 -0.58 -4.27 -4.73
CA PRO A 22 -0.49 -5.47 -3.92
C PRO A 22 -1.88 -6.00 -3.57
N GLY A 23 -2.07 -7.29 -3.82
CA GLY A 23 -3.33 -7.93 -3.54
C GLY A 23 -3.32 -8.62 -2.17
N ASN A 24 -4.38 -9.36 -1.91
CA ASN A 24 -4.50 -10.07 -0.65
C ASN A 24 -4.25 -9.10 0.51
N VAL A 25 -4.52 -7.83 0.24
CA VAL A 25 -4.33 -6.80 1.23
C VAL A 25 -5.31 -7.01 2.38
N VAL A 26 -4.86 -7.76 3.38
CA VAL A 26 -5.70 -8.04 4.53
C VAL A 26 -5.19 -7.25 5.74
N TRP A 27 -6.00 -7.26 6.79
CA TRP A 27 -5.64 -6.54 8.01
C TRP A 27 -6.21 -7.30 9.19
N ASN A 28 -5.94 -6.80 10.38
CA ASN A 28 -6.42 -7.41 11.60
C ASN A 28 -6.15 -6.50 12.79
N ALA A 29 -6.82 -6.79 13.89
CA ALA A 29 -6.66 -5.99 15.10
C ALA A 29 -6.52 -6.92 16.31
N THR A 30 -5.30 -7.06 16.78
CA THR A 30 -5.02 -7.90 17.93
C THR A 30 -3.79 -7.40 18.68
N ASP A 31 -3.64 -7.89 19.91
CA ASP A 31 -2.52 -7.49 20.74
C ASP A 31 -2.51 -5.97 20.88
N THR A 32 -3.67 -5.37 20.67
CA THR A 32 -3.81 -3.93 20.77
C THR A 32 -3.02 -3.24 19.65
N LYS A 33 -3.04 -3.87 18.49
CA LYS A 33 -2.33 -3.33 17.34
C LYS A 33 -3.03 -3.78 16.05
N VAL A 34 -2.57 -3.24 14.94
CA VAL A 34 -3.14 -3.58 13.65
C VAL A 34 -2.08 -4.30 12.81
N LEU A 35 -2.39 -5.56 12.50
CA LEU A 35 -1.48 -6.37 11.70
C LEU A 35 -1.92 -6.33 10.24
N LEU A 36 -1.10 -5.69 9.42
CA LEU A 36 -1.39 -5.58 8.01
C LEU A 36 -0.62 -6.67 7.25
N ASN A 37 -1.26 -7.16 6.20
CA ASN A 37 -0.66 -8.20 5.38
C ASN A 37 -1.21 -8.10 3.95
N TRP A 38 -0.27 -8.10 3.00
CA TRP A 38 -0.65 -8.01 1.59
C TRP A 38 0.37 -8.81 0.78
N GLU A 39 -0.07 -9.28 -0.37
CA GLU A 39 0.78 -10.06 -1.24
C GLU A 39 1.95 -9.21 -1.75
N GLN A 40 2.74 -9.81 -2.62
CA GLN A 40 3.89 -9.12 -3.18
C GLN A 40 3.60 -8.66 -4.60
N VAL A 41 4.28 -7.59 -5.00
CA VAL A 41 4.10 -7.05 -6.34
C VAL A 41 5.36 -7.33 -7.17
N LYS A 42 5.19 -8.17 -8.18
CA LYS A 42 6.30 -8.53 -9.04
C LYS A 42 6.29 -7.61 -10.28
N ALA A 43 7.30 -6.76 -10.36
CA ALA A 43 7.41 -5.84 -11.48
C ALA A 43 7.20 -6.60 -12.79
N MET A 44 6.71 -5.87 -13.78
CA MET A 44 6.45 -6.46 -15.09
C MET A 44 7.67 -6.31 -15.99
N GLU A 45 7.46 -6.63 -17.26
CA GLU A 45 8.53 -6.53 -18.24
C GLU A 45 8.97 -5.08 -18.41
N ASN A 46 10.26 -4.86 -18.21
CA ASN A 46 10.83 -3.52 -18.33
C ASN A 46 10.35 -2.67 -17.16
N GLU A 47 10.11 -3.33 -16.04
CA GLU A 47 9.66 -2.65 -14.85
C GLU A 47 10.66 -2.85 -13.70
N SER A 48 10.56 -1.97 -12.72
CA SER A 48 11.45 -2.03 -11.57
C SER A 48 10.80 -2.84 -10.44
N GLU A 49 11.50 -3.88 -10.02
CA GLU A 49 11.00 -4.74 -8.96
C GLU A 49 10.66 -3.91 -7.73
N VAL A 50 9.88 -4.52 -6.84
CA VAL A 50 9.47 -3.85 -5.62
C VAL A 50 10.51 -4.12 -4.53
N THR A 51 11.14 -3.03 -4.08
CA THR A 51 12.15 -3.13 -3.04
C THR A 51 11.53 -2.83 -1.67
N GLY A 52 10.33 -2.28 -1.70
CA GLY A 52 9.63 -1.95 -0.48
C GLY A 52 8.19 -1.51 -0.77
N TYR A 53 7.54 -1.01 0.27
CA TYR A 53 6.16 -0.55 0.14
C TYR A 53 5.89 0.64 1.06
N LYS A 54 4.74 1.27 0.83
CA LYS A 54 4.35 2.41 1.63
C LYS A 54 2.95 2.19 2.19
N VAL A 55 2.87 2.12 3.52
CA VAL A 55 1.60 1.90 4.18
C VAL A 55 0.97 3.26 4.53
N PHE A 56 0.04 3.67 3.69
CA PHE A 56 -0.64 4.94 3.89
C PHE A 56 -1.89 4.76 4.78
N TYR A 57 -1.73 5.11 6.04
CA TYR A 57 -2.82 4.99 6.99
C TYR A 57 -3.34 6.37 7.40
N ARG A 58 -4.66 6.49 7.43
CA ARG A 58 -5.29 7.75 7.80
C ARG A 58 -6.70 7.50 8.35
N THR A 59 -7.15 8.40 9.20
CA THR A 59 -8.47 8.29 9.78
C THR A 59 -9.55 8.44 8.70
N SER A 60 -10.77 8.14 9.09
CA SER A 60 -11.90 8.24 8.18
C SER A 60 -11.81 9.55 7.39
N SER A 61 -11.33 10.57 8.07
CA SER A 61 -11.19 11.88 7.45
C SER A 61 -9.73 12.34 7.50
N GLN A 62 -9.33 12.80 8.67
CA GLN A 62 -7.96 13.27 8.87
C GLN A 62 -7.69 14.48 7.99
N ASN A 63 -6.40 14.74 7.78
CA ASN A 63 -5.99 15.87 6.96
C ASN A 63 -4.91 15.42 5.97
N ASN A 64 -3.88 14.80 6.53
CA ASN A 64 -2.79 14.31 5.72
C ASN A 64 -2.40 12.90 6.17
N VAL A 65 -2.52 11.96 5.24
CA VAL A 65 -2.20 10.57 5.54
C VAL A 65 -0.69 10.45 5.77
N GLN A 66 -0.33 9.47 6.59
CA GLN A 66 1.06 9.22 6.90
C GLN A 66 1.60 8.07 6.06
N VAL A 67 2.93 7.93 6.08
CA VAL A 67 3.57 6.87 5.33
C VAL A 67 4.46 6.05 6.26
N LEU A 68 4.56 4.77 5.97
CA LEU A 68 5.37 3.87 6.78
C LEU A 68 6.24 3.00 5.86
N ASN A 69 7.54 3.10 6.08
CA ASN A 69 8.48 2.34 5.28
C ASN A 69 8.48 0.88 5.75
N THR A 70 8.36 -0.02 4.78
CA THR A 70 8.33 -1.44 5.07
C THR A 70 9.01 -2.23 3.95
N ASN A 71 9.91 -3.10 4.34
CA ASN A 71 10.63 -3.92 3.38
C ASN A 71 9.98 -5.31 3.30
N LYS A 72 8.88 -5.44 4.03
CA LYS A 72 8.16 -6.70 4.06
C LYS A 72 6.78 -6.50 3.42
N THR A 73 6.15 -7.63 3.10
CA THR A 73 4.83 -7.59 2.48
C THR A 73 3.75 -7.39 3.55
N SER A 74 4.20 -7.14 4.77
CA SER A 74 3.28 -6.92 5.87
C SER A 74 3.65 -5.64 6.61
N ALA A 75 2.93 -5.40 7.70
CA ALA A 75 3.17 -4.21 8.51
C ALA A 75 2.41 -4.34 9.83
N GLU A 76 2.72 -3.44 10.75
CA GLU A 76 2.09 -3.44 12.05
C GLU A 76 1.84 -2.00 12.52
N LEU A 77 0.57 -1.67 12.70
CA LEU A 77 0.19 -0.34 13.15
C LEU A 77 -0.48 -0.44 14.51
N VAL A 78 -0.92 0.71 15.00
CA VAL A 78 -1.57 0.77 16.30
C VAL A 78 -3.08 0.55 16.12
N LEU A 79 -3.81 0.69 17.22
CA LEU A 79 -5.25 0.51 17.19
C LEU A 79 -5.92 1.87 17.01
N PRO A 80 -7.09 1.85 16.32
CA PRO A 80 -7.84 3.06 16.08
C PRO A 80 -8.56 3.53 17.34
N ILE A 81 -8.74 4.84 17.44
CA ILE A 81 -9.41 5.42 18.58
C ILE A 81 -10.80 5.89 18.17
N LYS A 82 -10.85 6.69 17.12
CA LYS A 82 -12.11 7.21 16.63
C LYS A 82 -12.04 7.33 15.10
N GLU A 83 -13.21 7.31 14.49
CA GLU A 83 -13.30 7.42 13.04
C GLU A 83 -12.61 6.23 12.37
N ASP A 84 -13.24 5.72 11.33
CA ASP A 84 -12.70 4.59 10.60
C ASP A 84 -11.24 4.88 10.22
N TYR A 85 -10.59 3.86 9.69
CA TYR A 85 -9.20 4.00 9.28
C TYR A 85 -9.02 3.57 7.82
N ILE A 86 -8.50 4.51 7.02
CA ILE A 86 -8.27 4.25 5.61
C ILE A 86 -6.79 3.97 5.38
N ILE A 87 -6.48 2.69 5.19
CA ILE A 87 -5.10 2.28 4.96
C ILE A 87 -4.89 2.04 3.47
N GLU A 88 -3.68 2.36 3.02
CA GLU A 88 -3.34 2.18 1.62
C GLU A 88 -1.92 1.60 1.49
N VAL A 89 -1.85 0.47 0.82
CA VAL A 89 -0.57 -0.20 0.61
C VAL A 89 0.02 0.24 -0.73
N LYS A 90 1.26 0.69 -0.68
CA LYS A 90 1.95 1.13 -1.88
C LYS A 90 3.27 0.37 -2.03
N ALA A 91 3.71 0.26 -3.27
CA ALA A 91 4.95 -0.44 -3.57
C ALA A 91 6.02 0.56 -3.96
N THR A 92 7.21 0.38 -3.40
CA THR A 92 8.33 1.26 -3.70
C THR A 92 9.33 0.57 -4.61
N THR A 93 9.99 1.37 -5.43
CA THR A 93 10.97 0.85 -6.37
C THR A 93 12.20 1.76 -6.43
N ASP A 94 13.05 1.50 -7.39
CA ASP A 94 14.26 2.28 -7.56
C ASP A 94 13.89 3.66 -8.10
N GLY A 95 12.72 3.73 -8.72
CA GLY A 95 12.25 4.98 -9.30
C GLY A 95 11.53 5.82 -8.24
N GLY A 96 10.79 5.12 -7.38
CA GLY A 96 10.06 5.79 -6.32
C GLY A 96 8.94 4.89 -5.79
N ASP A 97 7.74 5.47 -5.74
CA ASP A 97 6.58 4.74 -5.26
C ASP A 97 5.91 4.03 -6.44
N GLY A 98 4.82 3.33 -6.12
CA GLY A 98 4.07 2.61 -7.14
C GLY A 98 2.58 2.92 -7.04
N THR A 99 1.79 1.86 -7.08
CA THR A 99 0.34 1.99 -7.00
C THR A 99 -0.15 1.69 -5.58
N SER A 100 -1.30 2.26 -5.25
CA SER A 100 -1.88 2.06 -3.94
C SER A 100 -3.10 1.15 -4.04
N SER A 101 -2.99 -0.01 -3.40
CA SER A 101 -4.08 -0.98 -3.41
C SER A 101 -5.38 -0.30 -2.98
N GLU A 102 -6.43 -1.11 -2.90
CA GLU A 102 -7.74 -0.62 -2.51
C GLU A 102 -7.73 -0.20 -1.03
N GLN A 103 -8.12 1.04 -0.79
CA GLN A 103 -8.16 1.56 0.56
C GLN A 103 -8.85 0.57 1.50
N ILE A 104 -8.26 0.40 2.67
CA ILE A 104 -8.79 -0.51 3.66
C ILE A 104 -9.74 0.25 4.59
N ARG A 105 -10.59 -0.50 5.28
CA ARG A 105 -11.54 0.08 6.20
C ARG A 105 -11.49 -0.64 7.55
N ILE A 106 -11.03 0.10 8.56
CA ILE A 106 -10.92 -0.45 9.89
C ILE A 106 -11.71 0.41 10.86
N PRO A 107 -12.99 0.02 11.09
CA PRO A 107 -13.86 0.76 11.99
C PRO A 107 -13.49 0.49 13.45
N ARG A 108 -13.92 1.39 14.32
CA ARG A 108 -13.64 1.27 15.73
C ARG A 108 -13.91 -0.16 16.21
N ILE A 109 -13.02 -0.64 17.07
CA ILE A 109 -13.15 -1.98 17.60
C ILE A 109 -13.58 -1.91 19.07
N THR A 110 -13.96 -3.07 19.59
CA THR A 110 -14.39 -3.15 20.98
C THR A 110 -14.29 -4.58 21.49
N SER A 111 -13.28 -5.28 20.98
CA SER A 111 -13.05 -6.66 21.37
C SER A 111 -12.16 -7.36 20.34
N SER A 112 -12.81 -7.93 19.35
CA SER A 112 -12.09 -8.65 18.30
C SER A 112 -12.40 -8.00 16.93
N GLY A 113 -13.69 -7.91 16.66
CA GLY A 113 -14.14 -7.32 15.39
C GLY A 113 -15.60 -7.65 15.12
N PRO A 114 -16.07 -7.24 13.92
CA PRO A 114 -17.45 -7.48 13.52
C PRO A 114 -17.65 -8.95 13.13
N SER A 115 -17.09 -9.29 11.98
CA SER A 115 -17.19 -10.65 11.48
C SER A 115 -15.80 -11.29 11.36
N SER A 116 -15.75 -12.58 11.60
CA SER A 116 -14.50 -13.31 11.52
C SER A 116 -13.41 -12.55 12.27
N GLY A 117 -13.32 -12.83 13.57
CA GLY A 117 -12.31 -12.18 14.40
C GLY A 117 -11.84 -13.11 15.51
N GLY A 1 -0.88 -8.41 -48.26
CA GLY A 1 -0.74 -8.64 -46.84
C GLY A 1 0.45 -7.85 -46.27
N SER A 2 0.73 -8.09 -45.00
CA SER A 2 1.82 -7.41 -44.33
C SER A 2 2.10 -8.08 -42.98
N SER A 3 3.22 -7.68 -42.38
CA SER A 3 3.62 -8.23 -41.10
C SER A 3 4.01 -7.09 -40.15
N GLY A 4 4.09 -7.44 -38.86
CA GLY A 4 4.45 -6.47 -37.85
C GLY A 4 5.88 -6.72 -37.34
N SER A 5 6.33 -5.82 -36.48
CA SER A 5 7.66 -5.93 -35.91
C SER A 5 7.88 -4.83 -34.86
N SER A 6 8.85 -5.06 -34.01
CA SER A 6 9.17 -4.11 -32.96
C SER A 6 10.34 -3.21 -33.41
N GLY A 7 10.61 -2.20 -32.59
CA GLY A 7 11.67 -1.27 -32.89
C GLY A 7 12.58 -1.07 -31.67
N THR A 8 13.19 0.10 -31.61
CA THR A 8 14.08 0.44 -30.51
C THR A 8 13.28 0.89 -29.30
N VAL A 9 12.74 -0.08 -28.58
CA VAL A 9 11.95 0.21 -27.39
C VAL A 9 12.83 0.11 -26.15
N ASN A 10 14.03 0.67 -26.27
CA ASN A 10 14.98 0.65 -25.18
C ASN A 10 15.62 2.03 -25.04
N VAL A 11 15.64 2.51 -23.81
CA VAL A 11 16.23 3.82 -23.52
C VAL A 11 17.09 3.72 -22.27
N THR A 12 18.26 4.36 -22.34
CA THR A 12 19.18 4.35 -21.23
C THR A 12 18.79 5.42 -20.20
N THR A 13 17.54 5.34 -19.78
CA THR A 13 17.03 6.29 -18.79
C THR A 13 16.56 5.56 -17.54
N LYS A 14 16.18 6.36 -16.54
CA LYS A 14 15.70 5.80 -15.29
C LYS A 14 14.54 4.85 -15.57
N LYS A 15 14.35 3.91 -14.65
CA LYS A 15 13.28 2.94 -14.78
C LYS A 15 11.98 3.54 -14.23
N THR A 16 10.97 2.69 -14.13
CA THR A 16 9.68 3.12 -13.63
C THR A 16 9.05 2.02 -12.76
N PRO A 17 8.14 2.45 -11.85
CA PRO A 17 7.46 1.52 -10.96
C PRO A 17 6.38 0.75 -11.72
N PRO A 18 6.08 -0.48 -11.20
CA PRO A 18 5.06 -1.31 -11.81
C PRO A 18 3.66 -0.80 -11.50
N SER A 19 2.77 -0.97 -12.47
CA SER A 19 1.40 -0.53 -12.31
C SER A 19 0.55 -1.65 -11.70
N GLN A 20 1.22 -2.47 -10.90
CA GLN A 20 0.54 -3.58 -10.25
C GLN A 20 0.44 -3.33 -8.74
N PRO A 21 -0.81 -3.06 -8.27
CA PRO A 21 -1.05 -2.81 -6.87
C PRO A 21 -1.00 -4.10 -6.06
N PRO A 22 -0.65 -3.95 -4.75
CA PRO A 22 -0.55 -5.10 -3.86
C PRO A 22 -1.94 -5.59 -3.47
N GLY A 23 -2.20 -6.85 -3.79
CA GLY A 23 -3.49 -7.46 -3.48
C GLY A 23 -3.42 -8.24 -2.17
N ASN A 24 -4.49 -8.96 -1.89
CA ASN A 24 -4.57 -9.76 -0.67
C ASN A 24 -4.29 -8.86 0.53
N VAL A 25 -4.51 -7.57 0.33
CA VAL A 25 -4.30 -6.61 1.40
C VAL A 25 -5.30 -6.86 2.52
N VAL A 26 -4.89 -7.70 3.46
CA VAL A 26 -5.73 -8.03 4.59
C VAL A 26 -5.20 -7.34 5.85
N TRP A 27 -6.10 -7.14 6.80
CA TRP A 27 -5.74 -6.49 8.05
C TRP A 27 -6.18 -7.40 9.20
N ASN A 28 -5.87 -6.95 10.41
CA ASN A 28 -6.23 -7.71 11.60
C ASN A 28 -6.05 -6.82 12.84
N ALA A 29 -6.68 -7.25 13.93
CA ALA A 29 -6.60 -6.50 15.17
C ALA A 29 -6.41 -7.49 16.33
N THR A 30 -5.32 -7.28 17.07
CA THR A 30 -5.01 -8.13 18.20
C THR A 30 -4.39 -7.31 19.33
N ASP A 31 -4.71 -7.69 20.55
CA ASP A 31 -4.18 -7.00 21.72
C ASP A 31 -4.44 -5.50 21.57
N THR A 32 -3.47 -4.82 20.98
CA THR A 32 -3.57 -3.39 20.78
C THR A 32 -2.71 -2.96 19.59
N LYS A 33 -2.83 -3.72 18.50
CA LYS A 33 -2.07 -3.42 17.31
C LYS A 33 -2.90 -3.82 16.08
N VAL A 34 -2.32 -3.56 14.91
CA VAL A 34 -3.00 -3.89 13.66
C VAL A 34 -2.02 -4.63 12.74
N LEU A 35 -2.21 -5.93 12.66
CA LEU A 35 -1.35 -6.75 11.82
C LEU A 35 -1.85 -6.70 10.37
N LEU A 36 -1.04 -6.09 9.53
CA LEU A 36 -1.39 -5.94 8.12
C LEU A 36 -0.68 -7.05 7.32
N ASN A 37 -1.25 -7.34 6.15
CA ASN A 37 -0.69 -8.36 5.30
C ASN A 37 -1.25 -8.19 3.88
N TRP A 38 -0.33 -8.05 2.93
CA TRP A 38 -0.72 -7.87 1.54
C TRP A 38 0.25 -8.68 0.68
N GLU A 39 -0.24 -9.08 -0.49
CA GLU A 39 0.56 -9.85 -1.41
C GLU A 39 1.78 -9.05 -1.87
N GLN A 40 2.61 -9.69 -2.68
CA GLN A 40 3.81 -9.04 -3.19
C GLN A 40 3.55 -8.46 -4.58
N VAL A 41 4.57 -7.81 -5.11
CA VAL A 41 4.47 -7.21 -6.43
C VAL A 41 5.80 -7.36 -7.16
N LYS A 42 5.77 -8.15 -8.22
CA LYS A 42 6.97 -8.39 -9.02
C LYS A 42 6.84 -7.67 -10.36
N ALA A 43 7.81 -6.82 -10.64
CA ALA A 43 7.82 -6.07 -11.88
C ALA A 43 8.58 -6.85 -12.94
N MET A 44 8.03 -6.84 -14.15
CA MET A 44 8.65 -7.55 -15.25
C MET A 44 9.54 -6.61 -16.07
N GLU A 45 10.19 -7.18 -17.08
CA GLU A 45 11.07 -6.41 -17.94
C GLU A 45 10.49 -5.02 -18.18
N ASN A 46 11.37 -4.02 -18.09
CA ASN A 46 10.95 -2.65 -18.29
C ASN A 46 10.50 -2.05 -16.95
N GLU A 47 9.72 -2.84 -16.23
CA GLU A 47 9.20 -2.41 -14.94
C GLU A 47 10.23 -2.70 -13.84
N SER A 48 10.42 -1.71 -12.98
CA SER A 48 11.36 -1.85 -11.89
C SER A 48 10.76 -2.73 -10.79
N GLU A 49 11.59 -3.62 -10.27
CA GLU A 49 11.15 -4.52 -9.21
C GLU A 49 10.78 -3.73 -7.95
N VAL A 50 10.05 -4.38 -7.07
CA VAL A 50 9.63 -3.75 -5.83
C VAL A 50 10.72 -3.93 -4.77
N THR A 51 11.11 -2.82 -4.18
CA THR A 51 12.14 -2.84 -3.15
C THR A 51 11.51 -2.78 -1.76
N GLY A 52 10.26 -2.33 -1.72
CA GLY A 52 9.54 -2.22 -0.47
C GLY A 52 8.08 -1.82 -0.71
N TYR A 53 7.48 -1.23 0.30
CA TYR A 53 6.10 -0.80 0.22
C TYR A 53 5.80 0.32 1.22
N LYS A 54 4.87 1.18 0.84
CA LYS A 54 4.49 2.29 1.70
C LYS A 54 3.06 2.06 2.21
N VAL A 55 2.94 1.97 3.53
CA VAL A 55 1.65 1.76 4.15
C VAL A 55 1.02 3.11 4.47
N PHE A 56 0.04 3.49 3.66
CA PHE A 56 -0.65 4.76 3.85
C PHE A 56 -1.85 4.59 4.79
N TYR A 57 -1.64 4.99 6.04
CA TYR A 57 -2.69 4.89 7.04
C TYR A 57 -3.21 6.28 7.42
N ARG A 58 -4.53 6.37 7.51
CA ARG A 58 -5.17 7.63 7.86
C ARG A 58 -6.59 7.39 8.35
N THR A 59 -6.96 8.10 9.39
CA THR A 59 -8.29 7.97 9.97
C THR A 59 -9.35 8.35 8.94
N SER A 60 -10.60 8.09 9.30
CA SER A 60 -11.71 8.38 8.41
C SER A 60 -11.82 9.90 8.21
N SER A 61 -11.14 10.63 9.07
CA SER A 61 -11.15 12.08 8.99
C SER A 61 -9.82 12.64 9.50
N GLN A 62 -8.86 12.75 8.58
CA GLN A 62 -7.55 13.28 8.93
C GLN A 62 -7.13 14.33 7.91
N ASN A 63 -6.03 15.01 8.24
CA ASN A 63 -5.50 16.04 7.36
C ASN A 63 -4.74 15.38 6.20
N ASN A 64 -3.54 14.92 6.50
CA ASN A 64 -2.71 14.27 5.50
C ASN A 64 -2.32 12.88 5.99
N VAL A 65 -2.48 11.91 5.11
CA VAL A 65 -2.14 10.53 5.44
C VAL A 65 -0.62 10.42 5.66
N GLN A 66 -0.24 9.39 6.39
CA GLN A 66 1.17 9.16 6.69
C GLN A 66 1.68 7.95 5.89
N VAL A 67 3.00 7.87 5.80
CA VAL A 67 3.63 6.77 5.08
C VAL A 67 4.55 6.00 6.04
N LEU A 68 4.50 4.68 5.91
CA LEU A 68 5.31 3.83 6.75
C LEU A 68 6.23 2.97 5.87
N ASN A 69 7.51 2.97 6.21
CA ASN A 69 8.49 2.21 5.45
C ASN A 69 8.45 0.76 5.92
N THR A 70 8.29 -0.14 4.96
CA THR A 70 8.23 -1.56 5.26
C THR A 70 9.01 -2.35 4.20
N ASN A 71 9.99 -3.11 4.68
CA ASN A 71 10.81 -3.91 3.80
C ASN A 71 10.20 -5.32 3.68
N LYS A 72 8.92 -5.39 3.97
CA LYS A 72 8.20 -6.65 3.90
C LYS A 72 6.85 -6.44 3.21
N THR A 73 6.06 -7.49 3.21
CA THR A 73 4.74 -7.44 2.59
C THR A 73 3.66 -7.22 3.65
N SER A 74 4.11 -6.95 4.86
CA SER A 74 3.19 -6.72 5.97
C SER A 74 3.54 -5.40 6.66
N ALA A 75 2.86 -5.15 7.78
CA ALA A 75 3.09 -3.94 8.53
C ALA A 75 2.32 -4.02 9.86
N GLU A 76 2.57 -3.03 10.71
CA GLU A 76 1.91 -2.98 12.00
C GLU A 76 1.62 -1.54 12.40
N LEU A 77 0.35 -1.22 12.52
CA LEU A 77 -0.07 0.12 12.89
C LEU A 77 -0.64 0.10 14.31
N VAL A 78 -1.10 1.26 14.75
CA VAL A 78 -1.66 1.39 16.08
C VAL A 78 -3.17 1.19 16.00
N LEU A 79 -3.76 0.91 17.16
CA LEU A 79 -5.20 0.69 17.25
C LEU A 79 -5.92 2.03 17.07
N PRO A 80 -6.99 2.00 16.23
CA PRO A 80 -7.77 3.19 15.97
C PRO A 80 -8.67 3.52 17.16
N ILE A 81 -8.57 4.77 17.61
CA ILE A 81 -9.37 5.22 18.74
C ILE A 81 -10.78 5.55 18.26
N LYS A 82 -10.86 6.48 17.32
CA LYS A 82 -12.14 6.89 16.78
C LYS A 82 -12.02 7.00 15.25
N GLU A 83 -13.18 7.03 14.60
CA GLU A 83 -13.22 7.14 13.15
C GLU A 83 -12.54 5.92 12.51
N ASP A 84 -13.10 5.48 11.40
CA ASP A 84 -12.55 4.34 10.68
C ASP A 84 -11.11 4.65 10.27
N TYR A 85 -10.39 3.58 9.94
CA TYR A 85 -9.00 3.72 9.54
C TYR A 85 -8.82 3.31 8.08
N ILE A 86 -8.32 4.25 7.28
CA ILE A 86 -8.09 4.00 5.87
C ILE A 86 -6.62 3.68 5.65
N ILE A 87 -6.37 2.44 5.24
CA ILE A 87 -5.02 1.99 4.99
C ILE A 87 -4.83 1.74 3.50
N GLU A 88 -3.71 2.23 2.98
CA GLU A 88 -3.41 2.08 1.56
C GLU A 88 -1.96 1.60 1.39
N VAL A 89 -1.83 0.47 0.72
CA VAL A 89 -0.52 -0.11 0.47
C VAL A 89 -0.12 0.17 -0.98
N LYS A 90 1.19 0.29 -1.18
CA LYS A 90 1.72 0.55 -2.50
C LYS A 90 3.21 0.21 -2.53
N ALA A 91 3.58 -0.57 -3.54
CA ALA A 91 4.97 -0.98 -3.69
C ALA A 91 5.82 0.23 -4.05
N THR A 92 7.10 0.14 -3.72
CA THR A 92 8.03 1.22 -4.00
C THR A 92 9.24 0.69 -4.78
N THR A 93 9.75 1.54 -5.67
CA THR A 93 10.90 1.19 -6.47
C THR A 93 11.93 2.31 -6.47
N ASP A 94 13.06 2.04 -7.10
CA ASP A 94 14.13 3.01 -7.18
C ASP A 94 13.68 4.18 -8.07
N GLY A 95 12.57 3.98 -8.74
CA GLY A 95 12.02 5.00 -9.63
C GLY A 95 11.05 5.92 -8.88
N GLY A 96 10.29 5.31 -7.98
CA GLY A 96 9.32 6.05 -7.19
C GLY A 96 8.32 5.11 -6.53
N ASP A 97 7.11 5.63 -6.34
CA ASP A 97 6.05 4.85 -5.71
C ASP A 97 5.33 4.03 -6.80
N GLY A 98 4.39 3.20 -6.33
CA GLY A 98 3.61 2.38 -7.24
C GLY A 98 2.12 2.73 -7.16
N THR A 99 1.32 1.67 -7.16
CA THR A 99 -0.13 1.85 -7.09
C THR A 99 -0.62 1.63 -5.66
N SER A 100 -1.75 2.25 -5.35
CA SER A 100 -2.33 2.13 -4.02
C SER A 100 -3.48 1.12 -4.05
N SER A 101 -3.25 -0.01 -3.40
CA SER A 101 -4.25 -1.06 -3.35
C SER A 101 -5.53 -0.52 -2.73
N GLU A 102 -6.58 -1.33 -2.80
CA GLU A 102 -7.87 -0.95 -2.24
C GLU A 102 -7.72 -0.53 -0.78
N GLN A 103 -8.13 0.69 -0.50
CA GLN A 103 -8.04 1.21 0.85
C GLN A 103 -8.78 0.30 1.83
N ILE A 104 -8.17 0.12 2.99
CA ILE A 104 -8.76 -0.73 4.02
C ILE A 104 -9.72 0.11 4.88
N ARG A 105 -10.60 -0.59 5.58
CA ARG A 105 -11.57 0.06 6.43
C ARG A 105 -11.62 -0.63 7.80
N ILE A 106 -10.90 -0.06 8.75
CA ILE A 106 -10.86 -0.61 10.09
C ILE A 106 -11.61 0.33 11.04
N PRO A 107 -12.87 -0.06 11.36
CA PRO A 107 -13.70 0.73 12.25
C PRO A 107 -13.25 0.58 13.70
N ARG A 108 -13.93 1.31 14.58
CA ARG A 108 -13.61 1.25 16.00
C ARG A 108 -13.33 -0.20 16.43
N ILE A 109 -12.31 -0.35 17.26
CA ILE A 109 -11.94 -1.66 17.75
C ILE A 109 -13.07 -2.23 18.59
N THR A 110 -13.43 -3.47 18.28
CA THR A 110 -14.50 -4.14 19.00
C THR A 110 -14.20 -4.16 20.51
N SER A 111 -15.02 -3.42 21.25
CA SER A 111 -14.85 -3.35 22.69
C SER A 111 -15.96 -4.14 23.38
N SER A 112 -15.65 -5.39 23.68
CA SER A 112 -16.60 -6.27 24.34
C SER A 112 -17.88 -6.37 23.51
N GLY A 113 -18.70 -7.34 23.87
CA GLY A 113 -19.96 -7.55 23.18
C GLY A 113 -19.93 -8.86 22.38
N PRO A 114 -20.89 -9.76 22.72
CA PRO A 114 -20.99 -11.04 22.04
C PRO A 114 -21.58 -10.89 20.64
N SER A 115 -20.79 -11.29 19.65
CA SER A 115 -21.22 -11.20 18.28
C SER A 115 -21.48 -12.60 17.71
N SER A 116 -22.06 -12.62 16.52
CA SER A 116 -22.38 -13.89 15.87
C SER A 116 -22.63 -13.65 14.38
N GLY A 117 -21.64 -14.01 13.58
CA GLY A 117 -21.75 -13.85 12.14
C GLY A 117 -22.49 -15.03 11.50
N GLY A 1 -2.16 14.69 -39.81
CA GLY A 1 -2.02 13.38 -40.43
C GLY A 1 -2.92 12.36 -39.73
N SER A 2 -3.08 11.21 -40.39
CA SER A 2 -3.91 10.15 -39.84
C SER A 2 -3.22 8.80 -40.07
N SER A 3 -2.34 8.46 -39.14
CA SER A 3 -1.61 7.20 -39.22
C SER A 3 -1.01 6.86 -37.87
N GLY A 4 -0.58 5.61 -37.75
CA GLY A 4 0.02 5.14 -36.50
C GLY A 4 1.36 4.45 -36.77
N SER A 5 1.28 3.13 -36.92
CA SER A 5 2.47 2.34 -37.18
C SER A 5 3.46 2.49 -36.02
N SER A 6 4.48 1.63 -36.04
CA SER A 6 5.50 1.67 -35.00
C SER A 6 6.73 2.41 -35.49
N GLY A 7 7.63 2.69 -34.56
CA GLY A 7 8.85 3.40 -34.87
C GLY A 7 10.03 2.87 -34.06
N THR A 8 11.06 3.69 -33.95
CA THR A 8 12.25 3.32 -33.20
C THR A 8 12.17 3.87 -31.78
N VAL A 9 12.91 3.21 -30.89
CA VAL A 9 12.93 3.60 -29.49
C VAL A 9 14.37 3.91 -29.08
N ASN A 10 14.51 4.90 -28.21
CA ASN A 10 15.83 5.29 -27.72
C ASN A 10 16.35 4.23 -26.76
N VAL A 11 17.67 4.18 -26.65
CA VAL A 11 18.31 3.20 -25.77
C VAL A 11 18.66 3.88 -24.44
N THR A 12 17.64 4.46 -23.83
CA THR A 12 17.82 5.15 -22.56
C THR A 12 18.31 4.16 -21.50
N THR A 13 18.64 4.71 -20.33
CA THR A 13 19.12 3.91 -19.23
C THR A 13 18.39 4.27 -17.93
N LYS A 14 17.07 4.18 -17.99
CA LYS A 14 16.25 4.50 -16.84
C LYS A 14 15.11 3.47 -16.73
N LYS A 15 14.63 3.29 -15.51
CA LYS A 15 13.55 2.36 -15.26
C LYS A 15 12.37 3.09 -14.62
N THR A 16 11.29 2.36 -14.42
CA THR A 16 10.10 2.94 -13.81
C THR A 16 9.42 1.92 -12.89
N PRO A 17 8.59 2.45 -11.96
CA PRO A 17 7.88 1.59 -11.02
C PRO A 17 6.71 0.89 -11.71
N PRO A 18 6.45 -0.38 -11.28
CA PRO A 18 5.37 -1.17 -11.84
C PRO A 18 4.01 -0.68 -11.32
N SER A 19 3.05 -0.69 -12.23
CA SER A 19 1.70 -0.26 -11.88
C SER A 19 0.89 -1.44 -11.36
N GLN A 20 1.57 -2.30 -10.61
CA GLN A 20 0.92 -3.48 -10.05
C GLN A 20 0.71 -3.30 -8.54
N PRO A 21 -0.58 -3.09 -8.16
CA PRO A 21 -0.93 -2.90 -6.76
C PRO A 21 -0.88 -4.23 -6.00
N PRO A 22 -0.58 -4.13 -4.68
CA PRO A 22 -0.50 -5.31 -3.84
C PRO A 22 -1.90 -5.84 -3.51
N GLY A 23 -2.08 -7.14 -3.77
CA GLY A 23 -3.35 -7.78 -3.50
C GLY A 23 -3.34 -8.47 -2.13
N ASN A 24 -4.38 -9.26 -1.91
CA ASN A 24 -4.51 -9.99 -0.66
C ASN A 24 -4.25 -9.03 0.52
N VAL A 25 -4.54 -7.76 0.28
CA VAL A 25 -4.35 -6.75 1.29
C VAL A 25 -5.35 -6.95 2.41
N VAL A 26 -4.95 -7.75 3.39
CA VAL A 26 -5.81 -8.04 4.53
C VAL A 26 -5.29 -7.29 5.76
N TRP A 27 -6.15 -7.19 6.75
CA TRP A 27 -5.80 -6.49 7.99
C TRP A 27 -6.27 -7.36 9.16
N ASN A 28 -5.97 -6.88 10.36
CA ASN A 28 -6.35 -7.60 11.57
C ASN A 28 -6.09 -6.69 12.78
N ALA A 29 -6.63 -7.13 13.91
CA ALA A 29 -6.46 -6.39 15.15
C ALA A 29 -6.15 -7.35 16.29
N THR A 30 -4.97 -7.21 16.85
CA THR A 30 -4.54 -8.06 17.95
C THR A 30 -3.54 -7.32 18.84
N ASP A 31 -3.54 -7.69 20.11
CA ASP A 31 -2.65 -7.07 21.08
C ASP A 31 -2.55 -5.58 20.78
N THR A 32 -3.69 -4.91 20.94
CA THR A 32 -3.74 -3.47 20.69
C THR A 32 -2.82 -3.08 19.54
N LYS A 33 -3.03 -3.76 18.41
CA LYS A 33 -2.22 -3.50 17.24
C LYS A 33 -3.04 -3.85 15.98
N VAL A 34 -2.43 -3.59 14.83
CA VAL A 34 -3.09 -3.88 13.57
C VAL A 34 -2.11 -4.62 12.64
N LEU A 35 -2.29 -5.92 12.57
CA LEU A 35 -1.43 -6.74 11.73
C LEU A 35 -1.92 -6.68 10.28
N LEU A 36 -1.12 -6.05 9.44
CA LEU A 36 -1.46 -5.91 8.04
C LEU A 36 -0.76 -7.01 7.24
N ASN A 37 -1.33 -7.31 6.08
CA ASN A 37 -0.76 -8.33 5.21
C ASN A 37 -1.29 -8.13 3.79
N TRP A 38 -0.36 -8.14 2.84
CA TRP A 38 -0.72 -7.97 1.44
C TRP A 38 0.29 -8.74 0.59
N GLU A 39 -0.19 -9.24 -0.53
CA GLU A 39 0.65 -10.00 -1.44
C GLU A 39 1.78 -9.11 -1.97
N GLN A 40 2.68 -9.74 -2.72
CA GLN A 40 3.81 -9.03 -3.29
C GLN A 40 3.46 -8.52 -4.69
N VAL A 41 4.27 -7.59 -5.17
CA VAL A 41 4.06 -7.02 -6.50
C VAL A 41 5.30 -7.27 -7.36
N LYS A 42 5.10 -8.10 -8.38
CA LYS A 42 6.19 -8.43 -9.28
C LYS A 42 6.18 -7.46 -10.46
N ALA A 43 7.21 -6.64 -10.52
CA ALA A 43 7.34 -5.67 -11.59
C ALA A 43 6.92 -6.31 -12.92
N MET A 44 6.43 -5.47 -13.82
CA MET A 44 5.99 -5.95 -15.12
C MET A 44 7.17 -6.05 -16.09
N GLU A 45 6.84 -6.19 -17.37
CA GLU A 45 7.85 -6.30 -18.40
C GLU A 45 8.70 -5.03 -18.44
N ASN A 46 9.99 -5.21 -18.20
CA ASN A 46 10.92 -4.09 -18.21
C ASN A 46 10.51 -3.09 -17.13
N GLU A 47 10.21 -3.62 -15.95
CA GLU A 47 9.80 -2.78 -14.84
C GLU A 47 10.75 -2.97 -13.65
N SER A 48 10.70 -2.02 -12.74
CA SER A 48 11.55 -2.07 -11.56
C SER A 48 10.86 -2.90 -10.46
N GLU A 49 11.56 -3.93 -10.02
CA GLU A 49 11.05 -4.81 -8.99
C GLU A 49 10.71 -4.00 -7.73
N VAL A 50 9.90 -4.60 -6.88
CA VAL A 50 9.49 -3.95 -5.64
C VAL A 50 10.54 -4.23 -4.56
N THR A 51 11.11 -3.16 -4.05
CA THR A 51 12.12 -3.28 -3.01
C THR A 51 11.51 -3.01 -1.64
N GLY A 52 10.31 -2.46 -1.65
CA GLY A 52 9.61 -2.14 -0.43
C GLY A 52 8.16 -1.73 -0.71
N TYR A 53 7.55 -1.11 0.30
CA TYR A 53 6.17 -0.66 0.16
C TYR A 53 5.89 0.51 1.11
N LYS A 54 4.82 1.24 0.79
CA LYS A 54 4.44 2.38 1.60
C LYS A 54 3.04 2.15 2.16
N VAL A 55 2.97 2.08 3.48
CA VAL A 55 1.71 1.87 4.17
C VAL A 55 1.06 3.21 4.50
N PHE A 56 0.11 3.59 3.66
CA PHE A 56 -0.59 4.86 3.85
C PHE A 56 -1.82 4.68 4.72
N TYR A 57 -1.66 5.04 5.99
CA TYR A 57 -2.76 4.92 6.94
C TYR A 57 -3.29 6.29 7.34
N ARG A 58 -4.60 6.39 7.38
CA ARG A 58 -5.25 7.64 7.75
C ARG A 58 -6.66 7.38 8.29
N THR A 59 -7.05 8.19 9.27
CA THR A 59 -8.36 8.05 9.87
C THR A 59 -9.46 8.31 8.84
N SER A 60 -10.68 8.02 9.25
CA SER A 60 -11.83 8.22 8.37
C SER A 60 -11.80 9.62 7.78
N SER A 61 -11.13 10.52 8.49
CA SER A 61 -11.01 11.90 8.05
C SER A 61 -9.91 12.61 8.84
N GLN A 62 -8.69 12.49 8.32
CA GLN A 62 -7.55 13.12 8.96
C GLN A 62 -7.02 14.26 8.10
N ASN A 63 -6.06 14.98 8.65
CA ASN A 63 -5.46 16.10 7.94
C ASN A 63 -4.70 15.58 6.72
N ASN A 64 -3.66 14.80 6.99
CA ASN A 64 -2.85 14.24 5.93
C ASN A 64 -2.41 12.83 6.32
N VAL A 65 -2.60 11.89 5.41
CA VAL A 65 -2.22 10.51 5.64
C VAL A 65 -0.72 10.42 5.85
N GLN A 66 -0.31 9.41 6.60
CA GLN A 66 1.11 9.22 6.88
C GLN A 66 1.63 8.00 6.10
N VAL A 67 2.94 7.99 5.90
CA VAL A 67 3.57 6.90 5.18
C VAL A 67 4.46 6.11 6.14
N LEU A 68 4.59 4.82 5.86
CA LEU A 68 5.41 3.95 6.69
C LEU A 68 6.29 3.08 5.79
N ASN A 69 7.58 3.08 6.10
CA ASN A 69 8.53 2.30 5.33
C ASN A 69 8.55 0.87 5.86
N THR A 70 8.24 -0.05 4.97
CA THR A 70 8.22 -1.47 5.33
C THR A 70 8.93 -2.30 4.25
N ASN A 71 9.99 -2.97 4.69
CA ASN A 71 10.76 -3.80 3.78
C ASN A 71 10.16 -5.22 3.77
N LYS A 72 8.85 -5.28 3.78
CA LYS A 72 8.15 -6.56 3.78
C LYS A 72 6.78 -6.39 3.10
N THR A 73 5.99 -7.44 3.19
CA THR A 73 4.66 -7.42 2.60
C THR A 73 3.60 -7.24 3.68
N SER A 74 4.07 -6.92 4.88
CA SER A 74 3.17 -6.72 5.99
C SER A 74 3.51 -5.41 6.71
N ALA A 75 2.77 -5.13 7.77
CA ALA A 75 2.98 -3.92 8.55
C ALA A 75 2.21 -4.03 9.86
N GLU A 76 2.48 -3.06 10.74
CA GLU A 76 1.82 -3.04 12.03
C GLU A 76 1.52 -1.59 12.44
N LEU A 77 0.24 -1.29 12.54
CA LEU A 77 -0.19 0.05 12.92
C LEU A 77 -0.79 0.00 14.32
N VAL A 78 -1.28 1.16 14.76
CA VAL A 78 -1.89 1.27 16.07
C VAL A 78 -3.40 1.14 15.95
N LEU A 79 -4.03 0.73 17.03
CA LEU A 79 -5.48 0.56 17.05
C LEU A 79 -6.14 1.93 16.82
N PRO A 80 -7.28 1.89 16.10
CA PRO A 80 -8.03 3.10 15.80
C PRO A 80 -8.78 3.60 17.05
N ILE A 81 -8.57 4.87 17.36
CA ILE A 81 -9.21 5.48 18.51
C ILE A 81 -10.64 5.88 18.13
N LYS A 82 -10.73 6.68 17.08
CA LYS A 82 -12.02 7.15 16.61
C LYS A 82 -12.00 7.26 15.08
N GLU A 83 -13.18 7.17 14.49
CA GLU A 83 -13.30 7.26 13.05
C GLU A 83 -12.58 6.08 12.38
N ASP A 84 -13.23 5.52 11.37
CA ASP A 84 -12.68 4.40 10.65
C ASP A 84 -11.23 4.70 10.27
N TYR A 85 -10.55 3.68 9.78
CA TYR A 85 -9.15 3.82 9.39
C TYR A 85 -8.95 3.40 7.93
N ILE A 86 -8.45 4.33 7.13
CA ILE A 86 -8.21 4.06 5.73
C ILE A 86 -6.72 3.76 5.53
N ILE A 87 -6.44 2.51 5.20
CA ILE A 87 -5.08 2.08 4.97
C ILE A 87 -4.85 1.87 3.47
N GLU A 88 -3.65 2.25 3.03
CA GLU A 88 -3.30 2.10 1.63
C GLU A 88 -1.89 1.53 1.49
N VAL A 89 -1.82 0.39 0.80
CA VAL A 89 -0.54 -0.27 0.59
C VAL A 89 0.06 0.19 -0.73
N LYS A 90 1.32 0.60 -0.68
CA LYS A 90 2.02 1.07 -1.86
C LYS A 90 3.33 0.29 -2.02
N ALA A 91 3.77 0.20 -3.27
CA ALA A 91 5.01 -0.51 -3.56
C ALA A 91 6.07 0.50 -3.99
N THR A 92 7.24 0.38 -3.39
CA THR A 92 8.34 1.26 -3.70
C THR A 92 9.39 0.54 -4.55
N THR A 93 10.07 1.31 -5.37
CA THR A 93 11.10 0.75 -6.24
C THR A 93 12.32 1.67 -6.29
N ASP A 94 13.21 1.38 -7.22
CA ASP A 94 14.41 2.17 -7.39
C ASP A 94 14.05 3.54 -7.96
N GLY A 95 12.81 3.64 -8.44
CA GLY A 95 12.32 4.88 -9.02
C GLY A 95 11.53 5.69 -7.98
N GLY A 96 10.83 4.97 -7.13
CA GLY A 96 10.04 5.61 -6.09
C GLY A 96 8.84 4.74 -5.70
N ASP A 97 7.73 5.41 -5.44
CA ASP A 97 6.51 4.71 -5.06
C ASP A 97 5.91 4.03 -6.28
N GLY A 98 4.70 3.52 -6.11
CA GLY A 98 4.01 2.85 -7.20
C GLY A 98 2.50 3.08 -7.12
N THR A 99 1.77 1.98 -7.07
CA THR A 99 0.31 2.05 -6.99
C THR A 99 -0.16 1.72 -5.57
N SER A 100 -1.32 2.27 -5.23
CA SER A 100 -1.89 2.05 -3.92
C SER A 100 -3.06 1.07 -4.01
N SER A 101 -2.97 0.01 -3.22
CA SER A 101 -4.00 -1.01 -3.21
C SER A 101 -5.34 -0.40 -2.79
N GLU A 102 -6.33 -1.26 -2.64
CA GLU A 102 -7.66 -0.81 -2.25
C GLU A 102 -7.66 -0.36 -0.79
N GLN A 103 -8.10 0.87 -0.58
CA GLN A 103 -8.16 1.43 0.76
C GLN A 103 -8.86 0.46 1.70
N ILE A 104 -8.25 0.26 2.86
CA ILE A 104 -8.80 -0.63 3.86
C ILE A 104 -9.78 0.14 4.75
N ARG A 105 -10.63 -0.61 5.42
CA ARG A 105 -11.62 0.00 6.31
C ARG A 105 -11.62 -0.72 7.67
N ILE A 106 -10.99 -0.07 8.63
CA ILE A 106 -10.90 -0.63 9.97
C ILE A 106 -11.68 0.27 10.94
N PRO A 107 -12.95 -0.13 11.21
CA PRO A 107 -13.80 0.63 12.11
C PRO A 107 -13.38 0.42 13.57
N ARG A 108 -13.86 1.30 14.42
CA ARG A 108 -13.54 1.23 15.84
C ARG A 108 -13.49 -0.23 16.30
N ILE A 109 -12.60 -0.49 17.25
CA ILE A 109 -12.45 -1.83 17.78
C ILE A 109 -13.69 -2.20 18.61
N THR A 110 -14.19 -3.40 18.36
CA THR A 110 -15.36 -3.88 19.08
C THR A 110 -15.22 -3.61 20.58
N SER A 111 -16.34 -3.70 21.28
CA SER A 111 -16.36 -3.47 22.71
C SER A 111 -16.32 -4.80 23.45
N SER A 112 -17.24 -5.67 23.08
CA SER A 112 -17.33 -6.99 23.70
C SER A 112 -18.07 -7.96 22.79
N GLY A 113 -17.38 -9.03 22.42
CA GLY A 113 -17.96 -10.03 21.55
C GLY A 113 -17.87 -11.43 22.17
N PRO A 114 -18.76 -12.33 21.70
CA PRO A 114 -18.78 -13.69 22.20
C PRO A 114 -17.61 -14.50 21.65
N SER A 115 -16.53 -14.52 22.40
CA SER A 115 -15.34 -15.25 21.99
C SER A 115 -14.93 -14.84 20.57
N SER A 116 -13.80 -15.38 20.14
CA SER A 116 -13.30 -15.07 18.81
C SER A 116 -13.06 -16.36 18.03
N GLY A 117 -13.92 -16.58 17.04
CA GLY A 117 -13.82 -17.77 16.21
C GLY A 117 -13.76 -17.40 14.73
N GLY A 1 5.27 -8.30 -50.73
CA GLY A 1 5.33 -7.66 -49.43
C GLY A 1 6.77 -7.32 -49.05
N SER A 2 6.95 -6.06 -48.63
CA SER A 2 8.27 -5.59 -48.24
C SER A 2 8.20 -4.12 -47.82
N SER A 3 8.82 -3.83 -46.70
CA SER A 3 8.84 -2.48 -46.17
C SER A 3 9.62 -2.43 -44.86
N GLY A 4 10.31 -1.31 -44.66
CA GLY A 4 11.10 -1.13 -43.45
C GLY A 4 11.76 0.25 -43.44
N SER A 5 11.46 1.01 -42.39
CA SER A 5 12.01 2.34 -42.24
C SER A 5 11.75 2.86 -40.82
N SER A 6 12.78 3.49 -40.26
CA SER A 6 12.68 4.03 -38.92
C SER A 6 13.81 5.03 -38.67
N GLY A 7 13.69 5.76 -37.57
CA GLY A 7 14.69 6.73 -37.21
C GLY A 7 14.23 7.58 -36.01
N THR A 8 14.92 7.40 -34.90
CA THR A 8 14.59 8.13 -33.68
C THR A 8 15.71 7.98 -32.66
N VAL A 9 15.89 9.03 -31.87
CA VAL A 9 16.92 9.02 -30.85
C VAL A 9 16.35 9.64 -29.56
N ASN A 10 16.82 9.12 -28.44
CA ASN A 10 16.38 9.61 -27.15
C ASN A 10 17.12 8.87 -26.04
N VAL A 11 17.68 9.65 -25.12
CA VAL A 11 18.44 9.09 -24.01
C VAL A 11 17.81 9.54 -22.69
N THR A 12 17.18 8.59 -22.01
CA THR A 12 16.54 8.89 -20.74
C THR A 12 17.23 8.13 -19.61
N THR A 13 17.16 8.72 -18.41
CA THR A 13 17.77 8.11 -17.24
C THR A 13 16.77 8.07 -16.09
N LYS A 14 15.93 7.04 -16.11
CA LYS A 14 14.93 6.87 -15.08
C LYS A 14 14.00 5.70 -15.46
N LYS A 15 13.69 4.89 -14.46
CA LYS A 15 12.82 3.75 -14.68
C LYS A 15 11.40 4.10 -14.23
N THR A 16 10.54 3.10 -14.28
CA THR A 16 9.15 3.29 -13.88
C THR A 16 8.68 2.11 -13.01
N PRO A 17 7.59 2.37 -12.24
CA PRO A 17 7.03 1.36 -11.37
C PRO A 17 6.26 0.31 -12.17
N PRO A 18 5.94 -0.82 -11.49
CA PRO A 18 5.19 -1.89 -12.12
C PRO A 18 3.71 -1.53 -12.28
N SER A 19 3.30 -0.54 -11.50
CA SER A 19 1.93 -0.08 -11.54
C SER A 19 0.99 -1.19 -11.05
N GLN A 20 1.60 -2.21 -10.48
CA GLN A 20 0.84 -3.35 -9.96
C GLN A 20 0.59 -3.18 -8.47
N PRO A 21 -0.71 -2.97 -8.12
CA PRO A 21 -1.09 -2.80 -6.73
C PRO A 21 -1.07 -4.13 -5.98
N PRO A 22 -0.75 -4.04 -4.66
CA PRO A 22 -0.68 -5.24 -3.83
C PRO A 22 -2.09 -5.74 -3.48
N GLY A 23 -2.31 -7.01 -3.80
CA GLY A 23 -3.60 -7.62 -3.54
C GLY A 23 -3.58 -8.38 -2.20
N ASN A 24 -4.64 -9.14 -1.97
CA ASN A 24 -4.77 -9.91 -0.75
C ASN A 24 -4.46 -9.01 0.45
N VAL A 25 -4.67 -7.72 0.25
CA VAL A 25 -4.41 -6.74 1.30
C VAL A 25 -5.38 -7.00 2.46
N VAL A 26 -4.91 -7.80 3.42
CA VAL A 26 -5.73 -8.12 4.58
C VAL A 26 -5.18 -7.38 5.79
N TRP A 27 -6.04 -7.23 6.79
CA TRP A 27 -5.65 -6.54 8.01
C TRP A 27 -6.14 -7.38 9.20
N ASN A 28 -5.82 -6.90 10.39
CA ASN A 28 -6.21 -7.60 11.60
C ASN A 28 -5.97 -6.68 12.81
N ALA A 29 -6.58 -7.06 13.92
CA ALA A 29 -6.44 -6.28 15.15
C ALA A 29 -6.24 -7.23 16.33
N THR A 30 -5.07 -7.10 16.94
CA THR A 30 -4.74 -7.95 18.09
C THR A 30 -3.98 -7.14 19.14
N ASP A 31 -4.04 -7.62 20.37
CA ASP A 31 -3.37 -6.96 21.47
C ASP A 31 -3.71 -5.46 21.45
N THR A 32 -2.86 -4.70 20.78
CA THR A 32 -3.06 -3.27 20.67
C THR A 32 -2.35 -2.72 19.43
N LYS A 33 -2.49 -3.45 18.34
CA LYS A 33 -1.87 -3.05 17.08
C LYS A 33 -2.70 -3.60 15.92
N VAL A 34 -2.32 -3.17 14.73
CA VAL A 34 -3.02 -3.61 13.52
C VAL A 34 -2.04 -4.37 12.63
N LEU A 35 -2.25 -5.68 12.57
CA LEU A 35 -1.39 -6.54 11.77
C LEU A 35 -1.87 -6.50 10.31
N LEU A 36 -1.08 -5.85 9.47
CA LEU A 36 -1.42 -5.72 8.07
C LEU A 36 -0.65 -6.79 7.27
N ASN A 37 -1.30 -7.27 6.22
CA ASN A 37 -0.69 -8.29 5.38
C ASN A 37 -1.27 -8.18 3.96
N TRP A 38 -0.37 -8.12 3.00
CA TRP A 38 -0.78 -8.01 1.60
C TRP A 38 0.17 -8.86 0.76
N GLU A 39 -0.25 -9.14 -0.45
CA GLU A 39 0.56 -9.94 -1.36
C GLU A 39 1.80 -9.16 -1.80
N GLN A 40 2.52 -9.74 -2.75
CA GLN A 40 3.73 -9.11 -3.27
C GLN A 40 3.50 -8.63 -4.70
N VAL A 41 4.35 -7.70 -5.11
CA VAL A 41 4.26 -7.15 -6.46
C VAL A 41 5.61 -7.29 -7.16
N LYS A 42 5.60 -8.04 -8.25
CA LYS A 42 6.82 -8.26 -9.01
C LYS A 42 6.70 -7.57 -10.36
N ALA A 43 7.62 -6.65 -10.61
CA ALA A 43 7.63 -5.91 -11.85
C ALA A 43 8.23 -6.77 -12.96
N MET A 44 7.81 -6.49 -14.18
CA MET A 44 8.30 -7.24 -15.33
C MET A 44 9.83 -7.08 -15.49
N GLU A 45 10.34 -7.66 -16.56
CA GLU A 45 11.76 -7.60 -16.84
C GLU A 45 12.11 -6.25 -17.48
N ASN A 46 11.10 -5.40 -17.59
CA ASN A 46 11.29 -4.09 -18.18
C ASN A 46 10.65 -3.03 -17.29
N GLU A 47 10.61 -3.34 -15.99
CA GLU A 47 10.02 -2.42 -15.02
C GLU A 47 10.84 -2.43 -13.73
N SER A 48 10.46 -1.53 -12.83
CA SER A 48 11.15 -1.42 -11.55
C SER A 48 10.59 -2.44 -10.56
N GLU A 49 11.48 -3.28 -10.06
CA GLU A 49 11.09 -4.30 -9.11
C GLU A 49 10.68 -3.67 -7.78
N VAL A 50 9.91 -4.42 -7.02
CA VAL A 50 9.44 -3.95 -5.72
C VAL A 50 10.53 -4.18 -4.67
N THR A 51 11.08 -3.08 -4.18
CA THR A 51 12.13 -3.15 -3.18
C THR A 51 11.55 -2.90 -1.78
N GLY A 52 10.29 -2.46 -1.77
CA GLY A 52 9.62 -2.19 -0.51
C GLY A 52 8.17 -1.74 -0.76
N TYR A 53 7.54 -1.28 0.32
CA TYR A 53 6.17 -0.81 0.24
C TYR A 53 5.93 0.34 1.22
N LYS A 54 4.90 1.12 0.92
CA LYS A 54 4.54 2.25 1.76
C LYS A 54 3.11 2.07 2.26
N VAL A 55 2.99 1.96 3.57
CA VAL A 55 1.68 1.80 4.19
C VAL A 55 1.07 3.17 4.46
N PHE A 56 0.02 3.48 3.72
CA PHE A 56 -0.66 4.76 3.87
C PHE A 56 -1.91 4.61 4.74
N TYR A 57 -1.77 5.00 5.99
CA TYR A 57 -2.87 4.92 6.94
C TYR A 57 -3.39 6.32 7.30
N ARG A 58 -4.70 6.43 7.32
CA ARG A 58 -5.34 7.70 7.66
C ARG A 58 -6.75 7.47 8.18
N THR A 59 -7.10 8.22 9.21
CA THR A 59 -8.43 8.10 9.81
C THR A 59 -9.51 8.36 8.76
N SER A 60 -10.74 8.05 9.14
CA SER A 60 -11.87 8.24 8.26
C SER A 60 -11.76 9.59 7.55
N SER A 61 -11.30 10.59 8.30
CA SER A 61 -11.13 11.93 7.77
C SER A 61 -9.86 12.56 8.32
N GLN A 62 -8.74 12.17 7.72
CA GLN A 62 -7.45 12.71 8.14
C GLN A 62 -6.97 13.79 7.17
N ASN A 63 -6.34 14.80 7.73
CA ASN A 63 -5.84 15.91 6.94
C ASN A 63 -4.89 15.37 5.87
N ASN A 64 -3.78 14.80 6.34
CA ASN A 64 -2.79 14.24 5.44
C ASN A 64 -2.39 12.85 5.93
N VAL A 65 -2.59 11.87 5.06
CA VAL A 65 -2.25 10.49 5.39
C VAL A 65 -0.75 10.39 5.65
N GLN A 66 -0.39 9.39 6.46
CA GLN A 66 1.01 9.17 6.79
C GLN A 66 1.57 8.03 5.96
N VAL A 67 2.86 7.79 6.14
CA VAL A 67 3.54 6.72 5.41
C VAL A 67 4.42 5.93 6.38
N LEU A 68 4.54 4.64 6.11
CA LEU A 68 5.35 3.77 6.95
C LEU A 68 6.22 2.89 6.04
N ASN A 69 7.51 2.89 6.35
CA ASN A 69 8.47 2.09 5.60
C ASN A 69 8.34 0.63 6.01
N THR A 70 8.34 -0.24 5.00
CA THR A 70 8.23 -1.67 5.23
C THR A 70 8.83 -2.45 4.07
N ASN A 71 9.89 -3.19 4.39
CA ASN A 71 10.57 -3.98 3.38
C ASN A 71 9.97 -5.39 3.36
N LYS A 72 8.73 -5.48 3.80
CA LYS A 72 8.03 -6.76 3.85
C LYS A 72 6.64 -6.60 3.23
N THR A 73 5.95 -7.72 3.10
CA THR A 73 4.62 -7.71 2.53
C THR A 73 3.56 -7.53 3.63
N SER A 74 4.05 -7.18 4.81
CA SER A 74 3.17 -6.97 5.94
C SER A 74 3.53 -5.66 6.64
N ALA A 75 2.87 -5.43 7.77
CA ALA A 75 3.11 -4.22 8.55
C ALA A 75 2.36 -4.30 9.87
N GLU A 76 2.63 -3.34 10.74
CA GLU A 76 1.99 -3.29 12.04
C GLU A 76 1.75 -1.85 12.47
N LEU A 77 0.47 -1.50 12.60
CA LEU A 77 0.11 -0.16 12.99
C LEU A 77 -0.58 -0.21 14.36
N VAL A 78 -1.00 0.96 14.82
CA VAL A 78 -1.67 1.07 16.11
C VAL A 78 -3.18 0.86 15.91
N LEU A 79 -3.91 1.06 16.99
CA LEU A 79 -5.36 0.90 16.95
C LEU A 79 -6.02 2.28 16.90
N PRO A 80 -7.06 2.39 16.03
CA PRO A 80 -7.78 3.65 15.88
C PRO A 80 -8.70 3.90 17.08
N ILE A 81 -8.56 5.09 17.65
CA ILE A 81 -9.37 5.46 18.80
C ILE A 81 -10.80 5.77 18.33
N LYS A 82 -10.89 6.59 17.29
CA LYS A 82 -12.18 6.97 16.75
C LYS A 82 -12.06 7.13 15.23
N GLU A 83 -13.21 7.18 14.58
CA GLU A 83 -13.25 7.33 13.14
C GLU A 83 -12.58 6.13 12.46
N ASP A 84 -13.20 5.68 11.39
CA ASP A 84 -12.66 4.55 10.64
C ASP A 84 -11.21 4.83 10.25
N TYR A 85 -10.58 3.82 9.68
CA TYR A 85 -9.19 3.94 9.26
C TYR A 85 -9.02 3.52 7.80
N ILE A 86 -8.49 4.45 7.01
CA ILE A 86 -8.27 4.19 5.60
C ILE A 86 -6.79 3.87 5.37
N ILE A 87 -6.51 2.58 5.21
CA ILE A 87 -5.14 2.13 4.99
C ILE A 87 -4.95 1.85 3.49
N GLU A 88 -3.76 2.20 3.02
CA GLU A 88 -3.43 1.99 1.62
C GLU A 88 -2.01 1.44 1.48
N VAL A 89 -1.91 0.31 0.78
CA VAL A 89 -0.61 -0.32 0.57
C VAL A 89 -0.05 0.12 -0.77
N LYS A 90 1.21 0.51 -0.76
CA LYS A 90 1.88 0.95 -1.96
C LYS A 90 3.26 0.27 -2.06
N ALA A 91 3.65 0.00 -3.29
CA ALA A 91 4.94 -0.64 -3.54
C ALA A 91 5.98 0.42 -3.88
N THR A 92 7.21 0.16 -3.44
CA THR A 92 8.29 1.09 -3.70
C THR A 92 9.27 0.49 -4.72
N THR A 93 9.90 1.39 -5.47
CA THR A 93 10.86 0.96 -6.48
C THR A 93 12.08 1.88 -6.47
N ASP A 94 13.02 1.59 -7.36
CA ASP A 94 14.23 2.37 -7.47
C ASP A 94 13.90 3.72 -8.13
N GLY A 95 12.73 3.78 -8.72
CA GLY A 95 12.28 4.99 -9.39
C GLY A 95 11.38 5.83 -8.46
N GLY A 96 10.62 5.13 -7.65
CA GLY A 96 9.72 5.79 -6.72
C GLY A 96 8.67 4.81 -6.18
N ASP A 97 7.47 5.34 -5.97
CA ASP A 97 6.38 4.53 -5.46
C ASP A 97 5.65 3.87 -6.63
N GLY A 98 4.69 3.02 -6.29
CA GLY A 98 3.92 2.32 -7.31
C GLY A 98 2.43 2.70 -7.21
N THR A 99 1.60 1.67 -7.21
CA THR A 99 0.16 1.88 -7.12
C THR A 99 -0.35 1.49 -5.74
N SER A 100 -1.44 2.14 -5.34
CA SER A 100 -2.04 1.88 -4.05
C SER A 100 -3.19 0.87 -4.20
N SER A 101 -3.12 -0.18 -3.38
CA SER A 101 -4.14 -1.22 -3.42
C SER A 101 -5.51 -0.61 -3.10
N GLU A 102 -6.36 -1.44 -2.52
CA GLU A 102 -7.70 -1.00 -2.16
C GLU A 102 -7.73 -0.53 -0.70
N GLN A 103 -8.13 0.72 -0.54
CA GLN A 103 -8.22 1.30 0.79
C GLN A 103 -8.90 0.35 1.76
N ILE A 104 -8.30 0.20 2.93
CA ILE A 104 -8.84 -0.68 3.95
C ILE A 104 -9.78 0.11 4.86
N ARG A 105 -10.73 -0.60 5.45
CA ARG A 105 -11.69 0.02 6.35
C ARG A 105 -11.66 -0.65 7.72
N ILE A 106 -11.06 0.05 8.68
CA ILE A 106 -10.95 -0.47 10.02
C ILE A 106 -11.69 0.46 10.99
N PRO A 107 -12.97 0.08 11.29
CA PRO A 107 -13.78 0.87 12.20
C PRO A 107 -13.34 0.68 13.65
N ARG A 108 -13.77 1.61 14.48
CA ARG A 108 -13.42 1.56 15.89
C ARG A 108 -13.44 0.11 16.39
N ILE A 109 -12.42 -0.22 17.17
CA ILE A 109 -12.30 -1.56 17.71
C ILE A 109 -13.43 -1.80 18.71
N THR A 110 -13.90 -3.04 18.74
CA THR A 110 -14.98 -3.42 19.64
C THR A 110 -14.48 -3.41 21.09
N SER A 111 -13.52 -4.27 21.37
CA SER A 111 -12.96 -4.35 22.71
C SER A 111 -13.96 -5.04 23.65
N SER A 112 -14.01 -6.36 23.55
CA SER A 112 -14.91 -7.14 24.38
C SER A 112 -14.36 -8.56 24.57
N GLY A 113 -14.04 -9.17 23.45
CA GLY A 113 -13.51 -10.53 23.46
C GLY A 113 -13.94 -11.31 22.22
N PRO A 114 -12.92 -11.79 21.46
CA PRO A 114 -13.17 -12.55 20.25
C PRO A 114 -13.64 -13.96 20.58
N SER A 115 -14.03 -14.68 19.54
CA SER A 115 -14.50 -16.05 19.71
C SER A 115 -13.31 -17.01 19.69
N SER A 116 -13.50 -18.14 20.36
CA SER A 116 -12.45 -19.15 20.44
C SER A 116 -13.01 -20.42 21.08
N GLY A 117 -12.76 -21.54 20.40
CA GLY A 117 -13.23 -22.83 20.89
C GLY A 117 -14.73 -22.80 21.17
N GLY A 1 -0.50 -12.08 -48.82
CA GLY A 1 0.72 -11.28 -48.76
C GLY A 1 1.27 -11.23 -47.34
N SER A 2 2.52 -10.81 -47.24
CA SER A 2 3.18 -10.70 -45.95
C SER A 2 4.55 -10.04 -46.11
N SER A 3 4.97 -9.36 -45.05
CA SER A 3 6.26 -8.68 -45.07
C SER A 3 6.64 -8.27 -43.65
N GLY A 4 7.89 -7.85 -43.50
CA GLY A 4 8.39 -7.42 -42.20
C GLY A 4 9.59 -6.48 -42.37
N SER A 5 9.95 -5.83 -41.27
CA SER A 5 11.07 -4.91 -41.27
C SER A 5 11.68 -4.82 -39.87
N SER A 6 12.92 -4.35 -39.82
CA SER A 6 13.62 -4.21 -38.56
C SER A 6 13.52 -2.77 -38.07
N GLY A 7 13.48 -2.63 -36.75
CA GLY A 7 13.39 -1.30 -36.14
C GLY A 7 12.90 -1.40 -34.69
N THR A 8 13.85 -1.46 -33.78
CA THR A 8 13.52 -1.55 -32.37
C THR A 8 14.64 -0.93 -31.52
N VAL A 9 14.24 -0.45 -30.35
CA VAL A 9 15.19 0.18 -29.44
C VAL A 9 15.90 -0.91 -28.63
N ASN A 10 17.13 -0.62 -28.25
CA ASN A 10 17.93 -1.56 -27.48
C ASN A 10 18.31 -0.92 -26.14
N VAL A 11 18.93 0.24 -26.24
CA VAL A 11 19.35 0.96 -25.04
C VAL A 11 18.14 1.69 -24.44
N THR A 12 18.14 1.76 -23.12
CA THR A 12 17.05 2.42 -22.40
C THR A 12 17.60 3.50 -21.48
N THR A 13 16.68 4.22 -20.85
CA THR A 13 17.06 5.28 -19.93
C THR A 13 16.13 5.28 -18.71
N LYS A 14 16.74 5.00 -17.55
CA LYS A 14 15.98 4.97 -16.31
C LYS A 14 14.85 3.95 -16.43
N LYS A 15 14.30 3.57 -15.29
CA LYS A 15 13.22 2.60 -15.26
C LYS A 15 11.97 3.27 -14.67
N THR A 16 10.92 2.47 -14.55
CA THR A 16 9.66 2.97 -14.02
C THR A 16 9.03 1.94 -13.08
N PRO A 17 8.15 2.44 -12.18
CA PRO A 17 7.48 1.56 -11.23
C PRO A 17 6.37 0.76 -11.92
N PRO A 18 6.12 -0.45 -11.36
CA PRO A 18 5.09 -1.33 -11.90
C PRO A 18 3.70 -0.83 -11.54
N SER A 19 2.80 -0.92 -12.52
CA SER A 19 1.42 -0.49 -12.31
C SER A 19 0.59 -1.64 -11.74
N GLN A 20 1.23 -2.42 -10.88
CA GLN A 20 0.56 -3.55 -10.27
C GLN A 20 0.46 -3.36 -8.75
N PRO A 21 -0.79 -3.11 -8.29
CA PRO A 21 -1.02 -2.89 -6.87
C PRO A 21 -0.97 -4.23 -6.10
N PRO A 22 -0.64 -4.11 -4.78
CA PRO A 22 -0.55 -5.29 -3.94
C PRO A 22 -1.94 -5.82 -3.59
N GLY A 23 -2.15 -7.10 -3.88
CA GLY A 23 -3.42 -7.73 -3.60
C GLY A 23 -3.38 -8.49 -2.28
N ASN A 24 -4.47 -9.17 -1.98
CA ASN A 24 -4.57 -9.95 -0.76
C ASN A 24 -4.30 -9.03 0.44
N VAL A 25 -4.51 -7.74 0.22
CA VAL A 25 -4.30 -6.76 1.26
C VAL A 25 -5.29 -7.00 2.40
N VAL A 26 -4.87 -7.82 3.36
CA VAL A 26 -5.70 -8.14 4.50
C VAL A 26 -5.16 -7.42 5.74
N TRP A 27 -6.05 -7.23 6.71
CA TRP A 27 -5.67 -6.57 7.94
C TRP A 27 -6.19 -7.41 9.10
N ASN A 28 -5.90 -6.95 10.31
CA ASN A 28 -6.33 -7.65 11.51
C ASN A 28 -6.09 -6.75 12.73
N ALA A 29 -6.76 -7.10 13.82
CA ALA A 29 -6.63 -6.35 15.06
C ALA A 29 -6.51 -7.31 16.23
N THR A 30 -5.39 -7.20 16.94
CA THR A 30 -5.14 -8.06 18.09
C THR A 30 -4.50 -7.26 19.22
N ASP A 31 -4.84 -7.65 20.44
CA ASP A 31 -4.30 -6.97 21.61
C ASP A 31 -4.50 -5.46 21.47
N THR A 32 -3.50 -4.82 20.90
CA THR A 32 -3.55 -3.38 20.69
C THR A 32 -2.66 -2.98 19.52
N LYS A 33 -2.77 -3.75 18.44
CA LYS A 33 -1.99 -3.49 17.25
C LYS A 33 -2.78 -3.94 16.02
N VAL A 34 -2.36 -3.44 14.87
CA VAL A 34 -3.02 -3.78 13.62
C VAL A 34 -2.02 -4.50 12.69
N LEU A 35 -2.17 -5.81 12.63
CA LEU A 35 -1.29 -6.62 11.80
C LEU A 35 -1.80 -6.60 10.36
N LEU A 36 -1.00 -5.98 9.49
CA LEU A 36 -1.36 -5.88 8.09
C LEU A 36 -0.66 -7.00 7.31
N ASN A 37 -1.21 -7.29 6.13
CA ASN A 37 -0.65 -8.33 5.29
C ASN A 37 -1.20 -8.18 3.88
N TRP A 38 -0.29 -8.13 2.92
CA TRP A 38 -0.68 -7.99 1.52
C TRP A 38 0.33 -8.78 0.67
N GLU A 39 -0.16 -9.26 -0.46
CA GLU A 39 0.67 -10.03 -1.37
C GLU A 39 1.87 -9.20 -1.82
N GLN A 40 2.67 -9.79 -2.69
CA GLN A 40 3.85 -9.12 -3.21
C GLN A 40 3.60 -8.65 -4.65
N VAL A 41 4.39 -7.67 -5.06
CA VAL A 41 4.27 -7.12 -6.40
C VAL A 41 5.55 -7.38 -7.17
N LYS A 42 5.42 -8.13 -8.26
CA LYS A 42 6.56 -8.46 -9.10
C LYS A 42 6.43 -7.74 -10.44
N ALA A 43 7.37 -6.84 -10.68
CA ALA A 43 7.38 -6.07 -11.91
C ALA A 43 7.84 -6.97 -13.06
N MET A 44 7.40 -6.63 -14.26
CA MET A 44 7.75 -7.39 -15.44
C MET A 44 9.24 -7.23 -15.77
N GLU A 45 9.62 -7.78 -16.91
CA GLU A 45 11.00 -7.72 -17.35
C GLU A 45 11.28 -6.38 -18.03
N ASN A 46 10.30 -5.49 -17.95
CA ASN A 46 10.43 -4.18 -18.56
C ASN A 46 9.98 -3.12 -17.56
N GLU A 47 10.17 -3.43 -16.29
CA GLU A 47 9.79 -2.51 -15.22
C GLU A 47 10.77 -2.62 -14.06
N SER A 48 10.46 -1.90 -12.99
CA SER A 48 11.30 -1.91 -11.81
C SER A 48 10.67 -2.76 -10.71
N GLU A 49 11.45 -3.71 -10.20
CA GLU A 49 10.97 -4.59 -9.16
C GLU A 49 10.66 -3.80 -7.88
N VAL A 50 9.95 -4.44 -6.98
CA VAL A 50 9.58 -3.81 -5.72
C VAL A 50 10.62 -4.16 -4.65
N THR A 51 11.15 -3.13 -4.02
CA THR A 51 12.14 -3.31 -2.98
C THR A 51 11.54 -2.99 -1.60
N GLY A 52 10.35 -2.41 -1.63
CA GLY A 52 9.66 -2.05 -0.41
C GLY A 52 8.22 -1.61 -0.69
N TYR A 53 7.60 -1.03 0.33
CA TYR A 53 6.23 -0.58 0.20
C TYR A 53 5.94 0.55 1.20
N LYS A 54 4.88 1.29 0.92
CA LYS A 54 4.49 2.39 1.77
C LYS A 54 3.06 2.14 2.28
N VAL A 55 2.96 2.04 3.61
CA VAL A 55 1.66 1.81 4.24
C VAL A 55 1.02 3.15 4.58
N PHE A 56 0.08 3.55 3.73
CA PHE A 56 -0.62 4.81 3.93
C PHE A 56 -1.83 4.62 4.85
N TYR A 57 -1.65 5.01 6.10
CA TYR A 57 -2.72 4.90 7.07
C TYR A 57 -3.27 6.28 7.47
N ARG A 58 -4.58 6.36 7.54
CA ARG A 58 -5.23 7.61 7.90
C ARG A 58 -6.63 7.33 8.48
N THR A 59 -7.00 8.15 9.45
CA THR A 59 -8.30 8.01 10.08
C THR A 59 -9.42 8.32 9.09
N SER A 60 -10.64 8.17 9.57
CA SER A 60 -11.81 8.44 8.74
C SER A 60 -11.92 9.94 8.47
N SER A 61 -11.08 10.70 9.13
CA SER A 61 -11.08 12.14 8.97
C SER A 61 -9.70 12.70 9.31
N GLN A 62 -8.91 12.92 8.26
CA GLN A 62 -7.57 13.46 8.43
C GLN A 62 -7.10 14.15 7.15
N ASN A 63 -7.36 13.48 6.03
CA ASN A 63 -6.98 14.02 4.73
C ASN A 63 -5.51 13.70 4.47
N ASN A 64 -4.65 14.31 5.27
CA ASN A 64 -3.21 14.10 5.13
C ASN A 64 -2.84 12.73 5.72
N VAL A 65 -2.63 11.78 4.83
CA VAL A 65 -2.27 10.43 5.25
C VAL A 65 -0.76 10.35 5.44
N GLN A 66 -0.35 9.43 6.31
CA GLN A 66 1.07 9.24 6.58
C GLN A 66 1.62 8.08 5.74
N VAL A 67 2.91 7.85 5.89
CA VAL A 67 3.57 6.79 5.16
C VAL A 67 4.52 6.04 6.09
N LEU A 68 4.49 4.72 6.00
CA LEU A 68 5.32 3.88 6.83
C LEU A 68 6.25 3.05 5.94
N ASN A 69 7.54 3.12 6.24
CA ASN A 69 8.53 2.38 5.48
C ASN A 69 8.54 0.92 5.94
N THR A 70 8.33 0.02 4.98
CA THR A 70 8.32 -1.39 5.28
C THR A 70 9.06 -2.17 4.18
N ASN A 71 10.03 -2.97 4.62
CA ASN A 71 10.81 -3.76 3.69
C ASN A 71 10.25 -5.18 3.65
N LYS A 72 8.94 -5.28 3.73
CA LYS A 72 8.26 -6.56 3.71
C LYS A 72 6.90 -6.40 3.04
N THR A 73 6.12 -7.48 3.09
CA THR A 73 4.80 -7.48 2.48
C THR A 73 3.73 -7.27 3.56
N SER A 74 4.19 -7.04 4.78
CA SER A 74 3.29 -6.82 5.90
C SER A 74 3.63 -5.50 6.59
N ALA A 75 2.93 -5.24 7.69
CA ALA A 75 3.14 -4.02 8.45
C ALA A 75 2.36 -4.12 9.76
N GLU A 76 2.58 -3.12 10.60
CA GLU A 76 1.91 -3.07 11.90
C GLU A 76 1.65 -1.62 12.31
N LEU A 77 0.38 -1.30 12.46
CA LEU A 77 -0.02 0.04 12.85
C LEU A 77 -0.54 0.03 14.28
N VAL A 78 -0.98 1.19 14.74
CA VAL A 78 -1.50 1.32 16.09
C VAL A 78 -3.03 1.25 16.05
N LEU A 79 -3.60 0.81 17.16
CA LEU A 79 -5.05 0.69 17.25
C LEU A 79 -5.68 2.07 17.04
N PRO A 80 -6.80 2.07 16.26
CA PRO A 80 -7.50 3.30 15.96
C PRO A 80 -8.31 3.77 17.17
N ILE A 81 -8.03 5.00 17.59
CA ILE A 81 -8.73 5.58 18.72
C ILE A 81 -10.21 5.79 18.37
N LYS A 82 -10.42 6.66 17.39
CA LYS A 82 -11.76 6.96 16.94
C LYS A 82 -11.77 7.10 15.41
N GLU A 83 -12.97 7.03 14.84
CA GLU A 83 -13.13 7.15 13.41
C GLU A 83 -12.46 5.97 12.70
N ASP A 84 -13.10 5.53 11.62
CA ASP A 84 -12.59 4.42 10.85
C ASP A 84 -11.13 4.69 10.46
N TYR A 85 -10.47 3.66 9.98
CA TYR A 85 -9.07 3.78 9.57
C TYR A 85 -8.89 3.35 8.11
N ILE A 86 -8.40 4.28 7.31
CA ILE A 86 -8.17 4.01 5.90
C ILE A 86 -6.69 3.72 5.68
N ILE A 87 -6.41 2.47 5.32
CA ILE A 87 -5.05 2.06 5.07
C ILE A 87 -4.86 1.83 3.57
N GLU A 88 -3.69 2.22 3.08
CA GLU A 88 -3.37 2.07 1.67
C GLU A 88 -1.94 1.54 1.51
N VAL A 89 -1.85 0.40 0.84
CA VAL A 89 -0.56 -0.23 0.61
C VAL A 89 0.01 0.27 -0.72
N LYS A 90 1.30 0.58 -0.69
CA LYS A 90 1.97 1.07 -1.89
C LYS A 90 3.31 0.33 -2.04
N ALA A 91 3.69 0.13 -3.30
CA ALA A 91 4.93 -0.55 -3.60
C ALA A 91 5.98 0.47 -4.02
N THR A 92 7.18 0.30 -3.47
CA THR A 92 8.27 1.21 -3.78
C THR A 92 9.26 0.54 -4.73
N THR A 93 9.85 1.37 -5.60
CA THR A 93 10.81 0.88 -6.56
C THR A 93 12.00 1.83 -6.66
N ASP A 94 12.87 1.53 -7.62
CA ASP A 94 14.06 2.36 -7.84
C ASP A 94 13.63 3.70 -8.41
N GLY A 95 12.39 3.76 -8.87
CA GLY A 95 11.86 4.98 -9.45
C GLY A 95 11.09 5.79 -8.40
N GLY A 96 10.43 5.07 -7.51
CA GLY A 96 9.66 5.70 -6.45
C GLY A 96 8.49 4.83 -6.02
N ASP A 97 7.38 5.48 -5.70
CA ASP A 97 6.19 4.78 -5.27
C ASP A 97 5.51 4.15 -6.49
N GLY A 98 4.48 3.37 -6.21
CA GLY A 98 3.74 2.70 -7.27
C GLY A 98 2.23 2.97 -7.14
N THR A 99 1.47 1.88 -7.16
CA THR A 99 0.03 1.98 -7.04
C THR A 99 -0.41 1.71 -5.61
N SER A 100 -1.53 2.32 -5.23
CA SER A 100 -2.06 2.15 -3.89
C SER A 100 -3.23 1.17 -3.91
N SER A 101 -3.01 0.02 -3.28
CA SER A 101 -4.03 -1.01 -3.22
C SER A 101 -5.35 -0.41 -2.76
N GLU A 102 -6.37 -1.26 -2.73
CA GLU A 102 -7.69 -0.82 -2.31
C GLU A 102 -7.67 -0.39 -0.84
N GLN A 103 -8.08 0.86 -0.62
CA GLN A 103 -8.12 1.40 0.73
C GLN A 103 -8.81 0.42 1.68
N ILE A 104 -8.22 0.26 2.85
CA ILE A 104 -8.77 -0.64 3.85
C ILE A 104 -9.76 0.13 4.73
N ARG A 105 -10.63 -0.62 5.39
CA ARG A 105 -11.61 -0.02 6.27
C ARG A 105 -11.61 -0.73 7.63
N ILE A 106 -10.91 -0.13 8.58
CA ILE A 106 -10.82 -0.69 9.91
C ILE A 106 -11.57 0.23 10.89
N PRO A 107 -12.83 -0.19 11.21
CA PRO A 107 -13.66 0.58 12.13
C PRO A 107 -13.19 0.39 13.57
N ARG A 108 -13.71 1.24 14.45
CA ARG A 108 -13.36 1.18 15.85
C ARG A 108 -13.32 -0.27 16.32
N ILE A 109 -12.34 -0.56 17.18
CA ILE A 109 -12.18 -1.90 17.70
C ILE A 109 -12.61 -1.92 19.17
N THR A 110 -13.37 -2.95 19.52
CA THR A 110 -13.86 -3.10 20.89
C THR A 110 -14.30 -1.74 21.44
N SER A 111 -14.05 -1.55 22.72
CA SER A 111 -14.43 -0.31 23.38
C SER A 111 -15.88 0.05 23.04
N SER A 112 -16.78 -0.83 23.44
CA SER A 112 -18.19 -0.62 23.20
C SER A 112 -18.95 -0.47 24.52
N GLY A 113 -18.93 -1.53 25.30
CA GLY A 113 -19.60 -1.54 26.58
C GLY A 113 -18.93 -2.52 27.56
N PRO A 114 -19.78 -3.18 28.38
CA PRO A 114 -19.28 -4.14 29.35
C PRO A 114 -18.87 -5.45 28.67
N SER A 115 -19.62 -5.82 27.65
CA SER A 115 -19.34 -7.03 26.91
C SER A 115 -19.36 -8.23 27.85
N SER A 116 -20.36 -9.08 27.66
CA SER A 116 -20.50 -10.26 28.49
C SER A 116 -21.40 -11.29 27.79
N GLY A 117 -20.79 -12.40 27.41
CA GLY A 117 -21.51 -13.46 26.73
C GLY A 117 -20.75 -13.94 25.49
N GLY A 1 1.07 37.64 -33.98
CA GLY A 1 1.70 36.38 -34.37
C GLY A 1 0.65 35.34 -34.73
N SER A 2 1.01 34.46 -35.65
CA SER A 2 0.12 33.41 -36.08
C SER A 2 0.91 32.15 -36.42
N SER A 3 0.56 31.06 -35.74
CA SER A 3 1.23 29.79 -35.96
C SER A 3 0.64 28.72 -35.04
N GLY A 4 0.74 27.48 -35.48
CA GLY A 4 0.23 26.36 -34.71
C GLY A 4 1.29 25.29 -34.51
N SER A 5 2.29 25.64 -33.70
CA SER A 5 3.37 24.72 -33.41
C SER A 5 3.44 24.43 -31.91
N SER A 6 3.97 23.26 -31.59
CA SER A 6 4.09 22.85 -30.20
C SER A 6 4.86 21.52 -30.11
N GLY A 7 5.55 21.36 -29.00
CA GLY A 7 6.33 20.15 -28.77
C GLY A 7 7.28 20.32 -27.60
N THR A 8 7.87 19.20 -27.19
CA THR A 8 8.81 19.22 -26.08
C THR A 8 9.52 17.86 -25.97
N VAL A 9 10.84 17.93 -25.78
CA VAL A 9 11.65 16.73 -25.66
C VAL A 9 12.65 16.91 -24.52
N ASN A 10 12.79 15.86 -23.73
CA ASN A 10 13.72 15.88 -22.61
C ASN A 10 14.50 14.58 -22.57
N VAL A 11 15.67 14.64 -21.95
CA VAL A 11 16.53 13.47 -21.85
C VAL A 11 16.37 12.86 -20.44
N THR A 12 16.08 11.57 -20.43
CA THR A 12 15.89 10.86 -19.18
C THR A 12 16.25 9.38 -19.35
N THR A 13 17.20 8.93 -18.54
CA THR A 13 17.63 7.55 -18.59
C THR A 13 17.40 6.87 -17.24
N LYS A 14 16.13 6.83 -16.84
CA LYS A 14 15.76 6.21 -15.57
C LYS A 14 14.71 5.13 -15.83
N LYS A 15 14.33 4.45 -14.76
CA LYS A 15 13.34 3.39 -14.85
C LYS A 15 11.99 3.92 -14.35
N THR A 16 11.02 3.01 -14.30
CA THR A 16 9.69 3.37 -13.84
C THR A 16 9.10 2.24 -13.00
N PRO A 17 8.10 2.61 -12.15
CA PRO A 17 7.45 1.64 -11.28
C PRO A 17 6.48 0.76 -12.09
N PRO A 18 6.22 -0.45 -11.53
CA PRO A 18 5.32 -1.39 -12.18
C PRO A 18 3.86 -0.95 -12.02
N SER A 19 3.65 0.02 -11.13
CA SER A 19 2.33 0.53 -10.88
C SER A 19 1.38 -0.62 -10.52
N GLN A 20 1.98 -1.73 -10.11
CA GLN A 20 1.21 -2.89 -9.73
C GLN A 20 0.87 -2.85 -8.24
N PRO A 21 -0.45 -2.70 -7.95
CA PRO A 21 -0.91 -2.63 -6.58
C PRO A 21 -0.91 -4.02 -5.93
N PRO A 22 -0.64 -4.03 -4.60
CA PRO A 22 -0.59 -5.27 -3.85
C PRO A 22 -1.99 -5.81 -3.60
N GLY A 23 -2.14 -7.11 -3.82
CA GLY A 23 -3.42 -7.77 -3.63
C GLY A 23 -3.47 -8.48 -2.28
N ASN A 24 -4.54 -9.24 -2.08
CA ASN A 24 -4.72 -9.97 -0.84
C ASN A 24 -4.40 -9.06 0.34
N VAL A 25 -4.69 -7.79 0.16
CA VAL A 25 -4.43 -6.80 1.20
C VAL A 25 -5.39 -7.05 2.37
N VAL A 26 -4.90 -7.82 3.34
CA VAL A 26 -5.69 -8.13 4.52
C VAL A 26 -5.15 -7.34 5.71
N TRP A 27 -5.86 -7.48 6.83
CA TRP A 27 -5.47 -6.80 8.04
C TRP A 27 -5.98 -7.61 9.24
N ASN A 28 -5.67 -7.12 10.43
CA ASN A 28 -6.09 -7.79 11.64
C ASN A 28 -5.99 -6.81 12.81
N ALA A 29 -6.74 -7.12 13.87
CA ALA A 29 -6.74 -6.28 15.06
C ALA A 29 -6.73 -7.16 16.30
N THR A 30 -5.72 -6.96 17.12
CA THR A 30 -5.57 -7.73 18.35
C THR A 30 -4.85 -6.91 19.41
N ASP A 31 -5.01 -7.33 20.66
CA ASP A 31 -4.38 -6.65 21.77
C ASP A 31 -4.56 -5.14 21.61
N THR A 32 -3.56 -4.52 20.98
CA THR A 32 -3.59 -3.08 20.76
C THR A 32 -2.71 -2.72 19.57
N LYS A 33 -2.83 -3.50 18.51
CA LYS A 33 -2.04 -3.27 17.31
C LYS A 33 -2.82 -3.79 16.09
N VAL A 34 -2.42 -3.30 14.93
CA VAL A 34 -3.06 -3.70 13.69
C VAL A 34 -2.04 -4.43 12.80
N LEU A 35 -2.22 -5.73 12.70
CA LEU A 35 -1.33 -6.55 11.89
C LEU A 35 -1.83 -6.56 10.44
N LEU A 36 -1.01 -6.02 9.55
CA LEU A 36 -1.36 -5.97 8.14
C LEU A 36 -0.65 -7.11 7.40
N ASN A 37 -1.21 -7.46 6.26
CA ASN A 37 -0.65 -8.53 5.45
C ASN A 37 -1.24 -8.46 4.04
N TRP A 38 -0.34 -8.36 3.07
CA TRP A 38 -0.75 -8.27 1.68
C TRP A 38 0.22 -9.12 0.84
N GLU A 39 -0.15 -9.32 -0.41
CA GLU A 39 0.67 -10.11 -1.31
C GLU A 39 1.89 -9.31 -1.75
N GLN A 40 2.55 -9.82 -2.78
CA GLN A 40 3.75 -9.17 -3.31
C GLN A 40 3.46 -8.60 -4.70
N VAL A 41 4.42 -7.84 -5.19
CA VAL A 41 4.29 -7.23 -6.51
C VAL A 41 5.59 -7.45 -7.29
N LYS A 42 5.48 -8.23 -8.36
CA LYS A 42 6.62 -8.51 -9.20
C LYS A 42 6.55 -7.67 -10.48
N ALA A 43 7.47 -6.73 -10.57
CA ALA A 43 7.51 -5.85 -11.73
C ALA A 43 7.48 -6.69 -13.01
N MET A 44 7.18 -6.02 -14.12
CA MET A 44 7.11 -6.70 -15.40
C MET A 44 8.38 -6.46 -16.21
N GLU A 45 8.33 -6.87 -17.47
CA GLU A 45 9.47 -6.70 -18.36
C GLU A 45 9.75 -5.22 -18.59
N ASN A 46 10.98 -4.84 -18.31
CA ASN A 46 11.39 -3.45 -18.49
C ASN A 46 10.75 -2.58 -17.40
N GLU A 47 10.61 -3.18 -16.22
CA GLU A 47 10.02 -2.49 -15.10
C GLU A 47 10.92 -2.60 -13.86
N SER A 48 10.73 -1.67 -12.94
CA SER A 48 11.52 -1.65 -11.72
C SER A 48 10.85 -2.51 -10.65
N GLU A 49 11.55 -3.55 -10.24
CA GLU A 49 11.04 -4.45 -9.23
C GLU A 49 10.74 -3.68 -7.94
N VAL A 50 9.91 -4.29 -7.09
CA VAL A 50 9.55 -3.68 -5.83
C VAL A 50 10.64 -3.97 -4.80
N THR A 51 11.19 -2.90 -4.26
CA THR A 51 12.24 -3.03 -3.27
C THR A 51 11.68 -2.80 -1.86
N GLY A 52 10.42 -2.38 -1.82
CA GLY A 52 9.75 -2.13 -0.56
C GLY A 52 8.28 -1.78 -0.77
N TYR A 53 7.71 -1.12 0.23
CA TYR A 53 6.32 -0.73 0.15
C TYR A 53 6.03 0.44 1.10
N LYS A 54 4.93 1.12 0.84
CA LYS A 54 4.54 2.25 1.66
C LYS A 54 3.11 2.04 2.15
N VAL A 55 2.98 1.95 3.47
CA VAL A 55 1.68 1.75 4.09
C VAL A 55 1.06 3.12 4.41
N PHE A 56 0.01 3.43 3.67
CA PHE A 56 -0.68 4.70 3.86
C PHE A 56 -1.87 4.53 4.80
N TYR A 57 -1.67 4.92 6.05
CA TYR A 57 -2.71 4.81 7.06
C TYR A 57 -3.25 6.20 7.44
N ARG A 58 -4.57 6.28 7.52
CA ARG A 58 -5.22 7.54 7.86
C ARG A 58 -6.60 7.26 8.47
N THR A 59 -6.84 7.90 9.60
CA THR A 59 -8.11 7.74 10.30
C THR A 59 -9.26 8.28 9.44
N SER A 60 -10.47 7.97 9.87
CA SER A 60 -11.66 8.43 9.16
C SER A 60 -11.70 9.96 9.12
N SER A 61 -11.35 10.50 7.97
CA SER A 61 -11.34 11.94 7.79
C SER A 61 -10.29 12.58 8.71
N GLN A 62 -9.04 12.45 8.31
CA GLN A 62 -7.94 13.00 9.09
C GLN A 62 -7.45 14.31 8.47
N ASN A 63 -6.79 14.17 7.34
CA ASN A 63 -6.26 15.33 6.62
C ASN A 63 -5.18 14.87 5.64
N ASN A 64 -4.01 14.58 6.21
CA ASN A 64 -2.89 14.13 5.40
C ASN A 64 -2.43 12.75 5.88
N VAL A 65 -2.65 11.76 5.04
CA VAL A 65 -2.27 10.40 5.36
C VAL A 65 -0.75 10.32 5.52
N GLN A 66 -0.31 9.35 6.30
CA GLN A 66 1.11 9.15 6.53
C GLN A 66 1.63 7.98 5.70
N VAL A 67 2.94 7.76 5.80
CA VAL A 67 3.57 6.68 5.07
C VAL A 67 4.53 5.93 5.99
N LEU A 68 4.52 4.61 5.87
CA LEU A 68 5.38 3.77 6.68
C LEU A 68 6.29 2.96 5.77
N ASN A 69 7.59 3.12 5.99
CA ASN A 69 8.58 2.41 5.20
C ASN A 69 8.77 1.01 5.78
N THR A 70 8.56 0.01 4.91
CA THR A 70 8.71 -1.37 5.31
C THR A 70 9.25 -2.21 4.16
N ASN A 71 10.15 -3.12 4.50
CA ASN A 71 10.76 -3.98 3.52
C ASN A 71 10.14 -5.38 3.61
N LYS A 72 8.81 -5.40 3.63
CA LYS A 72 8.08 -6.65 3.72
C LYS A 72 6.70 -6.47 3.09
N THR A 73 5.96 -7.57 3.06
CA THR A 73 4.62 -7.55 2.49
C THR A 73 3.58 -7.33 3.58
N SER A 74 4.06 -7.07 4.77
CA SER A 74 3.19 -6.84 5.91
C SER A 74 3.53 -5.51 6.59
N ALA A 75 2.85 -5.25 7.69
CA ALA A 75 3.07 -4.02 8.43
C ALA A 75 2.32 -4.08 9.76
N GLU A 76 2.55 -3.07 10.59
CA GLU A 76 1.90 -3.01 11.88
C GLU A 76 1.57 -1.55 12.24
N LEU A 77 0.28 -1.28 12.37
CA LEU A 77 -0.16 0.06 12.70
C LEU A 77 -0.71 0.07 14.13
N VAL A 78 -1.19 1.23 14.54
CA VAL A 78 -1.74 1.39 15.88
C VAL A 78 -3.27 1.24 15.83
N LEU A 79 -3.83 0.80 16.94
CA LEU A 79 -5.27 0.62 17.03
C LEU A 79 -5.97 1.87 16.51
N PRO A 80 -7.19 1.65 15.94
CA PRO A 80 -7.97 2.75 15.40
C PRO A 80 -8.61 3.57 16.53
N ILE A 81 -8.26 4.84 16.56
CA ILE A 81 -8.77 5.74 17.58
C ILE A 81 -10.18 6.21 17.16
N LYS A 82 -11.17 5.44 17.59
CA LYS A 82 -12.55 5.76 17.27
C LYS A 82 -12.74 5.72 15.75
N GLU A 83 -12.67 6.90 15.15
CA GLU A 83 -12.84 7.01 13.71
C GLU A 83 -12.17 5.82 13.00
N ASP A 84 -12.84 5.35 11.96
CA ASP A 84 -12.33 4.23 11.20
C ASP A 84 -10.88 4.51 10.79
N TYR A 85 -10.31 3.57 10.04
CA TYR A 85 -8.93 3.70 9.58
C TYR A 85 -8.81 3.29 8.12
N ILE A 86 -8.33 4.22 7.32
CA ILE A 86 -8.15 3.97 5.89
C ILE A 86 -6.68 3.67 5.61
N ILE A 87 -6.41 2.40 5.34
CA ILE A 87 -5.05 1.96 5.05
C ILE A 87 -4.89 1.75 3.55
N GLU A 88 -3.72 2.13 3.05
CA GLU A 88 -3.44 2.00 1.63
C GLU A 88 -2.01 1.47 1.43
N VAL A 89 -1.91 0.36 0.72
CA VAL A 89 -0.62 -0.25 0.46
C VAL A 89 -0.20 0.07 -0.98
N LYS A 90 1.09 0.34 -1.14
CA LYS A 90 1.63 0.66 -2.46
C LYS A 90 3.12 0.32 -2.49
N ALA A 91 3.50 -0.46 -3.47
CA ALA A 91 4.89 -0.86 -3.62
C ALA A 91 5.70 0.32 -4.14
N THR A 92 6.93 0.40 -3.66
CA THR A 92 7.82 1.49 -4.06
C THR A 92 9.07 0.93 -4.74
N THR A 93 9.67 1.76 -5.58
CA THR A 93 10.87 1.35 -6.30
C THR A 93 11.90 2.49 -6.29
N ASP A 94 13.02 2.22 -6.94
CA ASP A 94 14.09 3.21 -7.01
C ASP A 94 13.58 4.45 -7.75
N GLY A 95 12.66 4.22 -8.67
CA GLY A 95 12.08 5.30 -9.44
C GLY A 95 11.12 6.13 -8.60
N GLY A 96 10.34 5.43 -7.79
CA GLY A 96 9.37 6.09 -6.93
C GLY A 96 8.31 5.11 -6.43
N ASP A 97 7.36 5.63 -5.68
CA ASP A 97 6.29 4.82 -5.14
C ASP A 97 5.59 4.08 -6.29
N GLY A 98 4.55 3.34 -5.92
CA GLY A 98 3.78 2.60 -6.90
C GLY A 98 2.30 2.96 -6.84
N THR A 99 1.47 1.94 -7.03
CA THR A 99 0.02 2.15 -6.99
C THR A 99 -0.53 1.83 -5.60
N SER A 100 -1.66 2.41 -5.30
CA SER A 100 -2.31 2.20 -4.01
C SER A 100 -3.45 1.19 -4.15
N SER A 101 -3.40 0.15 -3.33
CA SER A 101 -4.41 -0.88 -3.36
C SER A 101 -5.74 -0.31 -2.86
N GLU A 102 -6.72 -1.20 -2.72
CA GLU A 102 -8.03 -0.80 -2.25
C GLU A 102 -7.96 -0.38 -0.78
N GLN A 103 -8.38 0.85 -0.53
CA GLN A 103 -8.37 1.39 0.81
C GLN A 103 -9.03 0.40 1.78
N ILE A 104 -8.36 0.20 2.91
CA ILE A 104 -8.87 -0.72 3.92
C ILE A 104 -9.81 0.04 4.87
N ARG A 105 -10.66 -0.71 5.54
CA ARG A 105 -11.61 -0.13 6.47
C ARG A 105 -11.53 -0.84 7.82
N ILE A 106 -10.86 -0.20 8.76
CA ILE A 106 -10.70 -0.77 10.10
C ILE A 106 -11.41 0.13 11.11
N PRO A 107 -12.62 -0.30 11.53
CA PRO A 107 -13.40 0.46 12.49
C PRO A 107 -12.82 0.31 13.90
N ARG A 108 -13.26 1.21 14.78
CA ARG A 108 -12.79 1.19 16.16
C ARG A 108 -12.89 -0.22 16.73
N ILE A 109 -12.43 -0.35 17.96
CA ILE A 109 -12.46 -1.64 18.64
C ILE A 109 -13.91 -2.12 18.75
N THR A 110 -14.20 -3.22 18.08
CA THR A 110 -15.53 -3.78 18.11
C THR A 110 -16.14 -3.68 19.51
N SER A 111 -17.46 -3.59 19.54
CA SER A 111 -18.16 -3.48 20.81
C SER A 111 -18.77 -4.83 21.19
N SER A 112 -18.83 -5.07 22.48
CA SER A 112 -19.38 -6.32 22.99
C SER A 112 -20.00 -6.09 24.37
N GLY A 113 -21.23 -5.61 24.36
CA GLY A 113 -21.95 -5.35 25.60
C GLY A 113 -23.24 -6.16 25.66
N PRO A 114 -23.92 -6.07 26.84
CA PRO A 114 -25.17 -6.78 27.05
C PRO A 114 -26.32 -6.11 26.30
N SER A 115 -26.89 -6.85 25.37
CA SER A 115 -28.00 -6.34 24.57
C SER A 115 -28.61 -7.46 23.74
N SER A 116 -27.78 -8.06 22.91
CA SER A 116 -28.23 -9.15 22.06
C SER A 116 -29.40 -8.69 21.19
N GLY A 117 -29.06 -8.13 20.03
CA GLY A 117 -30.07 -7.64 19.11
C GLY A 117 -29.67 -7.91 17.66
N GLY A 1 -10.61 19.81 -41.07
CA GLY A 1 -9.28 19.78 -40.49
C GLY A 1 -9.00 18.42 -39.85
N SER A 2 -8.83 18.43 -38.53
CA SER A 2 -8.56 17.22 -37.79
C SER A 2 -7.23 16.61 -38.25
N SER A 3 -6.42 16.23 -37.27
CA SER A 3 -5.13 15.63 -37.56
C SER A 3 -4.38 15.36 -36.26
N GLY A 4 -3.28 14.62 -36.39
CA GLY A 4 -2.47 14.28 -35.23
C GLY A 4 -1.30 13.38 -35.63
N SER A 5 -1.33 12.17 -35.11
CA SER A 5 -0.27 11.20 -35.41
C SER A 5 1.05 11.68 -34.81
N SER A 6 1.66 10.79 -34.04
CA SER A 6 2.93 11.10 -33.41
C SER A 6 3.20 10.12 -32.27
N GLY A 7 4.47 10.02 -31.89
CA GLY A 7 4.87 9.12 -30.83
C GLY A 7 6.37 9.27 -30.52
N THR A 8 6.79 8.55 -29.49
CA THR A 8 8.19 8.60 -29.09
C THR A 8 8.81 7.20 -29.15
N VAL A 9 9.98 7.14 -29.77
CA VAL A 9 10.69 5.87 -29.91
C VAL A 9 11.19 5.43 -28.54
N ASN A 10 11.89 6.35 -27.87
CA ASN A 10 12.43 6.06 -26.56
C ASN A 10 13.40 7.17 -26.16
N VAL A 11 12.94 8.02 -25.26
CA VAL A 11 13.75 9.13 -24.78
C VAL A 11 14.51 8.70 -23.52
N THR A 12 15.73 9.20 -23.40
CA THR A 12 16.57 8.87 -22.27
C THR A 12 16.48 7.38 -21.95
N THR A 13 16.77 7.06 -20.70
CA THR A 13 16.73 5.67 -20.25
C THR A 13 16.78 5.60 -18.73
N LYS A 14 15.69 5.10 -18.15
CA LYS A 14 15.59 4.98 -16.71
C LYS A 14 14.51 3.95 -16.36
N LYS A 15 14.62 3.40 -15.16
CA LYS A 15 13.67 2.40 -14.70
C LYS A 15 12.52 3.10 -13.96
N THR A 16 11.45 2.36 -13.78
CA THR A 16 10.28 2.89 -13.10
C THR A 16 9.56 1.78 -12.32
N PRO A 17 8.70 2.22 -11.36
CA PRO A 17 7.96 1.28 -10.54
C PRO A 17 6.80 0.65 -11.33
N PRO A 18 6.44 -0.59 -10.94
CA PRO A 18 5.36 -1.30 -11.60
C PRO A 18 4.00 -0.74 -11.20
N SER A 19 3.07 -0.83 -12.13
CA SER A 19 1.72 -0.33 -11.89
C SER A 19 0.85 -1.44 -11.32
N GLN A 20 1.49 -2.35 -10.62
CA GLN A 20 0.78 -3.47 -10.01
C GLN A 20 0.62 -3.25 -8.50
N PRO A 21 -0.65 -2.99 -8.09
CA PRO A 21 -0.96 -2.76 -6.70
C PRO A 21 -0.93 -4.06 -5.90
N PRO A 22 -0.61 -3.94 -4.58
CA PRO A 22 -0.55 -5.10 -3.71
C PRO A 22 -1.96 -5.59 -3.36
N GLY A 23 -2.19 -6.86 -3.66
CA GLY A 23 -3.49 -7.47 -3.38
C GLY A 23 -3.44 -8.28 -2.09
N ASN A 24 -4.54 -8.96 -1.81
CA ASN A 24 -4.64 -9.77 -0.61
C ASN A 24 -4.35 -8.91 0.61
N VAL A 25 -4.48 -7.61 0.43
CA VAL A 25 -4.24 -6.66 1.50
C VAL A 25 -5.24 -6.91 2.63
N VAL A 26 -4.82 -7.75 3.57
CA VAL A 26 -5.67 -8.08 4.70
C VAL A 26 -5.14 -7.38 5.96
N TRP A 27 -6.06 -7.13 6.88
CA TRP A 27 -5.70 -6.47 8.12
C TRP A 27 -6.23 -7.30 9.29
N ASN A 28 -5.96 -6.84 10.49
CA ASN A 28 -6.40 -7.54 11.69
C ASN A 28 -6.10 -6.68 12.92
N ALA A 29 -6.70 -7.07 14.03
CA ALA A 29 -6.49 -6.35 15.27
C ALA A 29 -6.22 -7.35 16.41
N THR A 30 -5.03 -7.25 16.97
CA THR A 30 -4.63 -8.14 18.04
C THR A 30 -3.61 -7.45 18.96
N ASP A 31 -3.60 -7.88 20.21
CA ASP A 31 -2.68 -7.31 21.19
C ASP A 31 -2.67 -5.79 21.04
N THR A 32 -3.86 -5.22 20.87
CA THR A 32 -3.98 -3.79 20.72
C THR A 32 -3.07 -3.28 19.60
N LYS A 33 -3.01 -4.07 18.53
CA LYS A 33 -2.18 -3.72 17.40
C LYS A 33 -2.90 -4.11 16.10
N VAL A 34 -2.45 -3.52 15.00
CA VAL A 34 -3.04 -3.79 13.71
C VAL A 34 -2.00 -4.47 12.81
N LEU A 35 -2.20 -5.76 12.61
CA LEU A 35 -1.29 -6.54 11.78
C LEU A 35 -1.77 -6.49 10.33
N LEU A 36 -0.98 -5.81 9.50
CA LEU A 36 -1.31 -5.69 8.09
C LEU A 36 -0.55 -6.75 7.29
N ASN A 37 -1.19 -7.22 6.23
CA ASN A 37 -0.58 -8.23 5.38
C ASN A 37 -1.17 -8.12 3.97
N TRP A 38 -0.29 -7.95 3.00
CA TRP A 38 -0.71 -7.84 1.62
C TRP A 38 0.24 -8.70 0.77
N GLU A 39 -0.26 -9.06 -0.41
CA GLU A 39 0.52 -9.88 -1.32
C GLU A 39 1.72 -9.09 -1.85
N GLN A 40 2.47 -9.74 -2.73
CA GLN A 40 3.63 -9.10 -3.33
C GLN A 40 3.29 -8.56 -4.71
N VAL A 41 4.25 -7.83 -5.28
CA VAL A 41 4.07 -7.25 -6.60
C VAL A 41 5.32 -7.49 -7.44
N LYS A 42 5.14 -8.24 -8.51
CA LYS A 42 6.25 -8.55 -9.41
C LYS A 42 6.31 -7.50 -10.52
N ALA A 43 7.44 -6.81 -10.57
CA ALA A 43 7.64 -5.78 -11.58
C ALA A 43 7.53 -6.40 -12.96
N MET A 44 6.98 -5.62 -13.89
CA MET A 44 6.80 -6.08 -15.25
C MET A 44 8.14 -6.06 -16.01
N GLU A 45 8.04 -6.15 -17.33
CA GLU A 45 9.22 -6.13 -18.18
C GLU A 45 9.78 -4.72 -18.28
N ASN A 46 11.03 -4.57 -17.88
CA ASN A 46 11.70 -3.28 -17.92
C ASN A 46 11.33 -2.48 -16.67
N GLU A 47 10.46 -3.07 -15.86
CA GLU A 47 10.02 -2.43 -14.64
C GLU A 47 10.95 -2.78 -13.48
N SER A 48 10.98 -1.91 -12.49
CA SER A 48 11.83 -2.12 -11.33
C SER A 48 11.07 -2.93 -10.27
N GLU A 49 11.71 -4.00 -9.82
CA GLU A 49 11.12 -4.86 -8.81
C GLU A 49 10.76 -4.05 -7.57
N VAL A 50 9.88 -4.64 -6.75
CA VAL A 50 9.45 -3.98 -5.53
C VAL A 50 10.49 -4.21 -4.44
N THR A 51 11.15 -3.12 -4.05
CA THR A 51 12.16 -3.19 -3.02
C THR A 51 11.55 -2.90 -1.65
N GLY A 52 10.27 -2.57 -1.67
CA GLY A 52 9.55 -2.26 -0.43
C GLY A 52 8.15 -1.72 -0.74
N TYR A 53 7.47 -1.33 0.33
CA TYR A 53 6.12 -0.80 0.20
C TYR A 53 5.91 0.38 1.15
N LYS A 54 4.87 1.15 0.86
CA LYS A 54 4.53 2.30 1.69
C LYS A 54 3.11 2.15 2.23
N VAL A 55 3.03 2.07 3.54
CA VAL A 55 1.73 1.93 4.21
C VAL A 55 1.16 3.31 4.49
N PHE A 56 0.06 3.60 3.81
CA PHE A 56 -0.61 4.88 3.98
C PHE A 56 -1.89 4.73 4.82
N TYR A 57 -1.77 5.10 6.09
CA TYR A 57 -2.90 5.02 6.99
C TYR A 57 -3.42 6.40 7.35
N ARG A 58 -4.75 6.53 7.33
CA ARG A 58 -5.39 7.80 7.65
C ARG A 58 -6.80 7.55 8.19
N THR A 59 -7.15 8.33 9.20
CA THR A 59 -8.46 8.22 9.81
C THR A 59 -9.56 8.39 8.76
N SER A 60 -10.78 8.04 9.15
CA SER A 60 -11.91 8.16 8.27
C SER A 60 -11.93 9.55 7.62
N SER A 61 -11.75 10.55 8.45
CA SER A 61 -11.74 11.93 7.98
C SER A 61 -10.40 12.59 8.30
N GLN A 62 -9.43 12.35 7.44
CA GLN A 62 -8.10 12.91 7.61
C GLN A 62 -7.76 13.85 6.46
N ASN A 63 -6.87 14.79 6.74
CA ASN A 63 -6.45 15.75 5.74
C ASN A 63 -5.30 15.17 4.92
N ASN A 64 -4.23 14.83 5.63
CA ASN A 64 -3.06 14.26 4.98
C ASN A 64 -2.75 12.90 5.61
N VAL A 65 -2.60 11.90 4.75
CA VAL A 65 -2.30 10.56 5.20
C VAL A 65 -0.80 10.44 5.49
N GLN A 66 -0.48 9.49 6.35
CA GLN A 66 0.92 9.27 6.71
C GLN A 66 1.51 8.14 5.87
N VAL A 67 2.78 7.87 6.10
CA VAL A 67 3.48 6.83 5.38
C VAL A 67 4.35 6.03 6.35
N LEU A 68 4.55 4.76 6.01
CA LEU A 68 5.36 3.88 6.85
C LEU A 68 6.24 3.02 5.96
N ASN A 69 7.54 3.05 6.26
CA ASN A 69 8.51 2.28 5.50
C ASN A 69 8.42 0.81 5.91
N THR A 70 8.43 -0.05 4.90
CA THR A 70 8.35 -1.49 5.14
C THR A 70 8.98 -2.26 3.99
N ASN A 71 9.96 -3.09 4.34
CA ASN A 71 10.65 -3.89 3.34
C ASN A 71 10.04 -5.29 3.30
N LYS A 72 8.82 -5.38 3.79
CA LYS A 72 8.11 -6.65 3.82
C LYS A 72 6.72 -6.47 3.22
N THR A 73 6.05 -7.59 3.00
CA THR A 73 4.72 -7.58 2.42
C THR A 73 3.66 -7.40 3.51
N SER A 74 4.14 -7.00 4.68
CA SER A 74 3.25 -6.79 5.82
C SER A 74 3.66 -5.53 6.58
N ALA A 75 2.88 -5.23 7.61
CA ALA A 75 3.16 -4.06 8.43
C ALA A 75 2.41 -4.18 9.76
N GLU A 76 2.61 -3.18 10.61
CA GLU A 76 1.96 -3.18 11.91
C GLU A 76 1.67 -1.74 12.35
N LEU A 77 0.39 -1.45 12.53
CA LEU A 77 -0.03 -0.12 12.94
C LEU A 77 -0.70 -0.21 14.32
N VAL A 78 -1.18 0.93 14.78
CA VAL A 78 -1.85 1.00 16.06
C VAL A 78 -3.36 1.00 15.85
N LEU A 79 -4.07 0.51 16.85
CA LEU A 79 -5.52 0.45 16.79
C LEU A 79 -6.08 1.87 16.66
N PRO A 80 -7.17 1.99 15.87
CA PRO A 80 -7.81 3.28 15.65
C PRO A 80 -8.62 3.69 16.88
N ILE A 81 -8.46 4.95 17.26
CA ILE A 81 -9.17 5.48 18.42
C ILE A 81 -10.60 5.84 18.00
N LYS A 82 -10.69 6.84 17.13
CA LYS A 82 -11.99 7.29 16.65
C LYS A 82 -11.96 7.38 15.13
N GLU A 83 -13.15 7.32 14.55
CA GLU A 83 -13.27 7.40 13.10
C GLU A 83 -12.55 6.21 12.44
N ASP A 84 -13.20 5.68 11.41
CA ASP A 84 -12.64 4.54 10.69
C ASP A 84 -11.18 4.84 10.33
N TYR A 85 -10.52 3.83 9.78
CA TYR A 85 -9.13 3.97 9.39
C TYR A 85 -8.91 3.52 7.95
N ILE A 86 -8.42 4.45 7.14
CA ILE A 86 -8.17 4.17 5.74
C ILE A 86 -6.69 3.87 5.55
N ILE A 87 -6.41 2.61 5.20
CA ILE A 87 -5.03 2.19 4.98
C ILE A 87 -4.81 1.96 3.49
N GLU A 88 -3.61 2.30 3.04
CA GLU A 88 -3.26 2.13 1.63
C GLU A 88 -1.83 1.58 1.51
N VAL A 89 -1.71 0.57 0.68
CA VAL A 89 -0.41 -0.06 0.45
C VAL A 89 -0.01 0.10 -1.01
N LYS A 90 1.22 0.54 -1.21
CA LYS A 90 1.74 0.75 -2.56
C LYS A 90 3.20 0.29 -2.61
N ALA A 91 3.53 -0.38 -3.71
CA ALA A 91 4.88 -0.88 -3.90
C ALA A 91 5.78 0.25 -4.39
N THR A 92 6.91 0.41 -3.71
CA THR A 92 7.86 1.46 -4.06
C THR A 92 9.19 0.84 -4.50
N THR A 93 9.78 1.46 -5.51
CA THR A 93 11.05 0.98 -6.04
C THR A 93 12.11 2.08 -5.95
N ASP A 94 13.25 1.82 -6.57
CA ASP A 94 14.35 2.77 -6.57
C ASP A 94 13.98 3.96 -7.44
N GLY A 95 12.90 3.79 -8.19
CA GLY A 95 12.43 4.85 -9.08
C GLY A 95 11.42 5.75 -8.37
N GLY A 96 10.63 5.14 -7.49
CA GLY A 96 9.63 5.87 -6.75
C GLY A 96 8.55 4.93 -6.20
N ASP A 97 7.35 5.48 -6.04
CA ASP A 97 6.24 4.70 -5.54
C ASP A 97 5.54 3.99 -6.69
N GLY A 98 4.53 3.21 -6.35
CA GLY A 98 3.78 2.47 -7.35
C GLY A 98 2.28 2.77 -7.23
N THR A 99 1.50 1.69 -7.22
CA THR A 99 0.05 1.82 -7.12
C THR A 99 -0.41 1.44 -5.72
N SER A 100 -1.42 2.17 -5.24
CA SER A 100 -1.96 1.92 -3.92
C SER A 100 -3.14 0.94 -4.02
N SER A 101 -3.11 -0.06 -3.16
CA SER A 101 -4.16 -1.06 -3.13
C SER A 101 -5.48 -0.43 -2.66
N GLU A 102 -6.52 -1.25 -2.63
CA GLU A 102 -7.83 -0.79 -2.21
C GLU A 102 -7.77 -0.34 -0.74
N GLN A 103 -8.15 0.92 -0.54
CA GLN A 103 -8.16 1.49 0.81
C GLN A 103 -8.85 0.54 1.78
N ILE A 104 -8.22 0.38 2.94
CA ILE A 104 -8.76 -0.50 3.97
C ILE A 104 -9.76 0.28 4.83
N ARG A 105 -10.60 -0.47 5.53
CA ARG A 105 -11.60 0.14 6.38
C ARG A 105 -11.62 -0.57 7.76
N ILE A 106 -10.96 0.06 8.71
CA ILE A 106 -10.89 -0.49 10.06
C ILE A 106 -11.67 0.42 11.01
N PRO A 107 -12.94 0.02 11.29
CA PRO A 107 -13.79 0.79 12.19
C PRO A 107 -13.36 0.60 13.64
N ARG A 108 -13.79 1.53 14.48
CA ARG A 108 -13.46 1.48 15.90
C ARG A 108 -13.51 0.04 16.39
N ILE A 109 -12.54 -0.30 17.24
CA ILE A 109 -12.47 -1.63 17.79
C ILE A 109 -13.68 -1.89 18.70
N THR A 110 -14.39 -2.96 18.39
CA THR A 110 -15.57 -3.32 19.16
C THR A 110 -15.22 -3.45 20.64
N SER A 111 -16.07 -2.85 21.46
CA SER A 111 -15.87 -2.89 22.91
C SER A 111 -16.32 -4.24 23.46
N SER A 112 -17.48 -4.68 22.99
CA SER A 112 -18.04 -5.94 23.42
C SER A 112 -18.56 -6.74 22.22
N GLY A 113 -18.58 -8.05 22.39
CA GLY A 113 -19.04 -8.93 21.33
C GLY A 113 -20.05 -9.95 21.86
N PRO A 114 -21.10 -10.21 21.03
CA PRO A 114 -22.13 -11.16 21.41
C PRO A 114 -21.62 -12.59 21.29
N SER A 115 -22.49 -13.53 21.67
CA SER A 115 -22.15 -14.94 21.60
C SER A 115 -23.08 -15.66 20.62
N SER A 116 -22.51 -16.61 19.90
CA SER A 116 -23.27 -17.38 18.93
C SER A 116 -23.04 -18.88 19.15
N GLY A 117 -24.15 -19.59 19.30
CA GLY A 117 -24.08 -21.03 19.53
C GLY A 117 -25.33 -21.53 20.26
N GLY A 1 -5.58 42.11 -21.86
CA GLY A 1 -5.34 41.01 -22.78
C GLY A 1 -4.67 39.83 -22.07
N SER A 2 -4.27 38.85 -22.86
CA SER A 2 -3.62 37.67 -22.32
C SER A 2 -3.04 36.82 -23.45
N SER A 3 -2.04 36.02 -23.10
CA SER A 3 -1.39 35.17 -24.07
C SER A 3 -0.60 34.06 -23.35
N GLY A 4 -0.13 33.11 -24.14
CA GLY A 4 0.64 32.00 -23.61
C GLY A 4 1.56 31.41 -24.66
N SER A 5 2.16 30.27 -24.31
CA SER A 5 3.07 29.59 -25.22
C SER A 5 3.58 28.30 -24.58
N SER A 6 4.27 27.52 -25.39
CA SER A 6 4.82 26.25 -24.92
C SER A 6 5.73 25.64 -25.98
N GLY A 7 6.40 24.57 -25.60
CA GLY A 7 7.30 23.89 -26.51
C GLY A 7 8.54 23.38 -25.78
N THR A 8 8.50 22.10 -25.42
CA THR A 8 9.61 21.49 -24.71
C THR A 8 9.96 20.14 -25.35
N VAL A 9 10.79 19.38 -24.65
CA VAL A 9 11.22 18.08 -25.13
C VAL A 9 10.81 17.01 -24.12
N ASN A 10 11.05 15.76 -24.49
CA ASN A 10 10.71 14.64 -23.63
C ASN A 10 11.53 13.41 -24.06
N VAL A 11 12.51 13.08 -23.24
CA VAL A 11 13.36 11.94 -23.51
C VAL A 11 13.06 10.82 -22.51
N THR A 12 13.82 9.74 -22.62
CA THR A 12 13.64 8.61 -21.73
C THR A 12 14.94 8.34 -20.94
N THR A 13 14.75 8.03 -19.66
CA THR A 13 15.88 7.76 -18.80
C THR A 13 15.40 7.22 -17.45
N LYS A 14 16.22 6.35 -16.87
CA LYS A 14 15.88 5.76 -15.58
C LYS A 14 14.75 4.76 -15.77
N LYS A 15 14.72 3.78 -14.88
CA LYS A 15 13.69 2.75 -14.94
C LYS A 15 12.35 3.36 -14.52
N THR A 16 11.36 2.48 -14.37
CA THR A 16 10.03 2.91 -13.98
C THR A 16 9.35 1.86 -13.11
N PRO A 17 8.36 2.31 -12.31
CA PRO A 17 7.63 1.42 -11.42
C PRO A 17 6.64 0.56 -12.21
N PRO A 18 6.34 -0.64 -11.64
CA PRO A 18 5.42 -1.57 -12.27
C PRO A 18 3.97 -1.09 -12.13
N SER A 19 3.78 -0.17 -11.19
CA SER A 19 2.45 0.38 -10.95
C SER A 19 1.49 -0.73 -10.56
N GLN A 20 2.07 -1.87 -10.17
CA GLN A 20 1.27 -3.01 -9.77
C GLN A 20 0.95 -2.94 -8.27
N PRO A 21 -0.36 -2.77 -7.97
CA PRO A 21 -0.82 -2.68 -6.60
C PRO A 21 -0.81 -4.06 -5.93
N PRO A 22 -0.53 -4.06 -4.60
CA PRO A 22 -0.48 -5.29 -3.84
C PRO A 22 -1.90 -5.82 -3.57
N GLY A 23 -2.09 -7.10 -3.86
CA GLY A 23 -3.37 -7.74 -3.66
C GLY A 23 -3.42 -8.46 -2.30
N ASN A 24 -4.53 -9.16 -2.10
CA ASN A 24 -4.71 -9.91 -0.86
C ASN A 24 -4.37 -9.00 0.33
N VAL A 25 -4.59 -7.71 0.13
CA VAL A 25 -4.32 -6.73 1.17
C VAL A 25 -5.29 -6.95 2.34
N VAL A 26 -4.83 -7.72 3.30
CA VAL A 26 -5.64 -8.02 4.48
C VAL A 26 -5.08 -7.27 5.67
N TRP A 27 -5.82 -7.33 6.77
CA TRP A 27 -5.41 -6.65 7.99
C TRP A 27 -5.90 -7.49 9.18
N ASN A 28 -5.57 -7.02 10.38
CA ASN A 28 -5.97 -7.72 11.58
C ASN A 28 -5.73 -6.80 12.80
N ALA A 29 -6.37 -7.15 13.89
CA ALA A 29 -6.25 -6.38 15.12
C ALA A 29 -6.11 -7.32 16.30
N THR A 30 -4.98 -7.20 16.99
CA THR A 30 -4.72 -8.04 18.15
C THR A 30 -4.11 -7.20 19.28
N ASP A 31 -4.46 -7.57 20.50
CA ASP A 31 -3.97 -6.87 21.67
C ASP A 31 -4.19 -5.37 21.49
N THR A 32 -3.17 -4.72 20.94
CA THR A 32 -3.23 -3.30 20.70
C THR A 32 -2.36 -2.92 19.50
N LYS A 33 -2.50 -3.70 18.44
CA LYS A 33 -1.73 -3.45 17.22
C LYS A 33 -2.59 -3.79 16.01
N VAL A 34 -2.00 -3.63 14.83
CA VAL A 34 -2.70 -3.91 13.59
C VAL A 34 -1.73 -4.60 12.62
N LEU A 35 -1.92 -5.91 12.49
CA LEU A 35 -1.09 -6.70 11.61
C LEU A 35 -1.62 -6.59 10.18
N LEU A 36 -0.86 -5.89 9.35
CA LEU A 36 -1.25 -5.70 7.97
C LEU A 36 -0.52 -6.73 7.09
N ASN A 37 -1.21 -7.17 6.05
CA ASN A 37 -0.65 -8.15 5.14
C ASN A 37 -1.21 -7.90 3.73
N TRP A 38 -0.34 -8.11 2.75
CA TRP A 38 -0.72 -7.92 1.36
C TRP A 38 0.26 -8.70 0.48
N GLU A 39 -0.26 -9.20 -0.63
CA GLU A 39 0.55 -9.96 -1.55
C GLU A 39 1.75 -9.13 -2.03
N GLN A 40 2.59 -9.77 -2.83
CA GLN A 40 3.77 -9.10 -3.36
C GLN A 40 3.53 -8.65 -4.80
N VAL A 41 4.30 -7.66 -5.22
CA VAL A 41 4.18 -7.13 -6.56
C VAL A 41 5.47 -7.43 -7.34
N LYS A 42 5.33 -8.26 -8.36
CA LYS A 42 6.47 -8.62 -9.18
C LYS A 42 6.47 -7.77 -10.45
N ALA A 43 7.50 -6.93 -10.57
CA ALA A 43 7.63 -6.06 -11.73
C ALA A 43 7.67 -6.91 -12.99
N MET A 44 7.25 -6.29 -14.09
CA MET A 44 7.23 -6.97 -15.37
C MET A 44 8.56 -6.78 -16.11
N GLU A 45 8.56 -7.19 -17.37
CA GLU A 45 9.75 -7.09 -18.20
C GLU A 45 10.09 -5.61 -18.43
N ASN A 46 11.29 -5.24 -18.03
CA ASN A 46 11.75 -3.86 -18.20
C ASN A 46 11.08 -2.98 -17.15
N GLU A 47 10.77 -3.59 -16.01
CA GLU A 47 10.13 -2.87 -14.93
C GLU A 47 10.95 -2.99 -13.65
N SER A 48 10.81 -1.98 -12.81
CA SER A 48 11.54 -1.95 -11.54
C SER A 48 10.82 -2.80 -10.50
N GLU A 49 11.54 -3.79 -10.00
CA GLU A 49 10.97 -4.68 -8.99
C GLU A 49 10.63 -3.90 -7.72
N VAL A 50 9.83 -4.54 -6.87
CA VAL A 50 9.42 -3.92 -5.63
C VAL A 50 10.39 -4.32 -4.51
N THR A 51 11.02 -3.31 -3.93
CA THR A 51 11.97 -3.55 -2.86
C THR A 51 11.33 -3.25 -1.50
N GLY A 52 10.09 -2.80 -1.56
CA GLY A 52 9.36 -2.47 -0.35
C GLY A 52 7.96 -1.95 -0.68
N TYR A 53 7.36 -1.28 0.29
CA TYR A 53 6.02 -0.73 0.12
C TYR A 53 5.78 0.43 1.09
N LYS A 54 4.79 1.24 0.76
CA LYS A 54 4.44 2.39 1.58
C LYS A 54 3.03 2.20 2.13
N VAL A 55 2.94 2.10 3.44
CA VAL A 55 1.66 1.93 4.10
C VAL A 55 1.06 3.30 4.42
N PHE A 56 -0.02 3.62 3.71
CA PHE A 56 -0.69 4.89 3.90
C PHE A 56 -1.93 4.73 4.79
N TYR A 57 -1.76 5.08 6.05
CA TYR A 57 -2.86 4.98 7.01
C TYR A 57 -3.38 6.36 7.40
N ARG A 58 -4.69 6.48 7.45
CA ARG A 58 -5.32 7.73 7.81
C ARG A 58 -6.70 7.48 8.45
N THR A 59 -7.04 8.32 9.40
CA THR A 59 -8.31 8.20 10.09
C THR A 59 -9.46 8.51 9.14
N SER A 60 -10.67 8.16 9.57
CA SER A 60 -11.85 8.40 8.78
C SER A 60 -11.86 9.85 8.28
N SER A 61 -11.15 10.69 9.00
CA SER A 61 -11.07 12.11 8.66
C SER A 61 -9.85 12.74 9.33
N GLN A 62 -8.74 12.70 8.60
CA GLN A 62 -7.50 13.27 9.10
C GLN A 62 -6.78 14.05 8.00
N ASN A 63 -5.70 14.71 8.39
CA ASN A 63 -4.92 15.49 7.45
C ASN A 63 -4.21 14.55 6.47
N ASN A 64 -3.29 15.12 5.70
CA ASN A 64 -2.54 14.35 4.73
C ASN A 64 -2.15 13.00 5.36
N VAL A 65 -2.64 11.94 4.73
CA VAL A 65 -2.36 10.60 5.21
C VAL A 65 -0.87 10.46 5.48
N GLN A 66 -0.53 9.49 6.32
CA GLN A 66 0.85 9.25 6.67
C GLN A 66 1.43 8.13 5.79
N VAL A 67 2.72 7.87 5.99
CA VAL A 67 3.39 6.83 5.23
C VAL A 67 4.25 5.98 6.18
N LEU A 68 4.00 4.68 6.13
CA LEU A 68 4.73 3.76 6.99
C LEU A 68 5.70 2.95 6.13
N ASN A 69 6.90 2.78 6.66
CA ASN A 69 7.93 2.03 5.96
C ASN A 69 7.85 0.56 6.34
N THR A 70 7.99 -0.30 5.33
CA THR A 70 7.92 -1.74 5.56
C THR A 70 8.73 -2.47 4.49
N ASN A 71 9.77 -3.16 4.95
CA ASN A 71 10.63 -3.91 4.05
C ASN A 71 10.10 -5.33 3.92
N LYS A 72 8.78 -5.44 3.88
CA LYS A 72 8.13 -6.74 3.76
C LYS A 72 6.76 -6.55 3.10
N THR A 73 6.03 -7.65 3.02
CA THR A 73 4.70 -7.63 2.42
C THR A 73 3.64 -7.40 3.50
N SER A 74 4.11 -7.04 4.69
CA SER A 74 3.22 -6.80 5.81
C SER A 74 3.59 -5.48 6.50
N ALA A 75 2.95 -5.23 7.63
CA ALA A 75 3.22 -4.03 8.39
C ALA A 75 2.50 -4.12 9.74
N GLU A 76 2.79 -3.14 10.59
CA GLU A 76 2.20 -3.11 11.91
C GLU A 76 1.88 -1.66 12.32
N LEU A 77 0.60 -1.40 12.56
CA LEU A 77 0.17 -0.07 12.94
C LEU A 77 -0.45 -0.13 14.33
N VAL A 78 -0.88 1.03 14.81
CA VAL A 78 -1.51 1.12 16.12
C VAL A 78 -3.02 1.03 15.96
N LEU A 79 -3.67 0.58 17.03
CA LEU A 79 -5.11 0.43 17.03
C LEU A 79 -5.75 1.80 16.79
N PRO A 80 -6.84 1.79 15.95
CA PRO A 80 -7.55 3.02 15.63
C PRO A 80 -8.41 3.46 16.82
N ILE A 81 -8.12 4.66 17.30
CA ILE A 81 -8.86 5.22 18.42
C ILE A 81 -10.02 6.06 17.90
N LYS A 82 -11.11 5.38 17.58
CA LYS A 82 -12.30 6.06 17.07
C LYS A 82 -12.10 6.35 15.58
N GLU A 83 -13.22 6.48 14.89
CA GLU A 83 -13.18 6.76 13.46
C GLU A 83 -12.48 5.62 12.71
N ASP A 84 -13.06 5.26 11.58
CA ASP A 84 -12.51 4.19 10.77
C ASP A 84 -11.08 4.54 10.39
N TYR A 85 -10.43 3.60 9.70
CA TYR A 85 -9.06 3.79 9.29
C TYR A 85 -8.88 3.41 7.81
N ILE A 86 -8.42 4.38 7.04
CA ILE A 86 -8.20 4.17 5.61
C ILE A 86 -6.71 3.88 5.37
N ILE A 87 -6.41 2.59 5.22
CA ILE A 87 -5.05 2.17 4.99
C ILE A 87 -4.86 1.90 3.49
N GLU A 88 -3.71 2.34 2.99
CA GLU A 88 -3.39 2.15 1.59
C GLU A 88 -1.96 1.64 1.43
N VAL A 89 -1.84 0.49 0.78
CA VAL A 89 -0.55 -0.12 0.55
C VAL A 89 -0.04 0.28 -0.84
N LYS A 90 1.16 0.87 -0.85
CA LYS A 90 1.77 1.30 -2.09
C LYS A 90 3.08 0.54 -2.29
N ALA A 91 3.34 0.18 -3.54
CA ALA A 91 4.55 -0.54 -3.88
C ALA A 91 5.59 0.45 -4.43
N THR A 92 6.65 0.64 -3.67
CA THR A 92 7.71 1.55 -4.08
C THR A 92 8.88 0.77 -4.70
N THR A 93 9.66 1.47 -5.50
CA THR A 93 10.80 0.86 -6.16
C THR A 93 12.00 1.81 -6.14
N ASP A 94 13.04 1.41 -6.86
CA ASP A 94 14.24 2.22 -6.92
C ASP A 94 13.93 3.56 -7.59
N GLY A 95 12.84 3.56 -8.37
CA GLY A 95 12.42 4.76 -9.05
C GLY A 95 11.58 5.65 -8.14
N GLY A 96 10.77 5.00 -7.31
CA GLY A 96 9.91 5.71 -6.39
C GLY A 96 8.68 4.88 -6.03
N ASP A 97 7.66 5.57 -5.53
CA ASP A 97 6.43 4.91 -5.14
C ASP A 97 5.84 4.18 -6.36
N GLY A 98 4.65 3.65 -6.17
CA GLY A 98 3.97 2.93 -7.22
C GLY A 98 2.45 3.14 -7.16
N THR A 99 1.73 2.04 -7.14
CA THR A 99 0.28 2.08 -7.08
C THR A 99 -0.20 1.68 -5.69
N SER A 100 -1.36 2.22 -5.32
CA SER A 100 -1.95 1.92 -4.02
C SER A 100 -3.10 0.92 -4.18
N SER A 101 -3.18 0.00 -3.23
CA SER A 101 -4.22 -1.01 -3.26
C SER A 101 -5.53 -0.41 -2.73
N GLU A 102 -6.57 -1.24 -2.77
CA GLU A 102 -7.88 -0.81 -2.30
C GLU A 102 -7.81 -0.41 -0.83
N GLN A 103 -8.13 0.85 -0.58
CA GLN A 103 -8.12 1.37 0.78
C GLN A 103 -8.79 0.39 1.74
N ILE A 104 -8.17 0.20 2.89
CA ILE A 104 -8.69 -0.70 3.90
C ILE A 104 -9.63 0.07 4.82
N ARG A 105 -10.63 -0.65 5.34
CA ARG A 105 -11.59 -0.04 6.24
C ARG A 105 -11.55 -0.73 7.60
N ILE A 106 -10.89 -0.07 8.54
CA ILE A 106 -10.78 -0.60 9.89
C ILE A 106 -11.62 0.24 10.85
N PRO A 107 -12.82 -0.31 11.19
CA PRO A 107 -13.72 0.38 12.10
C PRO A 107 -13.22 0.30 13.54
N ARG A 108 -13.88 1.06 14.41
CA ARG A 108 -13.51 1.09 15.81
C ARG A 108 -13.30 -0.34 16.33
N ILE A 109 -12.24 -0.50 17.11
CA ILE A 109 -11.92 -1.80 17.67
C ILE A 109 -13.09 -2.29 18.53
N THR A 110 -13.67 -3.40 18.10
CA THR A 110 -14.80 -3.97 18.81
C THR A 110 -14.57 -3.91 20.32
N SER A 111 -13.37 -4.31 20.73
CA SER A 111 -13.01 -4.29 22.13
C SER A 111 -13.47 -5.59 22.81
N SER A 112 -14.77 -5.85 22.69
CA SER A 112 -15.35 -7.04 23.28
C SER A 112 -15.15 -7.03 24.80
N GLY A 113 -15.92 -7.86 25.47
CA GLY A 113 -15.83 -7.95 26.92
C GLY A 113 -16.51 -9.23 27.42
N PRO A 114 -15.81 -10.37 27.24
CA PRO A 114 -16.33 -11.66 27.67
C PRO A 114 -16.24 -11.81 29.19
N SER A 115 -15.05 -11.52 29.71
CA SER A 115 -14.82 -11.62 31.14
C SER A 115 -15.50 -10.46 31.86
N SER A 116 -16.69 -10.75 32.39
CA SER A 116 -17.45 -9.74 33.10
C SER A 116 -16.52 -8.91 34.00
N GLY A 117 -16.26 -7.69 33.56
CA GLY A 117 -15.40 -6.80 34.31
C GLY A 117 -14.96 -5.61 33.45
N GLY A 1 3.68 10.78 -36.06
CA GLY A 1 3.33 9.61 -35.27
C GLY A 1 2.33 8.73 -36.03
N SER A 2 1.40 8.17 -35.27
CA SER A 2 0.38 7.31 -35.85
C SER A 2 1.02 6.04 -36.41
N SER A 3 0.59 4.91 -35.89
CA SER A 3 1.11 3.63 -36.33
C SER A 3 0.21 2.50 -35.84
N GLY A 4 0.44 1.32 -36.39
CA GLY A 4 -0.35 0.16 -36.03
C GLY A 4 0.38 -0.68 -34.97
N SER A 5 0.81 -1.87 -35.39
CA SER A 5 1.51 -2.76 -34.48
C SER A 5 2.77 -3.32 -35.17
N SER A 6 3.89 -2.73 -34.83
CA SER A 6 5.16 -3.15 -35.40
C SER A 6 6.28 -3.01 -34.37
N GLY A 7 7.41 -3.64 -34.67
CA GLY A 7 8.56 -3.59 -33.78
C GLY A 7 9.60 -2.58 -34.28
N THR A 8 9.82 -1.56 -33.46
CA THR A 8 10.78 -0.53 -33.80
C THR A 8 11.93 -0.50 -32.78
N VAL A 9 12.95 0.28 -33.10
CA VAL A 9 14.10 0.41 -32.23
C VAL A 9 14.02 1.74 -31.48
N ASN A 10 14.28 1.67 -30.18
CA ASN A 10 14.24 2.86 -29.34
C ASN A 10 15.01 2.58 -28.05
N VAL A 11 15.29 3.65 -27.32
CA VAL A 11 16.01 3.55 -26.06
C VAL A 11 15.14 4.10 -24.93
N THR A 12 15.63 3.93 -23.72
CA THR A 12 14.91 4.42 -22.55
C THR A 12 15.88 4.62 -21.38
N THR A 13 15.74 5.76 -20.73
CA THR A 13 16.58 6.09 -19.59
C THR A 13 15.76 6.18 -18.31
N LYS A 14 16.36 5.72 -17.22
CA LYS A 14 15.69 5.74 -15.93
C LYS A 14 14.56 4.71 -15.93
N LYS A 15 14.46 3.99 -14.83
CA LYS A 15 13.43 2.97 -14.68
C LYS A 15 12.18 3.59 -14.06
N THR A 16 11.14 2.78 -13.98
CA THR A 16 9.88 3.25 -13.41
C THR A 16 9.23 2.13 -12.58
N PRO A 17 8.37 2.56 -11.63
CA PRO A 17 7.67 1.62 -10.77
C PRO A 17 6.55 0.90 -11.52
N PRO A 18 6.27 -0.35 -11.07
CA PRO A 18 5.23 -1.15 -11.70
C PRO A 18 3.84 -0.65 -11.30
N SER A 19 2.91 -0.79 -12.23
CA SER A 19 1.54 -0.37 -11.98
C SER A 19 0.72 -1.53 -11.40
N GLN A 20 1.41 -2.37 -10.66
CA GLN A 20 0.76 -3.53 -10.04
C GLN A 20 0.56 -3.29 -8.54
N PRO A 21 -0.73 -3.07 -8.17
CA PRO A 21 -1.07 -2.84 -6.77
C PRO A 21 -1.01 -4.13 -5.97
N PRO A 22 -0.71 -3.97 -4.64
CA PRO A 22 -0.62 -5.12 -3.76
C PRO A 22 -2.02 -5.66 -3.41
N GLY A 23 -2.22 -6.92 -3.73
CA GLY A 23 -3.49 -7.57 -3.47
C GLY A 23 -3.45 -8.34 -2.15
N ASN A 24 -4.52 -9.09 -1.91
CA ASN A 24 -4.62 -9.88 -0.68
C ASN A 24 -4.32 -8.98 0.52
N VAL A 25 -4.57 -7.70 0.34
CA VAL A 25 -4.34 -6.73 1.40
C VAL A 25 -5.31 -6.99 2.55
N VAL A 26 -4.86 -7.82 3.48
CA VAL A 26 -5.68 -8.16 4.63
C VAL A 26 -5.14 -7.44 5.87
N TRP A 27 -6.01 -7.31 6.86
CA TRP A 27 -5.64 -6.64 8.10
C TRP A 27 -6.10 -7.50 9.26
N ASN A 28 -5.80 -7.04 10.47
CA ASN A 28 -6.19 -7.76 11.66
C ASN A 28 -5.99 -6.86 12.89
N ALA A 29 -6.66 -7.23 13.97
CA ALA A 29 -6.57 -6.47 15.21
C ALA A 29 -6.44 -7.43 16.39
N THR A 30 -5.34 -7.30 17.10
CA THR A 30 -5.08 -8.16 18.25
C THR A 30 -4.44 -7.35 19.38
N ASP A 31 -4.78 -7.73 20.61
CA ASP A 31 -4.24 -7.05 21.78
C ASP A 31 -4.49 -5.55 21.64
N THR A 32 -3.52 -4.86 21.04
CA THR A 32 -3.63 -3.43 20.85
C THR A 32 -2.74 -2.99 19.68
N LYS A 33 -2.84 -3.74 18.59
CA LYS A 33 -2.06 -3.43 17.40
C LYS A 33 -2.82 -3.90 16.16
N VAL A 34 -2.40 -3.39 15.01
CA VAL A 34 -3.03 -3.75 13.75
C VAL A 34 -2.01 -4.42 12.85
N LEU A 35 -2.12 -5.73 12.74
CA LEU A 35 -1.22 -6.50 11.91
C LEU A 35 -1.74 -6.51 10.47
N LEU A 36 -0.95 -5.90 9.59
CA LEU A 36 -1.31 -5.83 8.19
C LEU A 36 -0.60 -6.95 7.42
N ASN A 37 -1.18 -7.31 6.29
CA ASN A 37 -0.62 -8.36 5.46
C ASN A 37 -1.21 -8.27 4.05
N TRP A 38 -0.32 -8.16 3.08
CA TRP A 38 -0.74 -8.06 1.69
C TRP A 38 0.19 -8.94 0.85
N GLU A 39 -0.16 -9.07 -0.42
CA GLU A 39 0.64 -9.87 -1.33
C GLU A 39 1.87 -9.09 -1.80
N GLN A 40 2.52 -9.64 -2.81
CA GLN A 40 3.70 -9.00 -3.38
C GLN A 40 3.43 -8.50 -4.80
N VAL A 41 4.28 -7.60 -5.25
CA VAL A 41 4.15 -7.05 -6.59
C VAL A 41 5.43 -7.28 -7.38
N LYS A 42 5.32 -8.10 -8.42
CA LYS A 42 6.46 -8.41 -9.25
C LYS A 42 6.43 -7.53 -10.50
N ALA A 43 7.40 -6.62 -10.57
CA ALA A 43 7.49 -5.72 -11.70
C ALA A 43 7.60 -6.53 -12.99
N MET A 44 6.88 -6.08 -14.00
CA MET A 44 6.88 -6.74 -15.29
C MET A 44 7.85 -6.07 -16.25
N GLU A 45 7.72 -6.42 -17.52
CA GLU A 45 8.58 -5.87 -18.56
C GLU A 45 9.96 -5.52 -17.97
N ASN A 46 10.49 -4.41 -18.44
CA ASN A 46 11.79 -3.95 -17.98
C ASN A 46 11.60 -2.97 -16.82
N GLU A 47 10.50 -3.16 -16.10
CA GLU A 47 10.18 -2.30 -14.97
C GLU A 47 11.13 -2.58 -13.81
N SER A 48 10.93 -1.84 -12.74
CA SER A 48 11.75 -2.00 -11.55
C SER A 48 11.00 -2.83 -10.50
N GLU A 49 11.70 -3.81 -9.95
CA GLU A 49 11.11 -4.68 -8.94
C GLU A 49 10.76 -3.86 -7.69
N VAL A 50 9.89 -4.45 -6.87
CA VAL A 50 9.48 -3.80 -5.64
C VAL A 50 10.53 -4.03 -4.55
N THR A 51 11.25 -2.96 -4.24
CA THR A 51 12.28 -3.04 -3.23
C THR A 51 11.68 -2.80 -1.84
N GLY A 52 10.41 -2.45 -1.83
CA GLY A 52 9.71 -2.18 -0.58
C GLY A 52 8.27 -1.74 -0.84
N TYR A 53 7.62 -1.31 0.22
CA TYR A 53 6.25 -0.85 0.12
C TYR A 53 5.98 0.34 1.06
N LYS A 54 4.96 1.10 0.73
CA LYS A 54 4.60 2.26 1.53
C LYS A 54 3.17 2.09 2.06
N VAL A 55 3.07 2.05 3.38
CA VAL A 55 1.76 1.89 4.01
C VAL A 55 1.17 3.27 4.30
N PHE A 56 0.01 3.51 3.71
CA PHE A 56 -0.68 4.78 3.89
C PHE A 56 -1.90 4.62 4.80
N TYR A 57 -1.72 5.01 6.06
CA TYR A 57 -2.80 4.90 7.02
C TYR A 57 -3.34 6.29 7.39
N ARG A 58 -4.65 6.39 7.44
CA ARG A 58 -5.31 7.64 7.78
C ARG A 58 -6.69 7.39 8.35
N THR A 59 -7.02 8.14 9.40
CA THR A 59 -8.31 8.00 10.06
C THR A 59 -9.44 8.22 9.05
N SER A 60 -10.65 7.90 9.49
CA SER A 60 -11.82 8.04 8.64
C SER A 60 -11.77 9.38 7.90
N SER A 61 -11.09 10.34 8.52
CA SER A 61 -10.96 11.66 7.92
C SER A 61 -9.77 12.39 8.55
N GLN A 62 -8.64 12.33 7.85
CA GLN A 62 -7.43 12.98 8.33
C GLN A 62 -7.02 14.10 7.35
N ASN A 63 -6.05 14.88 7.79
CA ASN A 63 -5.56 15.99 6.99
C ASN A 63 -4.64 15.44 5.89
N ASN A 64 -3.54 14.84 6.32
CA ASN A 64 -2.59 14.28 5.39
C ASN A 64 -2.15 12.90 5.88
N VAL A 65 -2.45 11.89 5.07
CA VAL A 65 -2.11 10.52 5.41
C VAL A 65 -0.59 10.40 5.53
N GLN A 66 -0.16 9.46 6.36
CA GLN A 66 1.26 9.23 6.56
C GLN A 66 1.70 7.98 5.81
N VAL A 67 3.02 7.83 5.72
CA VAL A 67 3.60 6.69 5.02
C VAL A 67 4.59 5.98 5.94
N LEU A 68 4.53 4.66 5.93
CA LEU A 68 5.41 3.85 6.75
C LEU A 68 6.32 3.01 5.86
N ASN A 69 7.60 3.01 6.19
CA ASN A 69 8.58 2.26 5.42
C ASN A 69 8.65 0.83 5.97
N THR A 70 8.60 -0.12 5.05
CA THR A 70 8.66 -1.53 5.42
C THR A 70 9.17 -2.37 4.26
N ASN A 71 10.18 -3.17 4.55
CA ASN A 71 10.78 -4.04 3.54
C ASN A 71 10.13 -5.42 3.60
N LYS A 72 8.80 -5.41 3.61
CA LYS A 72 8.06 -6.66 3.67
C LYS A 72 6.68 -6.46 3.02
N THR A 73 5.90 -7.52 3.00
CA THR A 73 4.58 -7.48 2.41
C THR A 73 3.52 -7.25 3.50
N SER A 74 4.00 -6.92 4.68
CA SER A 74 3.11 -6.68 5.81
C SER A 74 3.53 -5.42 6.55
N ALA A 75 2.77 -5.10 7.59
CA ALA A 75 3.05 -3.92 8.39
C ALA A 75 2.33 -4.03 9.74
N GLU A 76 2.51 -3.01 10.55
CA GLU A 76 1.88 -2.97 11.86
C GLU A 76 1.57 -1.54 12.27
N LEU A 77 0.28 -1.26 12.41
CA LEU A 77 -0.15 0.07 12.80
C LEU A 77 -0.68 0.04 14.24
N VAL A 78 -1.14 1.20 14.70
CA VAL A 78 -1.66 1.31 16.04
C VAL A 78 -3.18 1.21 16.01
N LEU A 79 -3.75 0.75 17.12
CA LEU A 79 -5.18 0.60 17.23
C LEU A 79 -5.86 1.95 16.98
N PRO A 80 -7.07 1.88 16.35
CA PRO A 80 -7.82 3.09 16.05
C PRO A 80 -8.47 3.67 17.31
N ILE A 81 -8.52 4.99 17.37
CA ILE A 81 -9.10 5.66 18.51
C ILE A 81 -10.63 5.60 18.41
N LYS A 82 -11.14 6.09 17.30
CA LYS A 82 -12.57 6.09 17.07
C LYS A 82 -12.85 6.03 15.57
N GLU A 83 -12.77 7.18 14.93
CA GLU A 83 -13.00 7.26 13.50
C GLU A 83 -12.34 6.09 12.78
N ASP A 84 -13.02 5.59 11.76
CA ASP A 84 -12.51 4.47 10.99
C ASP A 84 -11.06 4.74 10.61
N TYR A 85 -10.45 3.74 9.98
CA TYR A 85 -9.05 3.87 9.57
C TYR A 85 -8.88 3.38 8.13
N ILE A 86 -8.38 4.29 7.29
CA ILE A 86 -8.16 3.98 5.89
C ILE A 86 -6.68 3.67 5.67
N ILE A 87 -6.41 2.45 5.25
CA ILE A 87 -5.04 2.02 5.00
C ILE A 87 -4.86 1.77 3.49
N GLU A 88 -3.73 2.25 2.98
CA GLU A 88 -3.42 2.08 1.57
C GLU A 88 -1.98 1.57 1.40
N VAL A 89 -1.88 0.46 0.68
CA VAL A 89 -0.57 -0.14 0.44
C VAL A 89 -0.17 0.12 -1.01
N LYS A 90 1.09 0.48 -1.19
CA LYS A 90 1.62 0.76 -2.52
C LYS A 90 3.12 0.44 -2.54
N ALA A 91 3.50 -0.36 -3.52
CA ALA A 91 4.90 -0.75 -3.66
C ALA A 91 5.71 0.47 -4.10
N THR A 92 7.01 0.40 -3.82
CA THR A 92 7.90 1.49 -4.18
C THR A 92 9.20 0.94 -4.78
N THR A 93 9.77 1.71 -5.68
CA THR A 93 11.01 1.30 -6.33
C THR A 93 12.04 2.45 -6.29
N ASP A 94 13.16 2.22 -6.95
CA ASP A 94 14.21 3.22 -6.99
C ASP A 94 13.73 4.44 -7.77
N GLY A 95 12.72 4.22 -8.60
CA GLY A 95 12.15 5.28 -9.40
C GLY A 95 11.18 6.14 -8.59
N GLY A 96 10.40 5.46 -7.76
CA GLY A 96 9.43 6.13 -6.92
C GLY A 96 8.44 5.13 -6.32
N ASP A 97 7.21 5.58 -6.17
CA ASP A 97 6.16 4.75 -5.60
C ASP A 97 5.46 4.00 -6.73
N GLY A 98 4.44 3.24 -6.33
CA GLY A 98 3.67 2.46 -7.30
C GLY A 98 2.17 2.76 -7.17
N THR A 99 1.38 1.70 -7.27
CA THR A 99 -0.06 1.84 -7.17
C THR A 99 -0.53 1.51 -5.74
N SER A 100 -1.63 2.13 -5.37
CA SER A 100 -2.20 1.91 -4.04
C SER A 100 -3.37 0.93 -4.12
N SER A 101 -3.30 -0.09 -3.27
CA SER A 101 -4.35 -1.10 -3.24
C SER A 101 -5.61 -0.52 -2.61
N GLU A 102 -6.72 -1.22 -2.84
CA GLU A 102 -8.00 -0.78 -2.30
C GLU A 102 -7.86 -0.41 -0.82
N GLN A 103 -8.17 0.84 -0.52
CA GLN A 103 -8.09 1.33 0.84
C GLN A 103 -8.82 0.39 1.79
N ILE A 104 -8.21 0.17 2.94
CA ILE A 104 -8.78 -0.71 3.94
C ILE A 104 -9.73 0.09 4.83
N ARG A 105 -10.61 -0.62 5.51
CA ARG A 105 -11.57 0.00 6.40
C ARG A 105 -11.58 -0.69 7.75
N ILE A 106 -10.89 -0.07 8.70
CA ILE A 106 -10.80 -0.62 10.05
C ILE A 106 -11.55 0.30 11.02
N PRO A 107 -12.83 -0.08 11.30
CA PRO A 107 -13.66 0.70 12.20
C PRO A 107 -13.23 0.49 13.65
N ARG A 108 -13.90 1.20 14.55
CA ARG A 108 -13.61 1.10 15.96
C ARG A 108 -13.30 -0.35 16.34
N ILE A 109 -12.44 -0.50 17.35
CA ILE A 109 -12.05 -1.82 17.81
C ILE A 109 -13.21 -2.44 18.58
N THR A 110 -13.40 -3.74 18.37
CA THR A 110 -14.46 -4.46 19.05
C THR A 110 -14.24 -4.44 20.55
N SER A 111 -15.16 -5.10 21.26
CA SER A 111 -15.09 -5.15 22.71
C SER A 111 -15.07 -6.61 23.18
N SER A 112 -13.91 -7.01 23.68
CA SER A 112 -13.74 -8.37 24.16
C SER A 112 -14.44 -8.55 25.51
N GLY A 113 -15.42 -9.44 25.53
CA GLY A 113 -16.17 -9.71 26.74
C GLY A 113 -16.04 -11.17 27.15
N PRO A 114 -15.15 -11.41 28.15
CA PRO A 114 -14.91 -12.75 28.65
C PRO A 114 -16.07 -13.21 29.53
N SER A 115 -16.36 -14.50 29.44
CA SER A 115 -17.44 -15.08 30.22
C SER A 115 -17.02 -16.45 30.77
N SER A 116 -16.83 -16.49 32.08
CA SER A 116 -16.43 -17.72 32.73
C SER A 116 -17.63 -18.36 33.45
N GLY A 117 -17.95 -19.57 33.02
CA GLY A 117 -19.06 -20.29 33.60
C GLY A 117 -18.62 -21.10 34.83
N GLY A 1 3.16 -2.80 -51.86
CA GLY A 1 3.68 -2.39 -50.56
C GLY A 1 4.58 -3.49 -49.98
N SER A 2 5.88 -3.20 -49.97
CA SER A 2 6.85 -4.14 -49.44
C SER A 2 7.13 -3.83 -47.98
N SER A 3 7.85 -4.75 -47.33
CA SER A 3 8.20 -4.58 -45.94
C SER A 3 9.33 -5.53 -45.56
N GLY A 4 10.23 -5.03 -44.73
CA GLY A 4 11.37 -5.83 -44.28
C GLY A 4 12.30 -5.00 -43.40
N SER A 5 13.58 -5.34 -43.47
CA SER A 5 14.58 -4.64 -42.67
C SER A 5 14.25 -4.76 -41.19
N SER A 6 15.25 -4.50 -40.36
CA SER A 6 15.08 -4.57 -38.93
C SER A 6 16.20 -3.82 -38.22
N GLY A 7 16.09 -3.74 -36.91
CA GLY A 7 17.09 -3.05 -36.11
C GLY A 7 16.43 -2.01 -35.19
N THR A 8 17.05 -1.83 -34.03
CA THR A 8 16.53 -0.87 -33.06
C THR A 8 17.55 -0.65 -31.94
N VAL A 9 18.39 0.35 -32.12
CA VAL A 9 19.41 0.67 -31.14
C VAL A 9 19.03 1.97 -30.43
N ASN A 10 19.16 1.96 -29.12
CA ASN A 10 18.84 3.13 -28.31
C ASN A 10 19.03 2.80 -26.83
N VAL A 11 20.02 3.44 -26.23
CA VAL A 11 20.31 3.23 -24.83
C VAL A 11 19.65 4.32 -24.00
N THR A 12 19.45 4.02 -22.72
CA THR A 12 18.82 4.96 -21.81
C THR A 12 19.05 4.54 -20.36
N THR A 13 18.93 5.51 -19.46
CA THR A 13 19.11 5.24 -18.05
C THR A 13 17.93 5.81 -17.25
N LYS A 14 16.84 5.06 -17.27
CA LYS A 14 15.64 5.48 -16.54
C LYS A 14 14.59 4.37 -16.63
N LYS A 15 13.93 4.14 -15.50
CA LYS A 15 12.91 3.12 -15.43
C LYS A 15 11.64 3.72 -14.83
N THR A 16 10.65 2.85 -14.62
CA THR A 16 9.39 3.28 -14.04
C THR A 16 8.81 2.19 -13.15
N PRO A 17 7.95 2.63 -12.18
CA PRO A 17 7.32 1.70 -11.26
C PRO A 17 6.21 0.91 -11.94
N PRO A 18 5.99 -0.33 -11.43
CA PRO A 18 4.95 -1.18 -11.99
C PRO A 18 3.56 -0.72 -11.55
N SER A 19 2.62 -0.78 -12.49
CA SER A 19 1.26 -0.37 -12.21
C SER A 19 0.46 -1.55 -11.67
N GLN A 20 1.12 -2.36 -10.87
CA GLN A 20 0.48 -3.53 -10.28
C GLN A 20 0.38 -3.37 -8.76
N PRO A 21 -0.87 -3.18 -8.29
CA PRO A 21 -1.12 -3.00 -6.87
C PRO A 21 -1.02 -4.34 -6.14
N PRO A 22 -0.71 -4.26 -4.81
CA PRO A 22 -0.57 -5.44 -3.99
C PRO A 22 -1.94 -6.03 -3.66
N GLY A 23 -2.08 -7.32 -3.95
CA GLY A 23 -3.33 -8.02 -3.68
C GLY A 23 -3.30 -8.70 -2.32
N ASN A 24 -4.38 -9.43 -2.03
CA ASN A 24 -4.49 -10.14 -0.77
C ASN A 24 -4.22 -9.16 0.38
N VAL A 25 -4.56 -7.91 0.14
CA VAL A 25 -4.37 -6.86 1.14
C VAL A 25 -5.33 -7.10 2.31
N VAL A 26 -4.85 -7.85 3.29
CA VAL A 26 -5.65 -8.16 4.46
C VAL A 26 -5.10 -7.39 5.66
N TRP A 27 -5.88 -7.44 6.75
CA TRP A 27 -5.47 -6.76 7.97
C TRP A 27 -6.00 -7.56 9.15
N ASN A 28 -5.68 -7.08 10.35
CA ASN A 28 -6.12 -7.75 11.56
C ASN A 28 -5.98 -6.78 12.74
N ALA A 29 -6.70 -7.10 13.81
CA ALA A 29 -6.66 -6.27 15.01
C ALA A 29 -6.61 -7.17 16.25
N THR A 30 -5.57 -6.98 17.04
CA THR A 30 -5.39 -7.76 18.25
C THR A 30 -4.64 -6.95 19.31
N ASP A 31 -4.72 -7.43 20.54
CA ASP A 31 -4.05 -6.76 21.64
C ASP A 31 -4.31 -5.26 21.56
N THR A 32 -3.38 -4.56 20.92
CA THR A 32 -3.50 -3.12 20.76
C THR A 32 -2.70 -2.64 19.56
N LYS A 33 -2.81 -3.40 18.47
CA LYS A 33 -2.10 -3.07 17.25
C LYS A 33 -2.86 -3.60 16.05
N VAL A 34 -2.45 -3.15 14.87
CA VAL A 34 -3.10 -3.58 13.64
C VAL A 34 -2.06 -4.22 12.72
N LEU A 35 -2.21 -5.52 12.52
CA LEU A 35 -1.30 -6.26 11.67
C LEU A 35 -1.81 -6.22 10.23
N LEU A 36 -0.94 -5.81 9.33
CA LEU A 36 -1.29 -5.73 7.92
C LEU A 36 -0.58 -6.85 7.16
N ASN A 37 -1.21 -7.27 6.07
CA ASN A 37 -0.65 -8.33 5.25
C ASN A 37 -1.19 -8.21 3.83
N TRP A 38 -0.28 -8.14 2.87
CA TRP A 38 -0.65 -8.03 1.48
C TRP A 38 0.37 -8.81 0.64
N GLU A 39 -0.08 -9.29 -0.50
CA GLU A 39 0.78 -10.04 -1.40
C GLU A 39 1.93 -9.17 -1.89
N GLN A 40 2.81 -9.78 -2.68
CA GLN A 40 3.95 -9.08 -3.22
C GLN A 40 3.66 -8.59 -4.64
N VAL A 41 4.50 -7.67 -5.10
CA VAL A 41 4.34 -7.12 -6.44
C VAL A 41 5.64 -7.34 -7.22
N LYS A 42 5.51 -8.10 -8.31
CA LYS A 42 6.66 -8.40 -9.15
C LYS A 42 6.46 -7.73 -10.52
N ALA A 43 7.34 -6.78 -10.80
CA ALA A 43 7.28 -6.05 -12.06
C ALA A 43 7.72 -6.97 -13.19
N MET A 44 7.76 -6.41 -14.39
CA MET A 44 8.17 -7.17 -15.57
C MET A 44 9.61 -6.84 -15.95
N GLU A 45 10.03 -7.38 -17.09
CA GLU A 45 11.38 -7.15 -17.58
C GLU A 45 11.48 -5.77 -18.24
N ASN A 46 10.40 -5.03 -18.13
CA ASN A 46 10.35 -3.69 -18.71
C ASN A 46 9.85 -2.70 -17.65
N GLU A 47 10.07 -3.06 -16.39
CA GLU A 47 9.66 -2.22 -15.29
C GLU A 47 10.64 -2.35 -14.12
N SER A 48 10.40 -1.56 -13.09
CA SER A 48 11.25 -1.59 -11.91
C SER A 48 10.62 -2.48 -10.84
N GLU A 49 11.40 -3.47 -10.43
CA GLU A 49 10.94 -4.41 -9.41
C GLU A 49 10.65 -3.67 -8.10
N VAL A 50 9.91 -4.34 -7.23
CA VAL A 50 9.56 -3.76 -5.95
C VAL A 50 10.65 -4.10 -4.92
N THR A 51 11.10 -3.07 -4.22
CA THR A 51 12.13 -3.25 -3.21
C THR A 51 11.57 -2.96 -1.82
N GLY A 52 10.34 -2.47 -1.80
CA GLY A 52 9.68 -2.16 -0.54
C GLY A 52 8.22 -1.73 -0.77
N TYR A 53 7.64 -1.16 0.26
CA TYR A 53 6.25 -0.71 0.18
C TYR A 53 5.99 0.44 1.17
N LYS A 54 4.87 1.11 0.95
CA LYS A 54 4.50 2.22 1.82
C LYS A 54 3.07 2.00 2.32
N VAL A 55 2.94 1.94 3.64
CA VAL A 55 1.64 1.75 4.25
C VAL A 55 1.03 3.10 4.58
N PHE A 56 0.10 3.52 3.74
CA PHE A 56 -0.58 4.80 3.94
C PHE A 56 -1.81 4.64 4.82
N TYR A 57 -1.66 4.98 6.09
CA TYR A 57 -2.75 4.89 7.03
C TYR A 57 -3.27 6.27 7.42
N ARG A 58 -4.59 6.39 7.46
CA ARG A 58 -5.21 7.65 7.81
C ARG A 58 -6.64 7.41 8.30
N THR A 59 -6.97 8.03 9.42
CA THR A 59 -8.30 7.90 10.00
C THR A 59 -9.35 8.40 9.02
N SER A 60 -10.60 8.07 9.34
CA SER A 60 -11.72 8.48 8.49
C SER A 60 -11.76 10.01 8.39
N SER A 61 -11.19 10.52 7.32
CA SER A 61 -11.16 11.95 7.09
C SER A 61 -9.96 12.57 7.81
N GLN A 62 -8.77 12.25 7.30
CA GLN A 62 -7.55 12.77 7.89
C GLN A 62 -6.76 13.57 6.85
N ASN A 63 -6.48 14.82 7.20
CA ASN A 63 -5.75 15.70 6.31
C ASN A 63 -4.31 15.19 6.18
N ASN A 64 -3.97 14.76 4.97
CA ASN A 64 -2.64 14.25 4.69
C ASN A 64 -2.46 12.92 5.42
N VAL A 65 -2.35 11.86 4.62
CA VAL A 65 -2.17 10.52 5.18
C VAL A 65 -0.71 10.34 5.58
N GLN A 66 -0.47 9.32 6.40
CA GLN A 66 0.88 9.04 6.86
C GLN A 66 1.51 7.95 5.98
N VAL A 67 2.77 7.65 6.29
CA VAL A 67 3.50 6.65 5.54
C VAL A 67 4.37 5.83 6.51
N LEU A 68 4.51 4.55 6.19
CA LEU A 68 5.30 3.66 7.01
C LEU A 68 6.23 2.84 6.12
N ASN A 69 7.53 2.98 6.36
CA ASN A 69 8.52 2.25 5.58
C ASN A 69 8.53 0.79 6.03
N THR A 70 8.35 -0.09 5.05
CA THR A 70 8.35 -1.52 5.33
C THR A 70 9.02 -2.28 4.19
N ASN A 71 9.92 -3.17 4.58
CA ASN A 71 10.65 -3.97 3.60
C ASN A 71 9.95 -5.33 3.43
N LYS A 72 8.95 -5.55 4.28
CA LYS A 72 8.20 -6.78 4.24
C LYS A 72 6.86 -6.53 3.54
N THR A 73 6.13 -7.62 3.30
CA THR A 73 4.84 -7.53 2.64
C THR A 73 3.72 -7.33 3.68
N SER A 74 4.14 -6.99 4.89
CA SER A 74 3.21 -6.77 5.97
C SER A 74 3.56 -5.47 6.72
N ALA A 75 2.79 -5.22 7.77
CA ALA A 75 3.01 -4.02 8.56
C ALA A 75 2.25 -4.16 9.89
N GLU A 76 2.57 -3.26 10.81
CA GLU A 76 1.93 -3.26 12.11
C GLU A 76 1.64 -1.83 12.57
N LEU A 77 0.35 -1.54 12.72
CA LEU A 77 -0.06 -0.21 13.15
C LEU A 77 -0.60 -0.28 14.58
N VAL A 78 -1.04 0.86 15.07
CA VAL A 78 -1.57 0.93 16.43
C VAL A 78 -3.10 0.94 16.36
N LEU A 79 -3.71 0.48 17.45
CA LEU A 79 -5.16 0.43 17.53
C LEU A 79 -5.74 1.77 17.07
N PRO A 80 -6.92 1.68 16.39
CA PRO A 80 -7.59 2.87 15.89
C PRO A 80 -8.26 3.64 17.03
N ILE A 81 -8.11 4.97 16.98
CA ILE A 81 -8.69 5.82 17.99
C ILE A 81 -9.86 6.60 17.39
N LYS A 82 -11.03 5.99 17.41
CA LYS A 82 -12.23 6.61 16.88
C LYS A 82 -12.06 6.79 15.36
N GLU A 83 -13.19 6.88 14.68
CA GLU A 83 -13.19 7.05 13.24
C GLU A 83 -12.50 5.87 12.56
N ASP A 84 -13.07 5.46 11.43
CA ASP A 84 -12.52 4.35 10.68
C ASP A 84 -11.08 4.66 10.28
N TYR A 85 -10.38 3.63 9.83
CA TYR A 85 -9.00 3.78 9.40
C TYR A 85 -8.83 3.45 7.92
N ILE A 86 -8.34 4.43 7.17
CA ILE A 86 -8.14 4.24 5.75
C ILE A 86 -6.66 3.91 5.49
N ILE A 87 -6.40 2.64 5.27
CA ILE A 87 -5.05 2.18 5.02
C ILE A 87 -4.85 1.98 3.51
N GLU A 88 -3.65 2.27 3.06
CA GLU A 88 -3.33 2.12 1.65
C GLU A 88 -1.92 1.54 1.48
N VAL A 89 -1.85 0.41 0.78
CA VAL A 89 -0.58 -0.25 0.54
C VAL A 89 -0.02 0.22 -0.80
N LYS A 90 1.27 0.54 -0.78
CA LYS A 90 1.95 1.00 -1.99
C LYS A 90 3.32 0.32 -2.09
N ALA A 91 3.73 0.09 -3.32
CA ALA A 91 5.01 -0.56 -3.57
C ALA A 91 6.02 0.50 -4.03
N THR A 92 7.19 0.46 -3.40
CA THR A 92 8.24 1.40 -3.73
C THR A 92 9.25 0.76 -4.69
N THR A 93 9.81 1.61 -5.55
CA THR A 93 10.79 1.13 -6.53
C THR A 93 11.95 2.11 -6.62
N ASP A 94 12.82 1.85 -7.59
CA ASP A 94 13.98 2.71 -7.81
C ASP A 94 13.53 4.03 -8.42
N GLY A 95 12.30 4.02 -8.93
CA GLY A 95 11.74 5.21 -9.54
C GLY A 95 10.93 6.02 -8.52
N GLY A 96 10.27 5.30 -7.62
CA GLY A 96 9.46 5.93 -6.60
C GLY A 96 8.40 4.96 -6.06
N ASP A 97 7.17 5.44 -6.05
CA ASP A 97 6.07 4.62 -5.56
C ASP A 97 5.35 3.98 -6.74
N GLY A 98 4.33 3.19 -6.43
CA GLY A 98 3.57 2.50 -7.46
C GLY A 98 2.07 2.79 -7.31
N THR A 99 1.29 1.72 -7.29
CA THR A 99 -0.15 1.85 -7.14
C THR A 99 -0.56 1.58 -5.70
N SER A 100 -1.61 2.27 -5.28
CA SER A 100 -2.12 2.12 -3.93
C SER A 100 -3.32 1.17 -3.92
N SER A 101 -3.13 0.04 -3.28
CA SER A 101 -4.19 -0.96 -3.20
C SER A 101 -5.48 -0.32 -2.67
N GLU A 102 -6.55 -1.09 -2.74
CA GLU A 102 -7.85 -0.61 -2.28
C GLU A 102 -7.77 -0.21 -0.82
N GLN A 103 -8.17 1.03 -0.55
CA GLN A 103 -8.15 1.55 0.81
C GLN A 103 -8.80 0.56 1.76
N ILE A 104 -8.14 0.34 2.89
CA ILE A 104 -8.64 -0.58 3.89
C ILE A 104 -9.50 0.18 4.90
N ARG A 105 -10.65 -0.41 5.22
CA ARG A 105 -11.57 0.21 6.16
C ARG A 105 -11.54 -0.56 7.49
N ILE A 106 -10.81 0.00 8.44
CA ILE A 106 -10.69 -0.60 9.76
C ILE A 106 -11.35 0.30 10.80
N PRO A 107 -12.57 -0.11 11.22
CA PRO A 107 -13.31 0.66 12.22
C PRO A 107 -12.71 0.48 13.61
N ARG A 108 -13.07 1.40 14.49
CA ARG A 108 -12.59 1.35 15.87
C ARG A 108 -12.80 -0.04 16.46
N ILE A 109 -12.41 -0.18 17.72
CA ILE A 109 -12.56 -1.45 18.41
C ILE A 109 -14.05 -1.74 18.64
N THR A 110 -14.37 -3.02 18.59
CA THR A 110 -15.76 -3.44 18.78
C THR A 110 -16.11 -3.47 20.27
N SER A 111 -15.31 -4.22 21.01
CA SER A 111 -15.52 -4.34 22.44
C SER A 111 -16.80 -5.13 22.72
N SER A 112 -16.99 -5.48 23.98
CA SER A 112 -18.16 -6.23 24.39
C SER A 112 -19.39 -5.73 23.63
N GLY A 113 -20.31 -6.66 23.38
CA GLY A 113 -21.53 -6.33 22.68
C GLY A 113 -22.41 -7.56 22.48
N PRO A 114 -23.30 -7.79 23.49
CA PRO A 114 -24.20 -8.94 23.43
C PRO A 114 -25.33 -8.70 22.43
N SER A 115 -25.83 -9.81 21.89
CA SER A 115 -26.92 -9.74 20.92
C SER A 115 -27.47 -11.13 20.65
N SER A 116 -28.79 -11.20 20.56
CA SER A 116 -29.45 -12.47 20.30
C SER A 116 -29.31 -12.85 18.83
N GLY A 117 -29.52 -14.13 18.56
CA GLY A 117 -29.42 -14.63 17.20
C GLY A 117 -29.59 -16.16 17.17
N GLY A 1 9.09 34.72 -36.97
CA GLY A 1 8.83 33.42 -37.59
C GLY A 1 8.00 32.54 -36.66
N SER A 2 7.37 31.53 -37.25
CA SER A 2 6.56 30.61 -36.50
C SER A 2 6.19 29.40 -37.36
N SER A 3 6.70 28.25 -36.97
CA SER A 3 6.43 27.02 -37.70
C SER A 3 7.19 25.85 -37.06
N GLY A 4 6.60 24.67 -37.17
CA GLY A 4 7.20 23.48 -36.61
C GLY A 4 6.15 22.38 -36.42
N SER A 5 6.59 21.30 -35.78
CA SER A 5 5.70 20.17 -35.52
C SER A 5 6.46 19.07 -34.79
N SER A 6 5.92 18.69 -33.64
CA SER A 6 6.53 17.64 -32.83
C SER A 6 5.71 17.41 -31.57
N GLY A 7 6.05 16.34 -30.87
CA GLY A 7 5.35 16.00 -29.64
C GLY A 7 6.27 16.14 -28.43
N THR A 8 5.74 15.77 -27.27
CA THR A 8 6.50 15.85 -26.04
C THR A 8 6.17 14.66 -25.13
N VAL A 9 7.22 14.09 -24.56
CA VAL A 9 7.05 12.95 -23.67
C VAL A 9 7.76 13.24 -22.35
N ASN A 10 7.39 12.46 -21.34
CA ASN A 10 7.98 12.61 -20.02
C ASN A 10 9.00 11.50 -19.78
N VAL A 11 10.05 11.85 -19.06
CA VAL A 11 11.10 10.89 -18.76
C VAL A 11 10.98 10.46 -17.29
N THR A 12 11.71 9.41 -16.95
CA THR A 12 11.70 8.90 -15.59
C THR A 12 13.13 8.80 -15.05
N THR A 13 13.22 8.40 -13.79
CA THR A 13 14.51 8.27 -13.13
C THR A 13 15.00 6.82 -13.22
N LYS A 14 15.38 6.44 -14.43
CA LYS A 14 15.86 5.09 -14.66
C LYS A 14 14.75 4.08 -14.35
N LYS A 15 14.36 3.35 -15.38
CA LYS A 15 13.31 2.35 -15.22
C LYS A 15 12.05 3.03 -14.68
N THR A 16 11.06 2.19 -14.39
CA THR A 16 9.79 2.70 -13.87
C THR A 16 9.14 1.66 -12.95
N PRO A 17 8.29 2.16 -12.02
CA PRO A 17 7.59 1.28 -11.09
C PRO A 17 6.46 0.54 -11.79
N PRO A 18 6.14 -0.67 -11.24
CA PRO A 18 5.07 -1.48 -11.80
C PRO A 18 3.70 -0.92 -11.43
N SER A 19 2.79 -0.99 -12.39
CA SER A 19 1.45 -0.49 -12.18
C SER A 19 0.56 -1.61 -11.62
N GLN A 20 1.17 -2.44 -10.80
CA GLN A 20 0.45 -3.55 -10.18
C GLN A 20 0.44 -3.39 -8.67
N PRO A 21 -0.77 -3.09 -8.13
CA PRO A 21 -0.93 -2.92 -6.70
C PRO A 21 -0.91 -4.26 -5.97
N PRO A 22 -0.60 -4.21 -4.65
CA PRO A 22 -0.55 -5.41 -3.83
C PRO A 22 -1.95 -5.92 -3.52
N GLY A 23 -2.16 -7.20 -3.82
CA GLY A 23 -3.45 -7.81 -3.57
C GLY A 23 -3.45 -8.56 -2.22
N ASN A 24 -4.54 -9.28 -1.97
CA ASN A 24 -4.67 -10.03 -0.74
C ASN A 24 -4.39 -9.11 0.44
N VAL A 25 -4.62 -7.82 0.22
CA VAL A 25 -4.39 -6.84 1.26
C VAL A 25 -5.38 -7.06 2.40
N VAL A 26 -4.94 -7.85 3.38
CA VAL A 26 -5.78 -8.15 4.53
C VAL A 26 -5.24 -7.41 5.76
N TRP A 27 -6.14 -7.16 6.70
CA TRP A 27 -5.77 -6.47 7.92
C TRP A 27 -6.26 -7.31 9.10
N ASN A 28 -5.95 -6.82 10.29
CA ASN A 28 -6.35 -7.51 11.51
C ASN A 28 -6.06 -6.62 12.72
N ALA A 29 -6.66 -6.98 13.84
CA ALA A 29 -6.47 -6.23 15.07
C ALA A 29 -6.27 -7.20 16.24
N THR A 30 -5.11 -7.10 16.86
CA THR A 30 -4.79 -7.96 17.99
C THR A 30 -4.01 -7.18 19.05
N ASP A 31 -4.06 -7.69 20.27
CA ASP A 31 -3.36 -7.06 21.38
C ASP A 31 -3.70 -5.57 21.40
N THR A 32 -2.85 -4.79 20.73
CA THR A 32 -3.05 -3.35 20.66
C THR A 32 -2.35 -2.77 19.43
N LYS A 33 -2.53 -3.47 18.32
CA LYS A 33 -1.92 -3.05 17.06
C LYS A 33 -2.77 -3.54 15.89
N VAL A 34 -2.34 -3.18 14.69
CA VAL A 34 -3.05 -3.59 13.49
C VAL A 34 -2.09 -4.37 12.58
N LEU A 35 -2.33 -5.67 12.51
CA LEU A 35 -1.51 -6.53 11.67
C LEU A 35 -1.99 -6.45 10.23
N LEU A 36 -1.19 -5.79 9.40
CA LEU A 36 -1.52 -5.63 7.99
C LEU A 36 -0.78 -6.70 7.18
N ASN A 37 -1.41 -7.10 6.09
CA ASN A 37 -0.82 -8.11 5.22
C ASN A 37 -1.34 -7.90 3.79
N TRP A 38 -0.45 -8.14 2.84
CA TRP A 38 -0.80 -7.99 1.44
C TRP A 38 0.21 -8.80 0.61
N GLU A 39 -0.26 -9.26 -0.55
CA GLU A 39 0.59 -10.04 -1.44
C GLU A 39 1.80 -9.21 -1.88
N GLN A 40 2.60 -9.80 -2.75
CA GLN A 40 3.78 -9.14 -3.26
C GLN A 40 3.52 -8.62 -4.67
N VAL A 41 4.38 -7.68 -5.08
CA VAL A 41 4.25 -7.10 -6.41
C VAL A 41 5.57 -7.27 -7.16
N LYS A 42 5.50 -8.00 -8.26
CA LYS A 42 6.68 -8.26 -9.07
C LYS A 42 6.57 -7.47 -10.37
N ALA A 43 7.63 -6.75 -10.68
CA ALA A 43 7.66 -5.95 -11.90
C ALA A 43 8.33 -6.75 -13.02
N MET A 44 7.69 -6.73 -14.18
CA MET A 44 8.22 -7.45 -15.33
C MET A 44 9.27 -6.62 -16.06
N GLU A 45 9.97 -7.28 -16.98
CA GLU A 45 11.00 -6.62 -17.76
C GLU A 45 10.58 -5.19 -18.09
N ASN A 46 11.54 -4.28 -18.00
CA ASN A 46 11.30 -2.89 -18.28
C ASN A 46 10.88 -2.17 -16.99
N GLU A 47 10.08 -2.88 -16.19
CA GLU A 47 9.61 -2.32 -14.93
C GLU A 47 10.63 -2.59 -13.82
N SER A 48 10.52 -1.81 -12.77
CA SER A 48 11.42 -1.95 -11.63
C SER A 48 10.78 -2.83 -10.55
N GLU A 49 11.55 -3.77 -10.06
CA GLU A 49 11.07 -4.68 -9.02
C GLU A 49 10.72 -3.90 -7.75
N VAL A 50 9.95 -4.56 -6.90
CA VAL A 50 9.54 -3.94 -5.65
C VAL A 50 10.58 -4.24 -4.57
N THR A 51 11.15 -3.18 -4.03
CA THR A 51 12.16 -3.31 -2.99
C THR A 51 11.56 -2.98 -1.63
N GLY A 52 10.32 -2.52 -1.65
CA GLY A 52 9.62 -2.18 -0.42
C GLY A 52 8.19 -1.72 -0.71
N TYR A 53 7.56 -1.17 0.32
CA TYR A 53 6.19 -0.69 0.18
C TYR A 53 5.94 0.50 1.11
N LYS A 54 4.86 1.21 0.84
CA LYS A 54 4.49 2.36 1.64
C LYS A 54 3.09 2.15 2.21
N VAL A 55 3.02 2.10 3.54
CA VAL A 55 1.76 1.90 4.22
C VAL A 55 1.13 3.27 4.51
N PHE A 56 0.05 3.55 3.80
CA PHE A 56 -0.65 4.81 3.97
C PHE A 56 -1.88 4.64 4.85
N TYR A 57 -1.72 5.02 6.12
CA TYR A 57 -2.81 4.91 7.07
C TYR A 57 -3.35 6.29 7.46
N ARG A 58 -4.67 6.38 7.50
CA ARG A 58 -5.32 7.64 7.85
C ARG A 58 -6.73 7.38 8.38
N THR A 59 -7.10 8.16 9.39
CA THR A 59 -8.40 8.01 10.00
C THR A 59 -9.51 8.18 8.95
N SER A 60 -10.73 7.93 9.37
CA SER A 60 -11.88 8.04 8.47
C SER A 60 -11.70 9.26 7.56
N SER A 61 -11.02 10.27 8.08
CA SER A 61 -10.78 11.48 7.32
C SER A 61 -9.31 11.89 7.45
N GLN A 62 -8.96 12.35 8.65
CA GLN A 62 -7.60 12.78 8.91
C GLN A 62 -7.19 13.91 7.95
N ASN A 63 -6.18 14.66 8.36
CA ASN A 63 -5.69 15.76 7.56
C ASN A 63 -4.85 15.21 6.40
N ASN A 64 -3.65 14.76 6.74
CA ASN A 64 -2.74 14.22 5.75
C ASN A 64 -2.30 12.82 6.19
N VAL A 65 -2.61 11.85 5.33
CA VAL A 65 -2.24 10.47 5.63
C VAL A 65 -0.73 10.37 5.82
N GLN A 66 -0.33 9.39 6.61
CA GLN A 66 1.08 9.18 6.90
C GLN A 66 1.60 7.95 6.15
N VAL A 67 2.90 7.94 5.90
CA VAL A 67 3.52 6.83 5.20
C VAL A 67 4.46 6.10 6.16
N LEU A 68 4.52 4.79 5.98
CA LEU A 68 5.38 3.96 6.82
C LEU A 68 6.24 3.06 5.93
N ASN A 69 7.53 3.04 6.24
CA ASN A 69 8.48 2.24 5.48
C ASN A 69 8.39 0.79 5.95
N THR A 70 8.19 -0.11 4.99
CA THR A 70 8.09 -1.52 5.29
C THR A 70 8.78 -2.35 4.20
N ASN A 71 9.85 -3.01 4.59
CA ASN A 71 10.60 -3.85 3.66
C ASN A 71 10.06 -5.27 3.70
N LYS A 72 8.74 -5.37 3.66
CA LYS A 72 8.08 -6.66 3.69
C LYS A 72 6.68 -6.54 3.08
N THR A 73 5.97 -7.65 3.08
CA THR A 73 4.63 -7.69 2.52
C THR A 73 3.59 -7.49 3.64
N SER A 74 4.10 -7.21 4.83
CA SER A 74 3.23 -7.00 5.98
C SER A 74 3.59 -5.68 6.66
N ALA A 75 2.82 -5.36 7.70
CA ALA A 75 3.04 -4.13 8.45
C ALA A 75 2.28 -4.21 9.77
N GLU A 76 2.57 -3.25 10.64
CA GLU A 76 1.93 -3.20 11.94
C GLU A 76 1.71 -1.74 12.36
N LEU A 77 0.46 -1.41 12.60
CA LEU A 77 0.11 -0.06 13.01
C LEU A 77 -0.55 -0.10 14.38
N VAL A 78 -0.95 1.08 14.86
CA VAL A 78 -1.59 1.19 16.15
C VAL A 78 -3.10 1.02 16.00
N LEU A 79 -3.74 0.58 17.06
CA LEU A 79 -5.17 0.37 17.06
C LEU A 79 -5.88 1.72 16.83
N PRO A 80 -7.05 1.64 16.15
CA PRO A 80 -7.83 2.85 15.87
C PRO A 80 -8.53 3.35 17.11
N ILE A 81 -8.82 4.65 17.11
CA ILE A 81 -9.49 5.27 18.24
C ILE A 81 -11.01 5.15 18.05
N LYS A 82 -11.49 5.83 17.03
CA LYS A 82 -12.92 5.81 16.73
C LYS A 82 -13.11 5.77 15.22
N GLU A 83 -13.10 6.96 14.61
CA GLU A 83 -13.27 7.06 13.18
C GLU A 83 -12.56 5.91 12.46
N ASP A 84 -13.22 5.41 11.43
CA ASP A 84 -12.68 4.30 10.66
C ASP A 84 -11.22 4.61 10.31
N TYR A 85 -10.57 3.63 9.70
CA TYR A 85 -9.18 3.78 9.30
C TYR A 85 -8.98 3.41 7.84
N ILE A 86 -8.48 4.38 7.09
CA ILE A 86 -8.24 4.18 5.67
C ILE A 86 -6.76 3.88 5.44
N ILE A 87 -6.48 2.60 5.25
CA ILE A 87 -5.10 2.17 5.02
C ILE A 87 -4.89 1.93 3.53
N GLU A 88 -3.69 2.26 3.07
CA GLU A 88 -3.35 2.10 1.67
C GLU A 88 -1.93 1.54 1.54
N VAL A 89 -1.83 0.40 0.87
CA VAL A 89 -0.54 -0.24 0.67
C VAL A 89 0.03 0.21 -0.68
N LYS A 90 1.32 0.54 -0.65
CA LYS A 90 1.99 0.99 -1.85
C LYS A 90 3.33 0.24 -1.99
N ALA A 91 3.76 0.09 -3.23
CA ALA A 91 5.01 -0.59 -3.52
C ALA A 91 6.05 0.42 -3.97
N THR A 92 7.22 0.34 -3.35
CA THR A 92 8.31 1.24 -3.69
C THR A 92 9.32 0.54 -4.60
N THR A 93 9.98 1.34 -5.43
CA THR A 93 10.97 0.81 -6.35
C THR A 93 12.19 1.73 -6.41
N ASP A 94 13.06 1.45 -7.35
CA ASP A 94 14.27 2.24 -7.52
C ASP A 94 13.91 3.60 -8.11
N GLY A 95 12.71 3.66 -8.68
CA GLY A 95 12.24 4.90 -9.28
C GLY A 95 11.48 5.75 -8.26
N GLY A 96 10.75 5.07 -7.38
CA GLY A 96 9.99 5.75 -6.35
C GLY A 96 8.90 4.83 -5.78
N ASP A 97 7.68 5.33 -5.79
CA ASP A 97 6.55 4.58 -5.28
C ASP A 97 5.84 3.88 -6.45
N GLY A 98 4.80 3.14 -6.11
CA GLY A 98 4.03 2.43 -7.10
C GLY A 98 2.55 2.79 -7.02
N THR A 99 1.71 1.77 -7.04
CA THR A 99 0.27 1.97 -6.98
C THR A 99 -0.25 1.63 -5.57
N SER A 100 -1.36 2.26 -5.23
CA SER A 100 -1.96 2.04 -3.92
C SER A 100 -3.16 1.09 -4.06
N SER A 101 -3.14 0.04 -3.26
CA SER A 101 -4.21 -0.95 -3.28
C SER A 101 -5.50 -0.32 -2.76
N GLU A 102 -6.59 -1.04 -2.96
CA GLU A 102 -7.89 -0.58 -2.51
C GLU A 102 -7.84 -0.18 -1.04
N GLN A 103 -8.27 1.05 -0.77
CA GLN A 103 -8.27 1.57 0.58
C GLN A 103 -8.97 0.58 1.52
N ILE A 104 -8.40 0.43 2.71
CA ILE A 104 -8.96 -0.46 3.70
C ILE A 104 -9.91 0.32 4.62
N ARG A 105 -10.78 -0.43 5.29
CA ARG A 105 -11.74 0.17 6.20
C ARG A 105 -11.74 -0.57 7.53
N ILE A 106 -11.12 0.06 8.52
CA ILE A 106 -11.04 -0.52 9.85
C ILE A 106 -11.85 0.34 10.82
N PRO A 107 -13.12 -0.10 11.05
CA PRO A 107 -14.01 0.61 11.95
C PRO A 107 -13.62 0.36 13.42
N ARG A 108 -14.34 1.02 14.31
CA ARG A 108 -14.08 0.88 15.73
C ARG A 108 -13.74 -0.57 16.06
N ILE A 109 -12.97 -0.74 17.13
CA ILE A 109 -12.56 -2.06 17.57
C ILE A 109 -13.61 -2.62 18.54
N THR A 110 -14.81 -2.09 18.43
CA THR A 110 -15.90 -2.52 19.30
C THR A 110 -16.75 -3.59 18.59
N SER A 111 -16.23 -4.81 18.61
CA SER A 111 -16.93 -5.92 17.99
C SER A 111 -17.67 -6.74 19.05
N SER A 112 -18.56 -7.59 18.57
CA SER A 112 -19.34 -8.43 19.46
C SER A 112 -20.40 -9.19 18.67
N GLY A 113 -20.81 -10.33 19.21
CA GLY A 113 -21.81 -11.16 18.56
C GLY A 113 -21.18 -12.11 17.54
N PRO A 114 -20.96 -13.37 17.98
CA PRO A 114 -20.37 -14.38 17.12
C PRO A 114 -21.37 -14.88 16.08
N SER A 115 -22.56 -15.21 16.56
CA SER A 115 -23.61 -15.70 15.68
C SER A 115 -24.92 -14.95 15.96
N SER A 116 -25.37 -15.07 17.20
CA SER A 116 -26.61 -14.42 17.62
C SER A 116 -27.79 -15.03 16.87
N GLY A 117 -28.60 -15.77 17.62
CA GLY A 117 -29.77 -16.41 17.05
C GLY A 117 -30.57 -17.16 18.13
N GLY A 1 9.28 -29.63 -21.62
CA GLY A 1 9.95 -28.95 -22.72
C GLY A 1 11.05 -28.02 -22.19
N SER A 2 12.01 -27.74 -23.06
CA SER A 2 13.11 -26.86 -22.70
C SER A 2 14.04 -26.67 -23.89
N SER A 3 13.65 -25.75 -24.76
CA SER A 3 14.44 -25.46 -25.95
C SER A 3 14.25 -24.00 -26.36
N GLY A 4 15.16 -23.16 -25.89
CA GLY A 4 15.10 -21.74 -26.20
C GLY A 4 16.49 -21.20 -26.56
N SER A 5 16.56 -19.89 -26.70
CA SER A 5 17.81 -19.23 -27.04
C SER A 5 18.00 -17.98 -26.19
N SER A 6 19.24 -17.56 -26.07
CA SER A 6 19.57 -16.37 -25.29
C SER A 6 19.82 -15.19 -26.23
N GLY A 7 19.74 -13.99 -25.66
CA GLY A 7 19.96 -12.78 -26.43
C GLY A 7 19.26 -11.59 -25.77
N THR A 8 18.52 -10.85 -26.59
CA THR A 8 17.81 -9.68 -26.11
C THR A 8 18.78 -8.63 -25.58
N VAL A 9 18.27 -7.41 -25.42
CA VAL A 9 19.09 -6.32 -24.93
C VAL A 9 18.44 -5.74 -23.68
N ASN A 10 19.24 -5.00 -22.92
CA ASN A 10 18.76 -4.39 -21.70
C ASN A 10 19.56 -3.11 -21.42
N VAL A 11 19.05 -2.32 -20.49
CA VAL A 11 19.70 -1.08 -20.12
C VAL A 11 19.71 -0.14 -21.33
N THR A 12 19.20 1.07 -21.10
CA THR A 12 19.14 2.06 -22.16
C THR A 12 18.54 3.36 -21.62
N THR A 13 17.39 3.23 -20.98
CA THR A 13 16.70 4.38 -20.43
C THR A 13 16.18 4.07 -19.02
N LYS A 14 16.03 5.12 -18.23
CA LYS A 14 15.53 4.96 -16.87
C LYS A 14 14.39 3.95 -16.85
N LYS A 15 14.14 3.41 -15.68
CA LYS A 15 13.08 2.42 -15.52
C LYS A 15 11.84 3.12 -14.95
N THR A 16 10.80 2.31 -14.72
CA THR A 16 9.56 2.83 -14.18
C THR A 16 8.93 1.82 -13.22
N PRO A 17 8.05 2.35 -12.33
CA PRO A 17 7.38 1.51 -11.35
C PRO A 17 6.28 0.68 -12.01
N PRO A 18 6.01 -0.51 -11.41
CA PRO A 18 4.99 -1.40 -11.92
C PRO A 18 3.59 -0.89 -11.59
N SER A 19 2.70 -1.02 -12.55
CA SER A 19 1.33 -0.57 -12.37
C SER A 19 0.48 -1.69 -11.78
N GLN A 20 1.12 -2.49 -10.93
CA GLN A 20 0.44 -3.61 -10.30
C GLN A 20 0.41 -3.42 -8.78
N PRO A 21 -0.81 -3.13 -8.26
CA PRO A 21 -0.99 -2.92 -6.83
C PRO A 21 -0.93 -4.25 -6.07
N PRO A 22 -0.62 -4.15 -4.75
CA PRO A 22 -0.53 -5.33 -3.91
C PRO A 22 -1.92 -5.87 -3.56
N GLY A 23 -2.13 -7.14 -3.87
CA GLY A 23 -3.41 -7.78 -3.61
C GLY A 23 -3.38 -8.52 -2.27
N ASN A 24 -4.44 -9.26 -2.02
CA ASN A 24 -4.56 -10.01 -0.77
C ASN A 24 -4.29 -9.08 0.40
N VAL A 25 -4.57 -7.81 0.19
CA VAL A 25 -4.36 -6.81 1.23
C VAL A 25 -5.35 -7.07 2.38
N VAL A 26 -4.89 -7.83 3.35
CA VAL A 26 -5.72 -8.15 4.50
C VAL A 26 -5.19 -7.39 5.72
N TRP A 27 -6.03 -7.35 6.76
CA TRP A 27 -5.66 -6.67 7.98
C TRP A 27 -6.18 -7.50 9.15
N ASN A 28 -5.88 -7.02 10.36
CA ASN A 28 -6.32 -7.70 11.57
C ASN A 28 -6.09 -6.79 12.77
N ALA A 29 -6.76 -7.14 13.87
CA ALA A 29 -6.64 -6.36 15.09
C ALA A 29 -6.53 -7.32 16.28
N THR A 30 -5.41 -7.20 16.99
CA THR A 30 -5.18 -8.04 18.15
C THR A 30 -4.53 -7.22 19.28
N ASP A 31 -4.89 -7.58 20.50
CA ASP A 31 -4.36 -6.89 21.67
C ASP A 31 -4.58 -5.39 21.51
N THR A 32 -3.60 -4.74 20.90
CA THR A 32 -3.68 -3.30 20.69
C THR A 32 -2.81 -2.89 19.51
N LYS A 33 -2.90 -3.68 18.45
CA LYS A 33 -2.13 -3.41 17.25
C LYS A 33 -2.94 -3.81 16.02
N VAL A 34 -2.36 -3.56 14.85
CA VAL A 34 -3.01 -3.89 13.60
C VAL A 34 -2.03 -4.63 12.69
N LEU A 35 -2.22 -5.94 12.61
CA LEU A 35 -1.37 -6.77 11.78
C LEU A 35 -1.85 -6.72 10.34
N LEU A 36 -1.03 -6.11 9.50
CA LEU A 36 -1.35 -5.98 8.08
C LEU A 36 -0.66 -7.10 7.30
N ASN A 37 -1.24 -7.42 6.15
CA ASN A 37 -0.71 -8.47 5.31
C ASN A 37 -1.26 -8.30 3.89
N TRP A 38 -0.35 -8.19 2.93
CA TRP A 38 -0.74 -8.03 1.55
C TRP A 38 0.28 -8.79 0.69
N GLU A 39 -0.21 -9.30 -0.44
CA GLU A 39 0.63 -10.04 -1.36
C GLU A 39 1.82 -9.19 -1.80
N GLN A 40 2.61 -9.76 -2.70
CA GLN A 40 3.78 -9.07 -3.21
C GLN A 40 3.53 -8.61 -4.66
N VAL A 41 4.35 -7.66 -5.09
CA VAL A 41 4.23 -7.13 -6.44
C VAL A 41 5.53 -7.40 -7.20
N LYS A 42 5.39 -8.13 -8.30
CA LYS A 42 6.54 -8.46 -9.13
C LYS A 42 6.42 -7.74 -10.48
N ALA A 43 7.35 -6.83 -10.72
CA ALA A 43 7.36 -6.07 -11.95
C ALA A 43 7.88 -6.96 -13.09
N MET A 44 7.41 -6.68 -14.29
CA MET A 44 7.82 -7.44 -15.45
C MET A 44 9.30 -7.20 -15.77
N GLU A 45 9.73 -7.77 -16.88
CA GLU A 45 11.11 -7.62 -17.32
C GLU A 45 11.31 -6.28 -18.00
N ASN A 46 10.27 -5.47 -17.97
CA ASN A 46 10.32 -4.15 -18.60
C ASN A 46 9.86 -3.10 -17.58
N GLU A 47 10.03 -3.44 -16.30
CA GLU A 47 9.64 -2.54 -15.23
C GLU A 47 10.66 -2.61 -14.09
N SER A 48 10.34 -1.91 -13.02
CA SER A 48 11.22 -1.89 -11.85
C SER A 48 10.62 -2.74 -10.73
N GLU A 49 11.44 -3.66 -10.24
CA GLU A 49 11.01 -4.55 -9.17
C GLU A 49 10.65 -3.74 -7.91
N VAL A 50 9.98 -4.40 -6.99
CA VAL A 50 9.58 -3.76 -5.75
C VAL A 50 10.63 -4.04 -4.68
N THR A 51 11.21 -2.95 -4.16
CA THR A 51 12.23 -3.06 -3.13
C THR A 51 11.61 -2.88 -1.75
N GLY A 52 10.40 -2.34 -1.74
CA GLY A 52 9.69 -2.11 -0.49
C GLY A 52 8.25 -1.67 -0.76
N TYR A 53 7.66 -1.06 0.26
CA TYR A 53 6.28 -0.59 0.15
C TYR A 53 6.01 0.54 1.15
N LYS A 54 4.94 1.28 0.89
CA LYS A 54 4.57 2.38 1.76
C LYS A 54 3.15 2.15 2.27
N VAL A 55 3.04 2.00 3.58
CA VAL A 55 1.75 1.78 4.22
C VAL A 55 1.12 3.13 4.56
N PHE A 56 0.16 3.52 3.74
CA PHE A 56 -0.54 4.79 3.95
C PHE A 56 -1.75 4.60 4.85
N TYR A 57 -1.58 4.96 6.12
CA TYR A 57 -2.65 4.85 7.09
C TYR A 57 -3.16 6.22 7.51
N ARG A 58 -4.48 6.32 7.59
CA ARG A 58 -5.11 7.57 7.97
C ARG A 58 -6.47 7.30 8.62
N THR A 59 -6.88 8.24 9.48
CA THR A 59 -8.15 8.11 10.16
C THR A 59 -9.31 8.44 9.23
N SER A 60 -10.51 8.08 9.67
CA SER A 60 -11.70 8.32 8.88
C SER A 60 -11.67 9.75 8.32
N SER A 61 -11.03 10.64 9.06
CA SER A 61 -10.92 12.02 8.66
C SER A 61 -9.56 12.58 9.08
N GLN A 62 -8.67 12.69 8.10
CA GLN A 62 -7.34 13.22 8.34
C GLN A 62 -6.84 14.00 7.14
N ASN A 63 -6.04 15.01 7.43
CA ASN A 63 -5.48 15.86 6.38
C ASN A 63 -4.08 15.37 6.01
N ASN A 64 -4.00 14.70 4.86
CA ASN A 64 -2.75 14.18 4.38
C ASN A 64 -2.40 12.90 5.16
N VAL A 65 -2.56 11.77 4.48
CA VAL A 65 -2.28 10.48 5.07
C VAL A 65 -0.79 10.38 5.36
N GLN A 66 -0.44 9.44 6.23
CA GLN A 66 0.95 9.22 6.60
C GLN A 66 1.55 8.10 5.75
N VAL A 67 2.84 7.86 5.97
CA VAL A 67 3.53 6.81 5.24
C VAL A 67 4.46 6.06 6.20
N LEU A 68 4.52 4.75 6.01
CA LEU A 68 5.34 3.90 6.84
C LEU A 68 6.32 3.11 5.96
N ASN A 69 7.60 3.27 6.24
CA ASN A 69 8.63 2.58 5.48
C ASN A 69 8.73 1.13 5.98
N THR A 70 8.39 0.21 5.09
CA THR A 70 8.45 -1.20 5.42
C THR A 70 9.18 -1.98 4.33
N ASN A 71 10.03 -2.91 4.78
CA ASN A 71 10.79 -3.73 3.85
C ASN A 71 10.24 -5.15 3.84
N LYS A 72 8.92 -5.23 3.70
CA LYS A 72 8.25 -6.51 3.67
C LYS A 72 6.89 -6.36 2.98
N THR A 73 6.06 -7.38 3.13
CA THR A 73 4.74 -7.38 2.53
C THR A 73 3.66 -7.16 3.59
N SER A 74 4.11 -6.97 4.82
CA SER A 74 3.21 -6.74 5.93
C SER A 74 3.56 -5.43 6.64
N ALA A 75 2.88 -5.21 7.76
CA ALA A 75 3.11 -4.00 8.54
C ALA A 75 2.32 -4.09 9.84
N GLU A 76 2.56 -3.11 10.71
CA GLU A 76 1.89 -3.06 12.00
C GLU A 76 1.58 -1.62 12.38
N LEU A 77 0.29 -1.33 12.47
CA LEU A 77 -0.14 0.02 12.83
C LEU A 77 -0.76 -0.02 14.23
N VAL A 78 -1.24 1.14 14.66
CA VAL A 78 -1.85 1.26 15.97
C VAL A 78 -3.30 0.79 15.89
N LEU A 79 -3.95 0.77 17.06
CA LEU A 79 -5.33 0.35 17.14
C LEU A 79 -6.24 1.48 16.65
N PRO A 80 -7.41 1.08 16.10
CA PRO A 80 -8.37 2.04 15.60
C PRO A 80 -9.10 2.74 16.74
N ILE A 81 -8.84 4.04 16.86
CA ILE A 81 -9.46 4.83 17.91
C ILE A 81 -10.77 5.43 17.39
N LYS A 82 -11.86 4.71 17.64
CA LYS A 82 -13.17 5.16 17.20
C LYS A 82 -13.17 5.33 15.68
N GLU A 83 -12.87 6.55 15.26
CA GLU A 83 -12.82 6.86 13.84
C GLU A 83 -12.20 5.69 13.06
N ASP A 84 -12.77 5.45 11.89
CA ASP A 84 -12.28 4.37 11.04
C ASP A 84 -10.84 4.66 10.62
N TYR A 85 -10.23 3.67 10.00
CA TYR A 85 -8.85 3.79 9.54
C TYR A 85 -8.71 3.39 8.08
N ILE A 86 -8.23 4.33 7.29
CA ILE A 86 -8.05 4.09 5.86
C ILE A 86 -6.57 3.77 5.60
N ILE A 87 -6.31 2.49 5.38
CA ILE A 87 -4.96 2.04 5.11
C ILE A 87 -4.79 1.84 3.61
N GLU A 88 -3.61 2.20 3.12
CA GLU A 88 -3.30 2.07 1.71
C GLU A 88 -1.88 1.52 1.52
N VAL A 89 -1.79 0.39 0.84
CA VAL A 89 -0.50 -0.23 0.58
C VAL A 89 0.04 0.27 -0.76
N LYS A 90 1.33 0.57 -0.76
CA LYS A 90 1.98 1.06 -1.97
C LYS A 90 3.34 0.37 -2.11
N ALA A 91 3.70 0.11 -3.36
CA ALA A 91 4.97 -0.55 -3.65
C ALA A 91 6.00 0.51 -4.03
N THR A 92 7.22 0.30 -3.55
CA THR A 92 8.31 1.22 -3.83
C THR A 92 9.29 0.61 -4.83
N THR A 93 9.83 1.46 -5.69
CA THR A 93 10.77 1.01 -6.69
C THR A 93 11.92 2.02 -6.83
N ASP A 94 12.76 1.79 -7.82
CA ASP A 94 13.90 2.66 -8.06
C ASP A 94 13.40 4.01 -8.58
N GLY A 95 12.17 3.99 -9.09
CA GLY A 95 11.57 5.20 -9.61
C GLY A 95 10.82 5.96 -8.51
N GLY A 96 10.20 5.20 -7.62
CA GLY A 96 9.46 5.78 -6.52
C GLY A 96 8.31 4.87 -6.10
N ASP A 97 7.19 5.50 -5.77
CA ASP A 97 6.02 4.76 -5.34
C ASP A 97 5.31 4.17 -6.57
N GLY A 98 4.38 3.27 -6.30
CA GLY A 98 3.64 2.61 -7.37
C GLY A 98 2.14 2.88 -7.24
N THR A 99 1.38 1.81 -7.22
CA THR A 99 -0.06 1.91 -7.10
C THR A 99 -0.50 1.64 -5.66
N SER A 100 -1.57 2.31 -5.26
CA SER A 100 -2.09 2.15 -3.91
C SER A 100 -3.28 1.17 -3.92
N SER A 101 -3.07 0.05 -3.24
CA SER A 101 -4.11 -0.97 -3.16
C SER A 101 -5.40 -0.36 -2.62
N GLU A 102 -6.49 -1.09 -2.83
CA GLU A 102 -7.80 -0.63 -2.38
C GLU A 102 -7.73 -0.24 -0.89
N GLN A 103 -8.08 1.00 -0.63
CA GLN A 103 -8.07 1.52 0.73
C GLN A 103 -8.77 0.53 1.67
N ILE A 104 -8.16 0.30 2.82
CA ILE A 104 -8.71 -0.61 3.80
C ILE A 104 -9.67 0.16 4.73
N ARG A 105 -10.58 -0.58 5.33
CA ARG A 105 -11.55 0.02 6.23
C ARG A 105 -11.55 -0.72 7.57
N ILE A 106 -10.90 -0.11 8.55
CA ILE A 106 -10.83 -0.69 9.88
C ILE A 106 -11.59 0.19 10.87
N PRO A 107 -12.89 -0.18 11.08
CA PRO A 107 -13.73 0.56 12.00
C PRO A 107 -13.37 0.26 13.45
N ARG A 108 -14.18 0.79 14.35
CA ARG A 108 -13.95 0.59 15.77
C ARG A 108 -14.76 -0.62 16.27
N ILE A 109 -14.20 -1.30 17.26
CA ILE A 109 -14.85 -2.46 17.83
C ILE A 109 -15.30 -2.13 19.26
N THR A 110 -16.05 -3.07 19.84
CA THR A 110 -16.55 -2.90 21.19
C THR A 110 -16.95 -4.25 21.79
N SER A 111 -15.94 -4.98 22.24
CA SER A 111 -16.17 -6.28 22.84
C SER A 111 -15.02 -6.64 23.78
N SER A 112 -15.27 -7.65 24.60
CA SER A 112 -14.26 -8.09 25.55
C SER A 112 -13.73 -9.48 25.15
N GLY A 113 -14.65 -10.41 25.01
CA GLY A 113 -14.29 -11.77 24.62
C GLY A 113 -14.62 -12.03 23.15
N PRO A 114 -13.55 -12.22 22.33
CA PRO A 114 -13.72 -12.48 20.92
C PRO A 114 -14.20 -13.91 20.68
N SER A 115 -14.52 -14.19 19.42
CA SER A 115 -14.98 -15.51 19.05
C SER A 115 -13.80 -16.48 18.96
N SER A 116 -12.88 -16.16 18.06
CA SER A 116 -11.71 -16.99 17.86
C SER A 116 -12.12 -18.39 17.43
N GLY A 117 -12.43 -18.52 16.14
CA GLY A 117 -12.84 -19.79 15.59
C GLY A 117 -12.29 -19.98 14.18
N GLY A 1 15.33 29.66 -44.36
CA GLY A 1 14.36 28.81 -45.02
C GLY A 1 14.81 27.34 -45.00
N SER A 2 14.24 26.56 -45.90
CA SER A 2 14.57 25.15 -45.99
C SER A 2 14.14 24.42 -44.72
N SER A 3 13.71 23.18 -44.90
CA SER A 3 13.26 22.38 -43.77
C SER A 3 13.57 20.90 -44.04
N GLY A 4 13.45 20.11 -42.99
CA GLY A 4 13.71 18.68 -43.09
C GLY A 4 14.33 18.14 -41.81
N SER A 5 13.55 17.30 -41.13
CA SER A 5 14.01 16.70 -39.88
C SER A 5 13.06 15.58 -39.46
N SER A 6 13.53 14.35 -39.66
CA SER A 6 12.74 13.18 -39.30
C SER A 6 13.65 11.95 -39.21
N GLY A 7 14.18 11.72 -38.02
CA GLY A 7 15.05 10.59 -37.79
C GLY A 7 16.23 10.99 -36.91
N THR A 8 15.99 11.01 -35.61
CA THR A 8 17.03 11.37 -34.66
C THR A 8 17.19 10.27 -33.60
N VAL A 9 18.42 9.84 -33.42
CA VAL A 9 18.73 8.81 -32.44
C VAL A 9 18.88 9.44 -31.06
N ASN A 10 18.02 9.01 -30.15
CA ASN A 10 18.04 9.52 -28.79
C ASN A 10 17.69 8.40 -27.82
N VAL A 11 18.22 8.52 -26.60
CA VAL A 11 17.98 7.52 -25.58
C VAL A 11 17.72 8.22 -24.25
N THR A 12 16.99 7.52 -23.38
CA THR A 12 16.67 8.07 -22.07
C THR A 12 16.91 7.02 -20.98
N THR A 13 17.89 7.31 -20.13
CA THR A 13 18.22 6.39 -19.05
C THR A 13 17.25 6.58 -17.88
N LYS A 14 16.33 5.63 -17.78
CA LYS A 14 15.34 5.68 -16.71
C LYS A 14 14.43 4.46 -16.82
N LYS A 15 13.87 4.06 -15.68
CA LYS A 15 12.99 2.91 -15.63
C LYS A 15 11.59 3.37 -15.25
N THR A 16 10.72 2.40 -15.00
CA THR A 16 9.35 2.69 -14.63
C THR A 16 8.83 1.64 -13.65
N PRO A 17 7.82 2.05 -12.84
CA PRO A 17 7.23 1.16 -11.86
C PRO A 17 6.30 0.14 -12.54
N PRO A 18 5.98 -0.93 -11.77
CA PRO A 18 5.11 -1.98 -12.29
C PRO A 18 3.65 -1.52 -12.31
N SER A 19 3.38 -0.48 -11.54
CA SER A 19 2.03 0.07 -11.46
C SER A 19 1.06 -1.01 -10.98
N GLN A 20 1.62 -2.07 -10.42
CA GLN A 20 0.83 -3.17 -9.92
C GLN A 20 0.73 -3.10 -8.39
N PRO A 21 -0.52 -2.81 -7.91
CA PRO A 21 -0.76 -2.71 -6.49
C PRO A 21 -0.80 -4.09 -5.83
N PRO A 22 -0.50 -4.11 -4.50
CA PRO A 22 -0.50 -5.35 -3.76
C PRO A 22 -1.92 -5.84 -3.49
N GLY A 23 -2.11 -7.14 -3.64
CA GLY A 23 -3.42 -7.74 -3.42
C GLY A 23 -3.45 -8.49 -2.08
N ASN A 24 -4.55 -9.20 -1.87
CA ASN A 24 -4.72 -9.97 -0.65
C ASN A 24 -4.39 -9.08 0.55
N VAL A 25 -4.54 -7.78 0.34
CA VAL A 25 -4.26 -6.81 1.40
C VAL A 25 -5.25 -7.01 2.55
N VAL A 26 -4.84 -7.83 3.51
CA VAL A 26 -5.68 -8.10 4.65
C VAL A 26 -5.14 -7.36 5.88
N TRP A 27 -5.96 -7.31 6.91
CA TRP A 27 -5.58 -6.63 8.14
C TRP A 27 -6.15 -7.42 9.32
N ASN A 28 -5.86 -6.93 10.51
CA ASN A 28 -6.34 -7.58 11.73
C ASN A 28 -6.10 -6.65 12.92
N ALA A 29 -6.79 -6.95 14.01
CA ALA A 29 -6.68 -6.16 15.22
C ALA A 29 -6.63 -7.09 16.43
N THR A 30 -5.46 -7.15 17.05
CA THR A 30 -5.26 -8.00 18.21
C THR A 30 -4.16 -7.43 19.11
N ASP A 31 -4.14 -7.91 20.34
CA ASP A 31 -3.14 -7.45 21.30
C ASP A 31 -3.06 -5.93 21.26
N THR A 32 -4.17 -5.32 20.87
CA THR A 32 -4.24 -3.87 20.79
C THR A 32 -3.29 -3.35 19.70
N LYS A 33 -3.20 -4.11 18.62
CA LYS A 33 -2.33 -3.74 17.52
C LYS A 33 -3.01 -4.13 16.20
N VAL A 34 -2.56 -3.50 15.13
CA VAL A 34 -3.10 -3.76 13.80
C VAL A 34 -2.04 -4.45 12.94
N LEU A 35 -2.32 -5.70 12.61
CA LEU A 35 -1.40 -6.47 11.79
C LEU A 35 -1.85 -6.42 10.33
N LEU A 36 -1.04 -5.77 9.51
CA LEU A 36 -1.34 -5.64 8.10
C LEU A 36 -0.59 -6.71 7.31
N ASN A 37 -1.22 -7.18 6.26
CA ASN A 37 -0.63 -8.21 5.42
C ASN A 37 -1.18 -8.11 4.00
N TRP A 38 -0.28 -8.11 3.04
CA TRP A 38 -0.67 -8.01 1.64
C TRP A 38 0.31 -8.85 0.81
N GLU A 39 -0.17 -9.30 -0.34
CA GLU A 39 0.65 -10.11 -1.22
C GLU A 39 1.87 -9.32 -1.69
N GLN A 40 2.63 -9.94 -2.57
CA GLN A 40 3.83 -9.30 -3.11
C GLN A 40 3.56 -8.75 -4.51
N VAL A 41 4.45 -7.89 -4.96
CA VAL A 41 4.33 -7.29 -6.27
C VAL A 41 5.63 -7.49 -7.05
N LYS A 42 5.52 -8.26 -8.12
CA LYS A 42 6.68 -8.54 -8.96
C LYS A 42 6.50 -7.83 -10.31
N ALA A 43 7.43 -6.94 -10.59
CA ALA A 43 7.39 -6.19 -11.84
C ALA A 43 7.76 -7.13 -13.00
N MET A 44 7.06 -6.94 -14.10
CA MET A 44 7.29 -7.77 -15.28
C MET A 44 8.14 -7.00 -16.31
N GLU A 45 8.10 -7.49 -17.54
CA GLU A 45 8.84 -6.87 -18.62
C GLU A 45 10.13 -6.23 -18.07
N ASN A 46 10.46 -5.07 -18.64
CA ASN A 46 11.65 -4.36 -18.22
C ASN A 46 11.27 -3.34 -17.13
N GLU A 47 10.17 -3.63 -16.47
CA GLU A 47 9.68 -2.75 -15.41
C GLU A 47 10.62 -2.82 -14.20
N SER A 48 10.43 -1.88 -13.28
CA SER A 48 11.24 -1.82 -12.08
C SER A 48 10.58 -2.63 -10.97
N GLU A 49 11.37 -3.55 -10.40
CA GLU A 49 10.88 -4.39 -9.33
C GLU A 49 10.59 -3.55 -8.08
N VAL A 50 9.87 -4.15 -7.15
CA VAL A 50 9.52 -3.48 -5.91
C VAL A 50 10.65 -3.65 -4.91
N THR A 51 11.16 -2.53 -4.43
CA THR A 51 12.24 -2.54 -3.47
C THR A 51 11.69 -2.45 -2.04
N GLY A 52 10.42 -2.09 -1.96
CA GLY A 52 9.77 -1.96 -0.67
C GLY A 52 8.29 -1.60 -0.84
N TYR A 53 7.75 -0.96 0.19
CA TYR A 53 6.35 -0.55 0.16
C TYR A 53 6.10 0.61 1.12
N LYS A 54 4.93 1.22 0.97
CA LYS A 54 4.57 2.36 1.81
C LYS A 54 3.12 2.18 2.27
N VAL A 55 2.96 2.08 3.58
CA VAL A 55 1.64 1.92 4.17
C VAL A 55 1.04 3.29 4.48
N PHE A 56 0.00 3.62 3.74
CA PHE A 56 -0.67 4.90 3.93
C PHE A 56 -1.93 4.75 4.79
N TYR A 57 -1.79 5.09 6.06
CA TYR A 57 -2.91 5.00 6.99
C TYR A 57 -3.41 6.39 7.39
N ARG A 58 -4.72 6.52 7.39
CA ARG A 58 -5.34 7.79 7.76
C ARG A 58 -6.77 7.57 8.24
N THR A 59 -7.13 8.30 9.29
CA THR A 59 -8.47 8.19 9.85
C THR A 59 -9.52 8.59 8.81
N SER A 60 -10.77 8.30 9.15
CA SER A 60 -11.87 8.62 8.26
C SER A 60 -11.95 10.13 8.04
N SER A 61 -11.51 10.57 6.87
CA SER A 61 -11.52 11.98 6.53
C SER A 61 -10.55 12.74 7.43
N GLN A 62 -9.27 12.57 7.15
CA GLN A 62 -8.22 13.23 7.92
C GLN A 62 -7.62 14.38 7.12
N ASN A 63 -6.38 14.68 7.43
CA ASN A 63 -5.68 15.76 6.75
C ASN A 63 -4.24 15.33 6.43
N ASN A 64 -4.07 14.76 5.25
CA ASN A 64 -2.77 14.31 4.81
C ASN A 64 -2.44 12.99 5.52
N VAL A 65 -2.36 11.93 4.73
CA VAL A 65 -2.05 10.61 5.26
C VAL A 65 -0.53 10.44 5.35
N GLN A 66 -0.11 9.67 6.34
CA GLN A 66 1.31 9.42 6.55
C GLN A 66 1.71 8.11 5.87
N VAL A 67 3.02 7.91 5.77
CA VAL A 67 3.56 6.71 5.16
C VAL A 67 4.43 5.97 6.17
N LEU A 68 4.48 4.65 6.00
CA LEU A 68 5.27 3.82 6.88
C LEU A 68 6.20 2.93 6.05
N ASN A 69 7.48 3.01 6.38
CA ASN A 69 8.48 2.22 5.66
C ASN A 69 8.39 0.76 6.11
N THR A 70 8.36 -0.13 5.13
CA THR A 70 8.28 -1.56 5.41
C THR A 70 8.88 -2.36 4.26
N ASN A 71 10.01 -2.98 4.55
CA ASN A 71 10.71 -3.78 3.56
C ASN A 71 10.18 -5.21 3.61
N LYS A 72 8.86 -5.32 3.61
CA LYS A 72 8.21 -6.63 3.66
C LYS A 72 6.81 -6.52 3.07
N THR A 73 6.12 -7.65 3.06
CA THR A 73 4.76 -7.69 2.52
C THR A 73 3.74 -7.54 3.65
N SER A 74 4.25 -7.25 4.84
CA SER A 74 3.39 -7.08 6.00
C SER A 74 3.76 -5.77 6.73
N ALA A 75 2.98 -5.49 7.76
CA ALA A 75 3.21 -4.28 8.55
C ALA A 75 2.46 -4.39 9.87
N GLU A 76 2.62 -3.36 10.69
CA GLU A 76 1.97 -3.33 11.99
C GLU A 76 1.68 -1.88 12.40
N LEU A 77 0.40 -1.62 12.65
CA LEU A 77 -0.02 -0.29 13.05
C LEU A 77 -0.65 -0.36 14.44
N VAL A 78 -1.11 0.79 14.90
CA VAL A 78 -1.74 0.88 16.21
C VAL A 78 -3.26 0.96 16.04
N LEU A 79 -3.96 0.50 17.06
CA LEU A 79 -5.42 0.52 17.03
C LEU A 79 -5.90 1.96 16.93
N PRO A 80 -6.99 2.16 16.14
CA PRO A 80 -7.56 3.48 15.95
C PRO A 80 -8.34 3.93 17.19
N ILE A 81 -8.64 5.21 17.23
CA ILE A 81 -9.38 5.77 18.35
C ILE A 81 -10.80 6.11 17.89
N LYS A 82 -10.89 7.06 16.97
CA LYS A 82 -12.18 7.47 16.45
C LYS A 82 -12.12 7.53 14.92
N GLU A 83 -13.29 7.49 14.31
CA GLU A 83 -13.38 7.52 12.86
C GLU A 83 -12.67 6.31 12.25
N ASP A 84 -13.27 5.78 11.20
CA ASP A 84 -12.71 4.63 10.52
C ASP A 84 -11.25 4.92 10.14
N TYR A 85 -10.56 3.87 9.72
CA TYR A 85 -9.17 4.01 9.32
C TYR A 85 -8.97 3.57 7.87
N ILE A 86 -8.45 4.48 7.07
CA ILE A 86 -8.20 4.20 5.67
C ILE A 86 -6.71 3.90 5.48
N ILE A 87 -6.44 2.65 5.14
CA ILE A 87 -5.08 2.21 4.92
C ILE A 87 -4.86 1.95 3.42
N GLU A 88 -3.70 2.40 2.94
CA GLU A 88 -3.36 2.22 1.54
C GLU A 88 -1.94 1.69 1.40
N VAL A 89 -1.82 0.60 0.65
CA VAL A 89 -0.52 -0.02 0.44
C VAL A 89 -0.06 0.25 -0.99
N LYS A 90 1.23 0.50 -1.13
CA LYS A 90 1.81 0.77 -2.44
C LYS A 90 3.28 0.38 -2.43
N ALA A 91 3.65 -0.42 -3.43
CA ALA A 91 5.03 -0.88 -3.55
C ALA A 91 5.93 0.32 -3.90
N THR A 92 7.19 0.19 -3.52
CA THR A 92 8.15 1.25 -3.79
C THR A 92 9.19 0.77 -4.82
N THR A 93 9.55 1.68 -5.71
CA THR A 93 10.52 1.37 -6.74
C THR A 93 11.58 2.47 -6.82
N ASP A 94 12.64 2.17 -7.57
CA ASP A 94 13.72 3.12 -7.74
C ASP A 94 13.23 4.32 -8.55
N GLY A 95 12.11 4.11 -9.23
CA GLY A 95 11.52 5.16 -10.04
C GLY A 95 10.62 6.07 -9.20
N GLY A 96 9.90 5.46 -8.28
CA GLY A 96 9.01 6.21 -7.40
C GLY A 96 7.86 5.32 -6.92
N ASP A 97 7.10 5.86 -5.97
CA ASP A 97 5.97 5.13 -5.42
C ASP A 97 5.22 4.42 -6.55
N GLY A 98 4.59 3.32 -6.19
CA GLY A 98 3.84 2.54 -7.16
C GLY A 98 2.35 2.88 -7.11
N THR A 99 1.53 1.84 -7.07
CA THR A 99 0.09 2.03 -7.02
C THR A 99 -0.43 1.82 -5.60
N SER A 100 -1.56 2.45 -5.31
CA SER A 100 -2.17 2.35 -3.99
C SER A 100 -3.32 1.35 -4.03
N SER A 101 -3.09 0.21 -3.38
CA SER A 101 -4.10 -0.83 -3.33
C SER A 101 -5.43 -0.25 -2.83
N GLU A 102 -6.43 -1.12 -2.77
CA GLU A 102 -7.75 -0.71 -2.32
C GLU A 102 -7.70 -0.29 -0.85
N GLN A 103 -8.09 0.95 -0.61
CA GLN A 103 -8.09 1.48 0.74
C GLN A 103 -8.77 0.51 1.70
N ILE A 104 -8.16 0.34 2.86
CA ILE A 104 -8.69 -0.56 3.87
C ILE A 104 -9.68 0.20 4.76
N ARG A 105 -10.53 -0.56 5.43
CA ARG A 105 -11.54 0.03 6.31
C ARG A 105 -11.46 -0.62 7.69
N ILE A 106 -10.86 0.10 8.62
CA ILE A 106 -10.72 -0.39 9.98
C ILE A 106 -11.43 0.57 10.94
N PRO A 107 -12.69 0.19 11.29
CA PRO A 107 -13.49 1.01 12.20
C PRO A 107 -12.99 0.87 13.64
N ARG A 108 -13.70 1.55 14.54
CA ARG A 108 -13.33 1.52 15.95
C ARG A 108 -13.32 0.07 16.45
N ILE A 109 -12.30 -0.23 17.25
CA ILE A 109 -12.16 -1.57 17.81
C ILE A 109 -13.31 -1.83 18.79
N THR A 110 -13.76 -3.08 18.80
CA THR A 110 -14.85 -3.48 19.68
C THR A 110 -14.45 -3.29 21.14
N SER A 111 -15.39 -2.79 21.92
CA SER A 111 -15.16 -2.55 23.34
C SER A 111 -16.49 -2.31 24.05
N SER A 112 -17.23 -3.39 24.24
CA SER A 112 -18.52 -3.31 24.91
C SER A 112 -18.35 -3.58 26.40
N GLY A 113 -17.60 -4.63 26.71
CA GLY A 113 -17.34 -4.99 28.09
C GLY A 113 -15.93 -5.54 28.26
N PRO A 114 -14.94 -4.60 28.20
CA PRO A 114 -13.55 -4.98 28.35
C PRO A 114 -13.22 -5.28 29.82
N SER A 115 -13.76 -4.46 30.70
CA SER A 115 -13.54 -4.64 32.13
C SER A 115 -12.04 -4.76 32.41
N SER A 116 -11.41 -3.62 32.62
CA SER A 116 -9.98 -3.59 32.90
C SER A 116 -9.57 -2.18 33.35
N GLY A 117 -9.59 -1.99 34.66
CA GLY A 117 -9.23 -0.71 35.23
C GLY A 117 -7.86 -0.26 34.73
N GLY A 1 -12.11 13.34 -48.19
CA GLY A 1 -11.18 12.58 -49.02
C GLY A 1 -10.58 11.41 -48.26
N SER A 2 -9.30 11.17 -48.51
CA SER A 2 -8.61 10.07 -47.86
C SER A 2 -7.16 10.47 -47.58
N SER A 3 -6.48 9.62 -46.81
CA SER A 3 -5.09 9.88 -46.46
C SER A 3 -4.48 8.63 -45.81
N GLY A 4 -3.18 8.69 -45.60
CA GLY A 4 -2.46 7.59 -44.99
C GLY A 4 -2.11 7.89 -43.54
N SER A 5 -1.00 7.33 -43.10
CA SER A 5 -0.54 7.54 -41.74
C SER A 5 0.85 6.94 -41.56
N SER A 6 1.45 7.24 -40.40
CA SER A 6 2.78 6.74 -40.10
C SER A 6 3.10 6.95 -38.62
N GLY A 7 4.21 6.38 -38.20
CA GLY A 7 4.63 6.49 -36.80
C GLY A 7 6.15 6.55 -36.70
N THR A 8 6.63 6.63 -35.46
CA THR A 8 8.05 6.70 -35.21
C THR A 8 8.37 6.18 -33.81
N VAL A 9 9.57 5.64 -33.67
CA VAL A 9 10.01 5.11 -32.38
C VAL A 9 10.39 6.27 -31.46
N ASN A 10 10.86 5.90 -30.28
CA ASN A 10 11.27 6.90 -29.30
C ASN A 10 12.28 6.29 -28.34
N VAL A 11 12.62 7.04 -27.30
CA VAL A 11 13.57 6.58 -26.31
C VAL A 11 12.93 6.67 -24.92
N THR A 12 13.66 6.16 -23.94
CA THR A 12 13.19 6.17 -22.57
C THR A 12 14.30 5.75 -21.60
N THR A 13 14.79 6.73 -20.86
CA THR A 13 15.85 6.48 -19.90
C THR A 13 15.27 6.28 -18.49
N LYS A 14 16.03 5.57 -17.67
CA LYS A 14 15.60 5.31 -16.31
C LYS A 14 14.38 4.39 -16.32
N LYS A 15 14.38 3.44 -15.40
CA LYS A 15 13.29 2.49 -15.30
C LYS A 15 12.08 3.18 -14.66
N THR A 16 11.03 2.39 -14.45
CA THR A 16 9.82 2.91 -13.84
C THR A 16 9.17 1.85 -12.95
N PRO A 17 8.33 2.32 -11.99
CA PRO A 17 7.65 1.44 -11.08
C PRO A 17 6.49 0.72 -11.78
N PRO A 18 6.19 -0.52 -11.29
CA PRO A 18 5.12 -1.31 -11.84
C PRO A 18 3.76 -0.77 -11.42
N SER A 19 2.82 -0.81 -12.35
CA SER A 19 1.48 -0.33 -12.09
C SER A 19 0.61 -1.46 -11.54
N GLN A 20 1.24 -2.34 -10.77
CA GLN A 20 0.55 -3.46 -10.18
C GLN A 20 0.53 -3.33 -8.65
N PRO A 21 -0.69 -3.06 -8.12
CA PRO A 21 -0.87 -2.91 -6.69
C PRO A 21 -0.83 -4.27 -5.99
N PRO A 22 -0.51 -4.23 -4.67
CA PRO A 22 -0.44 -5.44 -3.87
C PRO A 22 -1.84 -5.97 -3.55
N GLY A 23 -2.04 -7.25 -3.85
CA GLY A 23 -3.33 -7.88 -3.60
C GLY A 23 -3.31 -8.64 -2.26
N ASN A 24 -4.44 -9.25 -1.96
CA ASN A 24 -4.57 -10.01 -0.73
C ASN A 24 -4.28 -9.11 0.46
N VAL A 25 -4.49 -7.82 0.25
CA VAL A 25 -4.26 -6.84 1.30
C VAL A 25 -5.28 -7.05 2.42
N VAL A 26 -4.87 -7.85 3.39
CA VAL A 26 -5.72 -8.14 4.53
C VAL A 26 -5.17 -7.46 5.78
N TRP A 27 -6.05 -7.20 6.72
CA TRP A 27 -5.66 -6.54 7.96
C TRP A 27 -6.14 -7.42 9.12
N ASN A 28 -5.83 -6.98 10.33
CA ASN A 28 -6.21 -7.71 11.52
C ASN A 28 -5.94 -6.83 12.76
N ALA A 29 -6.48 -7.29 13.89
CA ALA A 29 -6.31 -6.56 15.13
C ALA A 29 -6.01 -7.56 16.26
N THR A 30 -4.82 -7.41 16.83
CA THR A 30 -4.40 -8.29 17.91
C THR A 30 -3.87 -7.47 19.09
N ASP A 31 -3.77 -8.13 20.23
CA ASP A 31 -3.29 -7.47 21.43
C ASP A 31 -3.90 -6.08 21.53
N THR A 32 -3.15 -5.10 21.02
CA THR A 32 -3.61 -3.72 21.04
C THR A 32 -2.99 -2.95 19.86
N LYS A 33 -3.00 -3.58 18.70
CA LYS A 33 -2.45 -2.97 17.51
C LYS A 33 -3.17 -3.53 16.28
N VAL A 34 -2.74 -3.07 15.11
CA VAL A 34 -3.32 -3.52 13.87
C VAL A 34 -2.25 -4.23 13.02
N LEU A 35 -2.64 -5.39 12.49
CA LEU A 35 -1.72 -6.17 11.68
C LEU A 35 -2.16 -6.10 10.21
N LEU A 36 -1.20 -5.85 9.35
CA LEU A 36 -1.48 -5.76 7.93
C LEU A 36 -0.72 -6.87 7.19
N ASN A 37 -1.31 -7.31 6.09
CA ASN A 37 -0.71 -8.36 5.29
C ASN A 37 -1.23 -8.27 3.86
N TRP A 38 -0.31 -8.13 2.92
CA TRP A 38 -0.66 -8.03 1.52
C TRP A 38 0.37 -8.83 0.72
N GLU A 39 -0.07 -9.30 -0.45
CA GLU A 39 0.79 -10.07 -1.32
C GLU A 39 2.00 -9.24 -1.74
N GLN A 40 2.74 -9.77 -2.71
CA GLN A 40 3.92 -9.09 -3.21
C GLN A 40 3.71 -8.66 -4.66
N VAL A 41 4.32 -7.54 -5.01
CA VAL A 41 4.19 -7.01 -6.36
C VAL A 41 5.49 -7.30 -7.12
N LYS A 42 5.36 -8.14 -8.13
CA LYS A 42 6.51 -8.51 -8.96
C LYS A 42 6.37 -7.87 -10.33
N ALA A 43 7.27 -6.94 -10.61
CA ALA A 43 7.26 -6.25 -11.88
C ALA A 43 7.70 -7.21 -12.98
N MET A 44 7.25 -6.92 -14.20
CA MET A 44 7.59 -7.74 -15.34
C MET A 44 9.04 -7.55 -15.75
N GLU A 45 9.39 -8.11 -16.91
CA GLU A 45 10.74 -8.00 -17.42
C GLU A 45 10.92 -6.69 -18.18
N ASN A 46 10.03 -5.75 -17.91
CA ASN A 46 10.07 -4.46 -18.57
C ASN A 46 9.69 -3.37 -17.57
N GLU A 47 10.01 -3.63 -16.31
CA GLU A 47 9.70 -2.68 -15.25
C GLU A 47 10.71 -2.84 -14.10
N SER A 48 10.44 -2.10 -13.03
CA SER A 48 11.31 -2.14 -11.86
C SER A 48 10.65 -2.96 -10.76
N GLU A 49 11.43 -3.86 -10.19
CA GLU A 49 10.94 -4.72 -9.12
C GLU A 49 10.67 -3.89 -7.87
N VAL A 50 9.88 -4.46 -6.97
CA VAL A 50 9.54 -3.79 -5.73
C VAL A 50 10.55 -4.17 -4.65
N THR A 51 11.12 -3.15 -4.03
CA THR A 51 12.11 -3.35 -3.00
C THR A 51 11.52 -2.99 -1.63
N GLY A 52 10.36 -2.37 -1.67
CA GLY A 52 9.68 -1.96 -0.45
C GLY A 52 8.24 -1.54 -0.73
N TYR A 53 7.65 -0.90 0.26
CA TYR A 53 6.27 -0.43 0.14
C TYR A 53 5.98 0.72 1.11
N LYS A 54 4.88 1.40 0.86
CA LYS A 54 4.48 2.51 1.69
C LYS A 54 3.06 2.27 2.21
N VAL A 55 2.96 2.17 3.53
CA VAL A 55 1.67 1.94 4.16
C VAL A 55 1.03 3.29 4.50
N PHE A 56 0.10 3.69 3.63
CA PHE A 56 -0.59 4.96 3.82
C PHE A 56 -1.82 4.78 4.72
N TYR A 57 -1.66 5.16 5.97
CA TYR A 57 -2.75 5.03 6.93
C TYR A 57 -3.29 6.42 7.32
N ARG A 58 -4.60 6.51 7.36
CA ARG A 58 -5.25 7.77 7.72
C ARG A 58 -6.67 7.50 8.24
N THR A 59 -6.98 8.14 9.35
CA THR A 59 -8.29 7.99 9.95
C THR A 59 -9.38 8.40 8.97
N SER A 60 -10.61 8.03 9.31
CA SER A 60 -11.75 8.35 8.46
C SER A 60 -11.88 9.87 8.32
N SER A 61 -11.26 10.39 7.27
CA SER A 61 -11.29 11.83 7.02
C SER A 61 -10.32 12.55 7.94
N GLN A 62 -9.09 12.69 7.45
CA GLN A 62 -8.06 13.36 8.21
C GLN A 62 -7.45 14.51 7.40
N ASN A 63 -6.28 14.95 7.84
CA ASN A 63 -5.60 16.04 7.16
C ASN A 63 -4.74 15.48 6.04
N ASN A 64 -3.58 14.96 6.41
CA ASN A 64 -2.67 14.38 5.44
C ASN A 64 -2.24 12.99 5.90
N VAL A 65 -2.54 12.00 5.07
CA VAL A 65 -2.20 10.62 5.40
C VAL A 65 -0.69 10.52 5.61
N GLN A 66 -0.30 9.56 6.44
CA GLN A 66 1.10 9.34 6.75
C GLN A 66 1.64 8.17 5.93
N VAL A 67 2.95 8.02 5.98
CA VAL A 67 3.62 6.95 5.24
C VAL A 67 4.50 6.15 6.20
N LEU A 68 4.44 4.83 6.05
CA LEU A 68 5.23 3.95 6.90
C LEU A 68 6.13 3.08 6.01
N ASN A 69 7.42 3.11 6.35
CA ASN A 69 8.39 2.33 5.60
C ASN A 69 8.33 0.87 6.05
N THR A 70 8.23 -0.02 5.08
CA THR A 70 8.17 -1.45 5.36
C THR A 70 8.84 -2.24 4.25
N ASN A 71 9.94 -2.89 4.61
CA ASN A 71 10.69 -3.69 3.65
C ASN A 71 10.14 -5.12 3.66
N LYS A 72 8.83 -5.22 3.69
CA LYS A 72 8.17 -6.51 3.70
C LYS A 72 6.81 -6.40 3.03
N THR A 73 6.07 -7.51 3.05
CA THR A 73 4.75 -7.54 2.45
C THR A 73 3.68 -7.39 3.53
N SER A 74 4.13 -7.14 4.74
CA SER A 74 3.22 -6.98 5.87
C SER A 74 3.51 -5.67 6.60
N ALA A 75 2.75 -5.43 7.65
CA ALA A 75 2.91 -4.22 8.44
C ALA A 75 2.07 -4.33 9.72
N GLU A 76 2.27 -3.35 10.59
CA GLU A 76 1.55 -3.34 11.86
C GLU A 76 1.32 -1.89 12.30
N LEU A 77 0.05 -1.54 12.45
CA LEU A 77 -0.32 -0.20 12.87
C LEU A 77 -0.88 -0.26 14.29
N VAL A 78 -1.29 0.90 14.78
CA VAL A 78 -1.85 1.00 16.12
C VAL A 78 -3.35 0.71 16.07
N LEU A 79 -4.01 1.01 17.18
CA LEU A 79 -5.45 0.79 17.27
C LEU A 79 -6.18 2.09 16.96
N PRO A 80 -7.34 1.95 16.26
CA PRO A 80 -8.13 3.11 15.89
C PRO A 80 -8.89 3.65 17.10
N ILE A 81 -8.79 4.96 17.28
CA ILE A 81 -9.47 5.62 18.39
C ILE A 81 -10.98 5.60 18.15
N LYS A 82 -11.40 6.37 17.16
CA LYS A 82 -12.81 6.45 16.81
C LYS A 82 -12.98 6.29 15.30
N GLU A 83 -12.96 7.42 14.62
CA GLU A 83 -13.11 7.41 13.17
C GLU A 83 -12.39 6.21 12.57
N ASP A 84 -13.01 5.63 11.55
CA ASP A 84 -12.44 4.48 10.88
C ASP A 84 -10.99 4.77 10.50
N TYR A 85 -10.36 3.79 9.88
CA TYR A 85 -8.97 3.93 9.46
C TYR A 85 -8.80 3.51 8.00
N ILE A 86 -8.31 4.46 7.20
CA ILE A 86 -8.09 4.20 5.78
C ILE A 86 -6.61 3.90 5.55
N ILE A 87 -6.33 2.65 5.23
CA ILE A 87 -4.97 2.22 4.99
C ILE A 87 -4.76 1.99 3.49
N GLU A 88 -3.57 2.31 3.02
CA GLU A 88 -3.24 2.15 1.62
C GLU A 88 -1.83 1.59 1.46
N VAL A 89 -1.75 0.44 0.79
CA VAL A 89 -0.47 -0.20 0.57
C VAL A 89 0.11 0.28 -0.77
N LYS A 90 1.35 0.72 -0.71
CA LYS A 90 2.02 1.21 -1.90
C LYS A 90 3.36 0.47 -2.06
N ALA A 91 3.79 0.36 -3.31
CA ALA A 91 5.05 -0.31 -3.61
C ALA A 91 6.10 0.73 -3.99
N THR A 92 7.34 0.41 -3.65
CA THR A 92 8.45 1.31 -3.94
C THR A 92 9.49 0.60 -4.79
N THR A 93 10.09 1.36 -5.70
CA THR A 93 11.11 0.81 -6.58
C THR A 93 12.26 1.80 -6.74
N ASP A 94 13.13 1.50 -7.70
CA ASP A 94 14.28 2.35 -7.96
C ASP A 94 13.80 3.67 -8.58
N GLY A 95 12.56 3.66 -9.01
CA GLY A 95 11.97 4.84 -9.62
C GLY A 95 11.22 5.69 -8.59
N GLY A 96 10.81 5.03 -7.51
CA GLY A 96 10.09 5.70 -6.45
C GLY A 96 8.92 4.84 -5.95
N ASP A 97 7.81 5.51 -5.69
CA ASP A 97 6.62 4.82 -5.21
C ASP A 97 5.94 4.11 -6.39
N GLY A 98 4.80 3.50 -6.08
CA GLY A 98 4.05 2.79 -7.10
C GLY A 98 2.55 3.08 -6.98
N THR A 99 1.76 2.02 -7.11
CA THR A 99 0.31 2.14 -7.02
C THR A 99 -0.15 1.80 -5.60
N SER A 100 -1.31 2.34 -5.25
CA SER A 100 -1.88 2.10 -3.94
C SER A 100 -3.04 1.10 -4.05
N SER A 101 -2.99 0.10 -3.17
CA SER A 101 -4.02 -0.92 -3.16
C SER A 101 -5.36 -0.33 -2.69
N GLU A 102 -6.37 -1.17 -2.67
CA GLU A 102 -7.70 -0.74 -2.27
C GLU A 102 -7.66 -0.27 -0.80
N GLN A 103 -8.13 0.95 -0.60
CA GLN A 103 -8.16 1.53 0.74
C GLN A 103 -8.85 0.56 1.71
N ILE A 104 -8.20 0.37 2.86
CA ILE A 104 -8.73 -0.53 3.87
C ILE A 104 -9.68 0.26 4.78
N ARG A 105 -10.54 -0.49 5.48
CA ARG A 105 -11.49 0.12 6.39
C ARG A 105 -11.49 -0.61 7.73
N ILE A 106 -10.88 0.03 8.71
CA ILE A 106 -10.79 -0.55 10.04
C ILE A 106 -11.56 0.34 11.02
N PRO A 107 -12.76 -0.15 11.43
CA PRO A 107 -13.60 0.58 12.35
C PRO A 107 -13.05 0.50 13.77
N ARG A 108 -13.43 1.47 14.59
CA ARG A 108 -12.98 1.51 15.98
C ARG A 108 -13.20 0.16 16.64
N ILE A 109 -12.81 0.08 17.91
CA ILE A 109 -12.94 -1.14 18.67
C ILE A 109 -14.43 -1.40 18.94
N THR A 110 -14.83 -2.65 18.76
CA THR A 110 -16.20 -3.05 18.98
C THR A 110 -16.66 -2.66 20.39
N SER A 111 -17.96 -2.54 20.55
CA SER A 111 -18.53 -2.18 21.84
C SER A 111 -18.41 -3.35 22.82
N SER A 112 -18.95 -4.50 22.38
CA SER A 112 -18.91 -5.68 23.20
C SER A 112 -19.17 -5.33 24.67
N GLY A 113 -20.46 -5.30 25.01
CA GLY A 113 -20.86 -4.97 26.37
C GLY A 113 -21.90 -5.97 26.89
N PRO A 114 -22.64 -5.53 27.93
CA PRO A 114 -23.67 -6.37 28.53
C PRO A 114 -24.91 -6.43 27.64
N SER A 115 -25.90 -7.17 28.12
CA SER A 115 -27.14 -7.32 27.37
C SER A 115 -28.24 -7.85 28.29
N SER A 116 -29.47 -7.77 27.80
CA SER A 116 -30.62 -8.24 28.56
C SER A 116 -30.78 -7.40 29.83
N GLY A 117 -31.98 -6.85 29.99
CA GLY A 117 -32.28 -6.02 31.14
C GLY A 117 -32.63 -4.60 30.71
N GLY A 1 15.21 15.96 -44.90
CA GLY A 1 14.52 14.76 -45.34
C GLY A 1 13.05 14.80 -44.93
N SER A 2 12.38 13.67 -45.15
CA SER A 2 10.97 13.56 -44.82
C SER A 2 10.72 12.25 -44.07
N SER A 3 9.53 12.15 -43.50
CA SER A 3 9.14 10.96 -42.77
C SER A 3 7.89 10.33 -43.40
N GLY A 4 7.58 9.13 -42.95
CA GLY A 4 6.42 8.41 -43.45
C GLY A 4 6.73 6.92 -43.63
N SER A 5 6.84 6.24 -42.50
CA SER A 5 7.14 4.82 -42.53
C SER A 5 6.73 4.17 -41.20
N SER A 6 7.18 2.95 -41.00
CA SER A 6 6.87 2.21 -39.78
C SER A 6 8.10 1.43 -39.31
N GLY A 7 8.69 1.92 -38.24
CA GLY A 7 9.87 1.27 -37.68
C GLY A 7 9.74 1.11 -36.17
N THR A 8 10.84 1.36 -35.47
CA THR A 8 10.86 1.25 -34.02
C THR A 8 12.15 1.84 -33.46
N VAL A 9 12.05 2.30 -32.22
CA VAL A 9 13.20 2.90 -31.56
C VAL A 9 13.42 2.20 -30.21
N ASN A 10 14.48 2.61 -29.53
CA ASN A 10 14.81 2.03 -28.24
C ASN A 10 15.72 3.00 -27.47
N VAL A 11 15.26 3.40 -26.29
CA VAL A 11 16.02 4.32 -25.46
C VAL A 11 16.02 3.80 -24.02
N THR A 12 17.11 4.10 -23.32
CA THR A 12 17.25 3.67 -21.95
C THR A 12 17.40 4.88 -21.03
N THR A 13 16.29 5.26 -20.40
CA THR A 13 16.29 6.39 -19.50
C THR A 13 15.62 6.02 -18.18
N LYS A 14 16.43 5.53 -17.26
CA LYS A 14 15.93 5.14 -15.95
C LYS A 14 14.87 4.06 -16.12
N LYS A 15 14.26 3.68 -15.00
CA LYS A 15 13.22 2.65 -15.02
C LYS A 15 11.91 3.26 -14.53
N THR A 16 10.94 2.39 -14.31
CA THR A 16 9.63 2.82 -13.84
C THR A 16 9.01 1.76 -12.93
N PRO A 17 8.12 2.23 -12.03
CA PRO A 17 7.45 1.33 -11.10
C PRO A 17 6.36 0.52 -11.81
N PRO A 18 6.03 -0.65 -11.21
CA PRO A 18 5.01 -1.52 -11.77
C PRO A 18 3.61 -0.96 -11.52
N SER A 19 2.75 -1.13 -12.51
CA SER A 19 1.38 -0.66 -12.41
C SER A 19 0.49 -1.74 -11.79
N GLN A 20 1.11 -2.57 -10.97
CA GLN A 20 0.39 -3.65 -10.31
C GLN A 20 0.45 -3.47 -8.79
N PRO A 21 -0.74 -3.13 -8.21
CA PRO A 21 -0.83 -2.92 -6.77
C PRO A 21 -0.80 -4.26 -6.03
N PRO A 22 -0.52 -4.17 -4.70
CA PRO A 22 -0.45 -5.35 -3.86
C PRO A 22 -1.86 -5.87 -3.55
N GLY A 23 -2.07 -7.14 -3.89
CA GLY A 23 -3.36 -7.77 -3.65
C GLY A 23 -3.38 -8.48 -2.30
N ASN A 24 -4.46 -9.19 -2.05
CA ASN A 24 -4.63 -9.92 -0.80
C ASN A 24 -4.34 -8.97 0.37
N VAL A 25 -4.64 -7.69 0.15
CA VAL A 25 -4.42 -6.69 1.17
C VAL A 25 -5.39 -6.92 2.32
N VAL A 26 -4.94 -7.69 3.30
CA VAL A 26 -5.76 -8.00 4.46
C VAL A 26 -5.23 -7.21 5.67
N TRP A 27 -5.85 -7.46 6.80
CA TRP A 27 -5.47 -6.78 8.04
C TRP A 27 -5.96 -7.63 9.21
N ASN A 28 -5.65 -7.15 10.41
CA ASN A 28 -6.05 -7.85 11.62
C ASN A 28 -5.93 -6.90 12.81
N ALA A 29 -6.64 -7.25 13.88
CA ALA A 29 -6.62 -6.45 15.09
C ALA A 29 -6.55 -7.36 16.30
N THR A 30 -5.50 -7.17 17.09
CA THR A 30 -5.29 -7.97 18.28
C THR A 30 -4.64 -7.12 19.38
N ASP A 31 -4.74 -7.63 20.60
CA ASP A 31 -4.17 -6.94 21.76
C ASP A 31 -4.39 -5.43 21.60
N THR A 32 -3.39 -4.78 21.02
CA THR A 32 -3.47 -3.34 20.80
C THR A 32 -2.61 -2.94 19.60
N LYS A 33 -2.79 -3.66 18.51
CA LYS A 33 -2.05 -3.38 17.30
C LYS A 33 -2.88 -3.78 16.08
N VAL A 34 -2.33 -3.53 14.90
CA VAL A 34 -3.00 -3.86 13.66
C VAL A 34 -2.02 -4.55 12.72
N LEU A 35 -2.17 -5.86 12.60
CA LEU A 35 -1.30 -6.64 11.74
C LEU A 35 -1.81 -6.55 10.30
N LEU A 36 -0.95 -6.03 9.43
CA LEU A 36 -1.30 -5.89 8.04
C LEU A 36 -0.59 -6.97 7.23
N ASN A 37 -1.24 -7.36 6.13
CA ASN A 37 -0.68 -8.39 5.26
C ASN A 37 -1.24 -8.22 3.85
N TRP A 38 -0.33 -8.18 2.89
CA TRP A 38 -0.72 -8.01 1.50
C TRP A 38 0.29 -8.78 0.63
N GLU A 39 -0.20 -9.24 -0.51
CA GLU A 39 0.64 -10.00 -1.43
C GLU A 39 1.83 -9.15 -1.88
N GLN A 40 2.63 -9.73 -2.76
CA GLN A 40 3.79 -9.02 -3.29
C GLN A 40 3.53 -8.56 -4.72
N VAL A 41 4.37 -7.64 -5.17
CA VAL A 41 4.24 -7.10 -6.51
C VAL A 41 5.53 -7.36 -7.28
N LYS A 42 5.39 -8.04 -8.42
CA LYS A 42 6.52 -8.37 -9.25
C LYS A 42 6.41 -7.60 -10.57
N ALA A 43 7.38 -6.73 -10.81
CA ALA A 43 7.40 -5.94 -12.03
C ALA A 43 7.86 -6.82 -13.19
N MET A 44 7.22 -6.62 -14.33
CA MET A 44 7.55 -7.38 -15.52
C MET A 44 8.70 -6.73 -16.29
N GLU A 45 8.93 -7.25 -17.49
CA GLU A 45 9.99 -6.73 -18.34
C GLU A 45 9.94 -5.19 -18.36
N ASN A 46 11.11 -4.60 -18.10
CA ASN A 46 11.21 -3.15 -18.10
C ASN A 46 10.83 -2.63 -16.72
N GLU A 47 9.64 -3.04 -16.26
CA GLU A 47 9.14 -2.62 -14.97
C GLU A 47 10.19 -2.88 -13.89
N SER A 48 10.27 -1.95 -12.95
CA SER A 48 11.23 -2.07 -11.85
C SER A 48 10.64 -2.94 -10.74
N GLU A 49 11.51 -3.77 -10.17
CA GLU A 49 11.09 -4.66 -9.10
C GLU A 49 10.76 -3.86 -7.84
N VAL A 50 10.02 -4.50 -6.94
CA VAL A 50 9.64 -3.86 -5.70
C VAL A 50 10.69 -4.16 -4.63
N THR A 51 11.21 -3.10 -4.04
CA THR A 51 12.22 -3.24 -3.00
C THR A 51 11.62 -2.90 -1.63
N GLY A 52 10.41 -2.36 -1.66
CA GLY A 52 9.72 -2.00 -0.44
C GLY A 52 8.29 -1.53 -0.73
N TYR A 53 7.61 -1.12 0.32
CA TYR A 53 6.25 -0.64 0.20
C TYR A 53 5.96 0.47 1.21
N LYS A 54 4.92 1.25 0.90
CA LYS A 54 4.53 2.35 1.77
C LYS A 54 3.11 2.10 2.28
N VAL A 55 3.00 2.06 3.60
CA VAL A 55 1.72 1.84 4.24
C VAL A 55 1.06 3.17 4.56
N PHE A 56 0.12 3.56 3.70
CA PHE A 56 -0.57 4.82 3.89
C PHE A 56 -1.81 4.64 4.78
N TYR A 57 -1.66 5.02 6.04
CA TYR A 57 -2.76 4.91 6.99
C TYR A 57 -3.27 6.28 7.40
N ARG A 58 -4.60 6.39 7.43
CA ARG A 58 -5.23 7.64 7.81
C ARG A 58 -6.65 7.39 8.32
N THR A 59 -7.01 8.15 9.35
CA THR A 59 -8.33 8.00 9.95
C THR A 59 -9.42 8.28 8.90
N SER A 60 -10.66 8.02 9.30
CA SER A 60 -11.78 8.24 8.41
C SER A 60 -11.85 9.70 7.98
N SER A 61 -11.32 10.56 8.83
CA SER A 61 -11.30 11.98 8.56
C SER A 61 -10.08 12.63 9.20
N GLN A 62 -9.06 12.84 8.37
CA GLN A 62 -7.83 13.45 8.84
C GLN A 62 -7.38 14.55 7.87
N ASN A 63 -6.13 14.97 8.04
CA ASN A 63 -5.58 16.01 7.20
C ASN A 63 -4.78 15.37 6.06
N ASN A 64 -3.57 14.94 6.41
CA ASN A 64 -2.71 14.30 5.43
C ASN A 64 -2.29 12.92 5.94
N VAL A 65 -2.55 11.92 5.10
CA VAL A 65 -2.21 10.55 5.45
C VAL A 65 -0.71 10.45 5.71
N GLN A 66 -0.34 9.47 6.51
CA GLN A 66 1.06 9.25 6.84
C GLN A 66 1.63 8.12 5.99
N VAL A 67 2.92 7.87 6.19
CA VAL A 67 3.60 6.82 5.45
C VAL A 67 4.49 6.02 6.40
N LEU A 68 4.61 4.73 6.09
CA LEU A 68 5.41 3.85 6.92
C LEU A 68 6.32 3.00 6.01
N ASN A 69 7.61 3.09 6.27
CA ASN A 69 8.58 2.34 5.49
C ASN A 69 8.58 0.88 5.94
N THR A 70 8.33 0.00 4.98
CA THR A 70 8.30 -1.43 5.27
C THR A 70 9.01 -2.21 4.16
N ASN A 71 10.02 -2.97 4.56
CA ASN A 71 10.77 -3.76 3.62
C ASN A 71 10.17 -5.18 3.55
N LYS A 72 8.89 -5.25 3.88
CA LYS A 72 8.20 -6.53 3.86
C LYS A 72 6.84 -6.34 3.17
N THR A 73 6.06 -7.42 3.18
CA THR A 73 4.75 -7.39 2.55
C THR A 73 3.66 -7.18 3.62
N SER A 74 4.11 -6.91 4.82
CA SER A 74 3.20 -6.69 5.94
C SER A 74 3.56 -5.39 6.66
N ALA A 75 2.86 -5.15 7.76
CA ALA A 75 3.10 -3.96 8.55
C ALA A 75 2.32 -4.05 9.87
N GLU A 76 2.54 -3.07 10.73
CA GLU A 76 1.87 -3.04 12.01
C GLU A 76 1.56 -1.59 12.42
N LEU A 77 0.27 -1.30 12.51
CA LEU A 77 -0.17 0.02 12.88
C LEU A 77 -0.76 -0.01 14.30
N VAL A 78 -1.22 1.14 14.74
CA VAL A 78 -1.80 1.26 16.07
C VAL A 78 -3.32 1.07 15.98
N LEU A 79 -3.90 0.69 17.11
CA LEU A 79 -5.35 0.49 17.17
C LEU A 79 -6.06 1.81 16.96
N PRO A 80 -7.20 1.75 16.22
CA PRO A 80 -7.99 2.95 15.94
C PRO A 80 -8.77 3.38 17.18
N ILE A 81 -8.63 4.66 17.50
CA ILE A 81 -9.31 5.22 18.66
C ILE A 81 -10.71 5.70 18.23
N LYS A 82 -10.71 6.66 17.32
CA LYS A 82 -11.96 7.21 16.83
C LYS A 82 -11.91 7.29 15.30
N GLU A 83 -13.09 7.17 14.69
CA GLU A 83 -13.19 7.22 13.25
C GLU A 83 -12.47 6.02 12.62
N ASP A 84 -13.07 5.51 11.55
CA ASP A 84 -12.49 4.38 10.85
C ASP A 84 -11.05 4.68 10.47
N TYR A 85 -10.39 3.67 9.91
CA TYR A 85 -9.01 3.83 9.49
C TYR A 85 -8.81 3.39 8.05
N ILE A 86 -8.33 4.31 7.23
CA ILE A 86 -8.09 4.03 5.83
C ILE A 86 -6.61 3.71 5.62
N ILE A 87 -6.34 2.48 5.23
CA ILE A 87 -4.99 2.04 4.99
C ILE A 87 -4.78 1.79 3.49
N GLU A 88 -3.65 2.26 2.99
CA GLU A 88 -3.33 2.10 1.58
C GLU A 88 -1.91 1.56 1.43
N VAL A 89 -1.82 0.43 0.73
CA VAL A 89 -0.53 -0.20 0.51
C VAL A 89 0.03 0.28 -0.84
N LYS A 90 1.33 0.54 -0.84
CA LYS A 90 2.00 1.00 -2.04
C LYS A 90 3.36 0.33 -2.16
N ALA A 91 3.76 0.08 -3.40
CA ALA A 91 5.04 -0.56 -3.65
C ALA A 91 6.08 0.50 -4.00
N THR A 92 7.30 0.26 -3.55
CA THR A 92 8.39 1.19 -3.80
C THR A 92 9.42 0.56 -4.75
N THR A 93 9.97 1.39 -5.62
CA THR A 93 10.96 0.92 -6.58
C THR A 93 12.09 1.94 -6.70
N ASP A 94 13.11 1.56 -7.45
CA ASP A 94 14.26 2.43 -7.65
C ASP A 94 13.83 3.65 -8.45
N GLY A 95 12.62 3.59 -8.98
CA GLY A 95 12.08 4.68 -9.77
C GLY A 95 11.25 5.62 -8.90
N GLY A 96 10.54 5.03 -7.94
CA GLY A 96 9.72 5.81 -7.04
C GLY A 96 8.66 4.92 -6.37
N ASP A 97 7.44 5.45 -6.31
CA ASP A 97 6.34 4.72 -5.70
C ASP A 97 5.61 3.92 -6.78
N GLY A 98 4.59 3.19 -6.35
CA GLY A 98 3.80 2.39 -7.27
C GLY A 98 2.31 2.74 -7.17
N THR A 99 1.49 1.71 -7.25
CA THR A 99 0.05 1.90 -7.18
C THR A 99 -0.45 1.60 -5.76
N SER A 100 -1.51 2.31 -5.37
CA SER A 100 -2.09 2.13 -4.05
C SER A 100 -3.27 1.16 -4.13
N SER A 101 -3.17 0.10 -3.34
CA SER A 101 -4.22 -0.91 -3.31
C SER A 101 -5.49 -0.33 -2.68
N GLU A 102 -6.59 -1.00 -2.92
CA GLU A 102 -7.87 -0.57 -2.39
C GLU A 102 -7.75 -0.25 -0.90
N GLN A 103 -8.04 1.00 -0.56
CA GLN A 103 -7.96 1.44 0.83
C GLN A 103 -8.70 0.45 1.73
N ILE A 104 -8.07 0.18 2.87
CA ILE A 104 -8.65 -0.74 3.83
C ILE A 104 -9.59 0.04 4.77
N ARG A 105 -10.60 -0.67 5.26
CA ARG A 105 -11.56 -0.07 6.16
C ARG A 105 -11.56 -0.79 7.50
N ILE A 106 -10.92 -0.16 8.48
CA ILE A 106 -10.85 -0.73 9.81
C ILE A 106 -11.64 0.14 10.78
N PRO A 107 -12.89 -0.32 11.07
CA PRO A 107 -13.76 0.40 11.98
C PRO A 107 -13.33 0.21 13.43
N ARG A 108 -13.72 1.15 14.27
CA ARG A 108 -13.37 1.11 15.68
C ARG A 108 -13.45 -0.34 16.19
N ILE A 109 -12.47 -0.70 17.00
CA ILE A 109 -12.39 -2.03 17.56
C ILE A 109 -13.48 -2.18 18.63
N THR A 110 -13.76 -3.44 18.97
CA THR A 110 -14.77 -3.72 19.97
C THR A 110 -14.12 -4.41 21.18
N SER A 111 -13.13 -5.24 20.90
CA SER A 111 -12.42 -5.95 21.95
C SER A 111 -11.53 -7.03 21.34
N SER A 112 -10.47 -6.58 20.69
CA SER A 112 -9.53 -7.49 20.05
C SER A 112 -10.27 -8.41 19.09
N GLY A 113 -10.77 -7.81 18.02
CA GLY A 113 -11.50 -8.55 17.00
C GLY A 113 -10.86 -9.92 16.76
N PRO A 114 -11.46 -10.96 17.41
CA PRO A 114 -10.95 -12.31 17.28
C PRO A 114 -11.32 -12.91 15.91
N SER A 115 -10.43 -12.69 14.95
CA SER A 115 -10.64 -13.19 13.61
C SER A 115 -9.49 -14.09 13.18
N SER A 116 -9.84 -15.28 12.71
CA SER A 116 -8.83 -16.23 12.28
C SER A 116 -7.73 -16.36 13.35
N GLY A 117 -8.04 -17.13 14.37
CA GLY A 117 -7.09 -17.35 15.45
C GLY A 117 -7.79 -17.89 16.71
#